data_3GZD
#
_entry.id   3GZD
#
_cell.length_a   66.640
_cell.length_b   72.200
_cell.length_c   89.430
_cell.angle_alpha   83.91
_cell.angle_beta   68.39
_cell.angle_gamma   86.96
#
_symmetry.space_group_name_H-M   'P 1'
#
loop_
_entity.id
_entity.type
_entity.pdbx_description
1 polymer 'Selenocysteine lyase'
2 polymer 'Selenocysteine lyase'
3 non-polymer '(5-HYDROXY-4,6-DIMETHYLPYRIDIN-3-YL)METHYL DIHYDROGEN PHOSPHATE'
4 non-polymer 'NITRATE ION'
5 water water
#
loop_
_entity_poly.entity_id
_entity_poly.type
_entity_poly.pdbx_seq_one_letter_code
_entity_poly.pdbx_strand_id
1 'polypeptide(L)'
;SMGRDAPAPAASQPSGCGKHNSPERKVYMDYNATTPLEPEVIQAMTKAMWEAWGNPSSPYSAGRKAKDIINAARESLAKM
IGGKPQDIIFTSGGTESNNLVIHSVVKHFHANQTSKGHTGGHHSPVKGAKPHFITSSVEHDSIRLPLEHLVEEQVAAVTF
VPVSKVSGQTEVDDILAAVRPTTRLVTIMLANNETGIVMPVPEISQRIKALNQERVAAGLPPILVHTDAAQALGKQRVDV
EDLGVDFLTIVGHKFYGPRIGALYIRGLGEFTPLYPMLFGGGQERNFRPGTENTPMIAGLGKAAELVTQNCEAYEAHMRD
VRDYLEERLEAEFGQKRIHLNSQFPGTQRLPNTCNFSIRGPRLQGHVVLAQCRVLMASVGAA(CSS)HSDHGDQPSPVLL
SYGVPFDVARNALRLSVGRSTTRAEVDLVVQDLKQAVAQLEDQA
;
A,B,D
2 'polypeptide(L)'
;SMGRDAPAPAASQPSGCGKHNSPERKVYMDYNATTPLEPEVIQAMTKAMWEAWGNPSSPYSAGRKAKDIINAARESLAKM
IGGKPQDIIFTSGGTESNNLVIHSVVKHFHANQTSKGHTGGHHSPVKGAKPHFITSSVEHDSIRLPLEHLVEEQVAAVTF
VPVSKVSGQTEVDDILAAVRPTTRLVTIMLANNETGIVMPVPEISQRIKALNQERVAAGLPPILVHTDAAQALGKQRVDV
EDLGVDFLTIVGHKFYGPRIGALYIRGLGEFTPLYPMLFGGGQERNFRPGTENTPMIAGLGKAAELVTQNCEAYEAHMRD
VRDYLEERLEAEFGQKRIHLNSQFPGTQRLPNTCNFSIRGPRLQGHVVLAQCRVLMASVGAACHSDHGDQPSPVLLSYGV
PFDVARNALRLSVGRSTTRAEVDLVVQDLKQAVAQLEDQA
;
C
#
loop_
_chem_comp.id
_chem_comp.type
_chem_comp.name
_chem_comp.formula
NO3 non-polymer 'NITRATE ION' 'N O3 -1'
PLR non-polymer '(5-HYDROXY-4,6-DIMETHYLPYRIDIN-3-YL)METHYL DIHYDROGEN PHOSPHATE' 'C8 H12 N O5 P'
#
# COMPACT_ATOMS: atom_id res chain seq x y z
N LYS A 26 26.67 47.82 14.27
CA LYS A 26 26.02 47.08 13.14
C LYS A 26 24.50 47.02 13.22
N VAL A 27 23.79 47.15 12.08
CA VAL A 27 22.35 46.99 12.06
C VAL A 27 21.95 45.90 11.03
N TYR A 28 21.25 44.88 11.49
CA TYR A 28 20.81 43.77 10.60
C TYR A 28 19.46 44.09 10.02
N MET A 29 19.36 44.11 8.70
CA MET A 29 18.08 44.18 8.01
C MET A 29 18.05 43.12 6.89
N ASP A 30 18.34 41.87 7.26
CA ASP A 30 18.24 40.74 6.32
C ASP A 30 17.40 39.61 6.90
N TYR A 31 16.33 39.98 7.60
CA TYR A 31 15.52 39.00 8.31
C TYR A 31 14.81 38.02 7.38
N ASN A 32 14.58 38.40 6.13
CA ASN A 32 14.04 37.50 5.10
C ASN A 32 15.01 36.39 4.71
N ALA A 33 16.30 36.62 4.90
CA ALA A 33 17.33 35.59 4.67
C ALA A 33 17.43 34.59 5.83
N THR A 34 17.45 35.12 7.07
CA THR A 34 17.31 34.29 8.25
C THR A 34 17.12 35.23 9.43
N THR A 35 16.55 34.69 10.50
CA THR A 35 16.35 35.38 11.74
C THR A 35 17.19 34.75 12.82
N PRO A 36 17.64 35.56 13.79
CA PRO A 36 18.21 35.01 14.98
C PRO A 36 17.18 34.22 15.81
N LEU A 37 17.66 33.43 16.76
CA LEU A 37 16.75 32.63 17.59
C LEU A 37 16.27 33.47 18.75
N GLU A 38 14.97 33.41 19.03
CA GLU A 38 14.48 34.00 20.28
C GLU A 38 15.13 33.35 21.47
N PRO A 39 15.43 34.14 22.51
CA PRO A 39 16.05 33.49 23.66
C PRO A 39 15.19 32.37 24.29
N GLU A 40 13.85 32.50 24.35
CA GLU A 40 12.98 31.40 24.85
C GLU A 40 13.03 30.13 23.99
N VAL A 41 13.25 30.33 22.69
CA VAL A 41 13.46 29.23 21.74
C VAL A 41 14.75 28.53 22.03
N ILE A 42 15.81 29.30 22.27
CA ILE A 42 17.07 28.68 22.62
C ILE A 42 16.92 27.90 23.91
N GLN A 43 16.20 28.47 24.88
CA GLN A 43 15.94 27.80 26.15
C GLN A 43 15.25 26.46 25.95
N ALA A 44 14.25 26.43 25.08
CA ALA A 44 13.52 25.19 24.83
C ALA A 44 14.45 24.13 24.27
N MET A 45 15.31 24.53 23.34
CA MET A 45 16.20 23.61 22.67
C MET A 45 17.28 23.10 23.61
N THR A 46 17.83 24.01 24.41
CA THR A 46 18.97 23.69 25.25
C THR A 46 18.51 22.74 26.34
N LYS A 47 17.36 23.03 26.94
CA LYS A 47 16.80 22.14 27.96
C LYS A 47 16.51 20.77 27.38
N ALA A 48 15.98 20.74 26.15
CA ALA A 48 15.72 19.46 25.48
C ALA A 48 16.96 18.63 25.25
N MET A 49 18.06 19.30 24.91
CA MET A 49 19.35 18.68 24.73
C MET A 49 19.72 17.90 25.98
N TRP A 50 19.74 18.60 27.12
CA TRP A 50 20.04 17.97 28.42
C TRP A 50 18.97 16.97 28.92
N GLU A 51 17.68 17.30 28.86
CA GLU A 51 16.65 16.55 29.62
C GLU A 51 15.81 15.53 28.83
N ALA A 52 15.81 15.68 27.50
CA ALA A 52 14.84 14.99 26.67
C ALA A 52 15.55 14.24 25.55
N TRP A 53 16.62 13.55 25.91
CA TRP A 53 17.58 13.04 24.94
C TRP A 53 17.25 11.65 24.43
N GLY A 54 16.27 10.99 25.03
CA GLY A 54 15.97 9.61 24.75
C GLY A 54 15.27 9.39 23.44
N ASN A 55 15.36 8.19 22.93
CA ASN A 55 14.60 7.86 21.72
C ASN A 55 13.12 8.08 22.01
N PRO A 56 12.44 8.95 21.23
CA PRO A 56 11.05 9.22 21.55
C PRO A 56 10.16 7.99 21.52
N SER A 57 10.64 6.92 20.89
CA SER A 57 9.89 5.68 20.83
C SER A 57 9.92 4.85 22.15
N SER A 58 10.57 5.36 23.21
CA SER A 58 10.86 4.61 24.48
C SER A 58 10.04 4.96 25.74
N PRO A 59 9.93 4.02 26.71
CA PRO A 59 9.09 4.22 27.88
C PRO A 59 9.81 4.76 29.12
N TYR A 60 11.07 5.15 28.96
CA TYR A 60 11.86 5.71 30.05
C TYR A 60 11.77 7.23 30.09
N SER A 61 12.01 7.79 31.29
CA SER A 61 11.93 9.24 31.48
C SER A 61 12.44 10.04 30.26
N ALA A 62 13.69 9.76 29.83
CA ALA A 62 14.36 10.53 28.77
C ALA A 62 13.59 10.50 27.43
N GLY A 63 13.05 9.35 27.07
CA GLY A 63 12.28 9.18 25.84
C GLY A 63 10.83 9.63 25.97
N ARG A 64 10.22 9.37 27.12
CA ARG A 64 8.86 9.87 27.38
C ARG A 64 8.80 11.39 27.36
N LYS A 65 9.81 12.03 27.97
CA LYS A 65 9.93 13.48 27.92
C LYS A 65 9.99 13.97 26.47
N ALA A 66 10.74 13.26 25.63
CA ALA A 66 10.91 13.64 24.24
C ALA A 66 9.58 13.56 23.51
N LYS A 67 8.87 12.44 23.67
CA LYS A 67 7.55 12.31 23.06
C LYS A 67 6.61 13.43 23.45
N ASP A 68 6.58 13.77 24.73
CA ASP A 68 5.77 14.88 25.19
C ASP A 68 6.14 16.21 24.51
N ILE A 69 7.45 16.47 24.33
CA ILE A 69 7.90 17.71 23.74
CA ILE A 69 7.92 17.70 23.72
C ILE A 69 7.40 17.77 22.30
N ILE A 70 7.54 16.64 21.60
CA ILE A 70 7.15 16.55 20.19
C ILE A 70 5.64 16.71 20.05
N ASN A 71 4.88 16.07 20.92
CA ASN A 71 3.39 16.20 20.87
C ASN A 71 2.97 17.65 21.10
N ALA A 72 3.56 18.31 22.10
CA ALA A 72 3.25 19.68 22.39
C ALA A 72 3.65 20.59 21.24
N ALA A 73 4.84 20.36 20.69
CA ALA A 73 5.29 21.15 19.56
C ALA A 73 4.34 21.07 18.34
N ARG A 74 3.82 19.88 18.05
CA ARG A 74 2.92 19.67 16.95
C ARG A 74 1.63 20.47 17.20
N GLU A 75 1.13 20.45 18.45
CA GLU A 75 -0.04 21.28 18.79
C GLU A 75 0.22 22.77 18.56
N SER A 76 1.39 23.24 18.96
CA SER A 76 1.74 24.64 18.81
C SER A 76 1.74 25.03 17.34
N LEU A 77 2.36 24.22 16.50
CA LEU A 77 2.41 24.51 15.07
C LEU A 77 1.00 24.59 14.50
N ALA A 78 0.18 23.60 14.81
CA ALA A 78 -1.21 23.61 14.36
C ALA A 78 -1.94 24.90 14.78
N LYS A 79 -1.72 25.30 16.03
CA LYS A 79 -2.39 26.48 16.56
C LYS A 79 -1.93 27.73 15.83
N MET A 80 -0.65 27.77 15.49
CA MET A 80 -0.07 28.93 14.80
C MET A 80 -0.74 29.15 13.46
N ILE A 81 -1.11 28.07 12.77
CA ILE A 81 -1.72 28.23 11.45
C ILE A 81 -3.20 27.91 11.41
N GLY A 82 -3.86 27.78 12.57
CA GLY A 82 -5.31 27.48 12.62
C GLY A 82 -5.73 26.08 12.18
N GLY A 83 -4.82 25.12 12.33
CA GLY A 83 -5.04 23.75 11.95
C GLY A 83 -5.10 22.84 13.14
N LYS A 84 -5.10 21.54 12.87
CA LYS A 84 -5.09 20.51 13.88
C LYS A 84 -3.80 19.76 13.82
N PRO A 85 -3.34 19.20 14.96
CA PRO A 85 -2.00 18.63 14.92
C PRO A 85 -1.88 17.39 14.04
N GLN A 86 -3.00 16.67 13.82
CA GLN A 86 -3.04 15.51 12.95
C GLN A 86 -2.57 15.87 11.56
N ASP A 87 -2.67 17.15 11.19
CA ASP A 87 -2.37 17.61 9.86
C ASP A 87 -0.94 18.16 9.72
N ILE A 88 -0.13 18.01 10.77
CA ILE A 88 1.24 18.52 10.70
C ILE A 88 2.24 17.38 10.77
N ILE A 89 3.26 17.44 9.90
CA ILE A 89 4.42 16.59 10.02
C ILE A 89 5.70 17.44 10.10
N PHE A 90 6.64 17.00 10.90
CA PHE A 90 7.95 17.67 11.00
C PHE A 90 8.85 17.24 9.86
N THR A 91 9.65 18.19 9.37
CA THR A 91 10.58 17.92 8.30
C THR A 91 11.92 18.61 8.64
N SER A 92 12.95 18.33 7.83
CA SER A 92 14.26 18.96 8.01
C SER A 92 14.33 20.45 7.61
N GLY A 93 13.29 20.99 6.98
CA GLY A 93 13.31 22.40 6.54
C GLY A 93 12.36 22.71 5.42
N GLY A 94 12.42 23.93 4.92
CA GLY A 94 11.50 24.31 3.87
C GLY A 94 11.79 23.58 2.57
N THR A 95 13.07 23.31 2.31
CA THR A 95 13.44 22.61 1.09
C THR A 95 12.81 21.23 1.01
N GLU A 96 12.94 20.46 2.08
CA GLU A 96 12.32 19.18 2.15
C GLU A 96 10.81 19.22 2.05
N SER A 97 10.20 20.10 2.80
CA SER A 97 8.76 20.23 2.77
C SER A 97 8.25 20.53 1.34
N ASN A 98 8.85 21.53 0.70
CA ASN A 98 8.49 21.85 -0.66
C ASN A 98 8.73 20.71 -1.65
N ASN A 99 9.89 20.06 -1.56
CA ASN A 99 10.18 18.92 -2.43
C ASN A 99 9.17 17.76 -2.21
N LEU A 100 8.77 17.57 -0.95
CA LEU A 100 7.89 16.46 -0.60
C LEU A 100 6.50 16.62 -1.20
N VAL A 101 5.95 17.82 -1.15
CA VAL A 101 4.65 18.10 -1.78
C VAL A 101 4.71 17.72 -3.27
N ILE A 102 5.75 18.20 -3.95
CA ILE A 102 5.87 17.94 -5.39
C ILE A 102 6.02 16.46 -5.69
N HIS A 103 6.93 15.79 -4.98
CA HIS A 103 7.17 14.34 -5.04
C HIS A 103 5.87 13.56 -4.87
N SER A 104 5.10 13.93 -3.84
CA SER A 104 3.89 13.23 -3.50
C SER A 104 2.86 13.31 -4.63
N VAL A 105 2.76 14.50 -5.23
CA VAL A 105 1.78 14.70 -6.32
C VAL A 105 2.16 13.85 -7.53
N VAL A 106 3.43 13.74 -7.85
CA VAL A 106 3.89 12.85 -8.92
C VAL A 106 3.63 11.39 -8.58
N LYS A 107 4.02 10.96 -7.39
CA LYS A 107 3.76 9.55 -6.99
C LYS A 107 2.30 9.17 -6.99
N HIS A 108 1.45 10.08 -6.56
CA HIS A 108 0.03 9.85 -6.54
C HIS A 108 -0.54 9.65 -7.96
N PHE A 109 -0.14 10.53 -8.87
CA PHE A 109 -0.49 10.37 -10.28
C PHE A 109 -0.06 8.96 -10.81
N HIS A 110 1.20 8.61 -10.58
CA HIS A 110 1.73 7.29 -11.00
C HIS A 110 0.98 6.12 -10.36
N ALA A 111 0.60 6.26 -9.09
CA ALA A 111 -0.22 5.23 -8.45
C ALA A 111 -1.62 5.18 -9.07
N ASN A 112 -2.22 6.34 -9.39
CA ASN A 112 -3.56 6.32 -10.03
C ASN A 112 -3.52 5.65 -11.40
N GLN A 113 -2.45 5.87 -12.16
CA GLN A 113 -2.34 5.26 -13.49
C GLN A 113 -1.93 3.77 -13.43
N THR A 114 -1.13 3.38 -12.45
CA THR A 114 -0.82 1.97 -12.20
C THR A 114 -2.07 1.28 -11.66
N SER A 115 -3.09 1.22 -12.50
CA SER A 115 -4.43 0.84 -12.09
C SER A 115 -5.29 0.64 -13.35
N GLY A 128 1.87 7.43 -22.26
CA GLY A 128 2.43 7.98 -21.01
C GLY A 128 1.96 9.39 -20.66
N ALA A 129 0.79 9.49 -20.03
CA ALA A 129 0.29 10.76 -19.50
C ALA A 129 1.23 11.18 -18.36
N LYS A 130 1.38 12.48 -18.14
CA LYS A 130 2.28 13.05 -17.10
C LYS A 130 1.44 14.00 -16.25
N PRO A 131 1.73 14.10 -14.94
CA PRO A 131 0.99 15.09 -14.16
C PRO A 131 1.36 16.52 -14.59
N HIS A 132 0.45 17.47 -14.41
CA HIS A 132 0.76 18.87 -14.67
C HIS A 132 0.71 19.72 -13.40
N PHE A 133 1.66 20.63 -13.31
CA PHE A 133 1.77 21.59 -12.22
C PHE A 133 1.62 23.00 -12.71
N ILE A 134 0.96 23.81 -11.90
CA ILE A 134 0.89 25.24 -12.15
C ILE A 134 1.53 25.98 -11.00
N THR A 135 2.43 26.91 -11.31
CA THR A 135 3.08 27.72 -10.30
C THR A 135 3.36 29.15 -10.80
N SER A 136 4.07 29.96 -10.03
CA SER A 136 4.45 31.31 -10.45
C SER A 136 5.88 31.38 -10.97
N SER A 137 6.16 32.48 -11.65
CA SER A 137 7.50 32.79 -12.13
C SER A 137 8.48 33.28 -11.08
N VAL A 138 8.06 33.42 -9.82
CA VAL A 138 8.89 34.07 -8.78
C VAL A 138 9.09 33.18 -7.50
N GLU A 139 8.82 31.88 -7.64
CA GLU A 139 8.96 30.94 -6.54
C GLU A 139 10.44 30.83 -6.09
N HIS A 140 10.61 30.46 -4.81
CA HIS A 140 11.90 30.05 -4.24
C HIS A 140 12.51 28.93 -5.06
N ASP A 141 13.82 28.81 -5.01
CA ASP A 141 14.52 27.69 -5.64
C ASP A 141 13.99 26.31 -5.29
N SER A 142 13.49 26.13 -4.05
CA SER A 142 13.02 24.82 -3.64
C SER A 142 11.59 24.47 -4.14
N ILE A 143 10.99 25.36 -4.89
CA ILE A 143 9.78 25.02 -5.70
C ILE A 143 10.13 25.07 -7.19
N ARG A 144 10.80 26.13 -7.64
CA ARG A 144 11.17 26.26 -9.06
C ARG A 144 12.07 25.15 -9.57
N LEU A 145 13.12 24.82 -8.81
CA LEU A 145 14.06 23.79 -9.25
C LEU A 145 13.53 22.36 -9.26
N PRO A 146 12.80 21.92 -8.23
CA PRO A 146 12.25 20.58 -8.43
C PRO A 146 11.31 20.50 -9.67
N LEU A 147 10.55 21.55 -9.93
CA LEU A 147 9.66 21.57 -11.07
C LEU A 147 10.44 21.60 -12.37
N GLU A 148 11.48 22.42 -12.46
CA GLU A 148 12.33 22.40 -13.67
C GLU A 148 12.92 21.03 -13.92
N HIS A 149 13.28 20.33 -12.85
CA HIS A 149 13.89 19.05 -12.96
C HIS A 149 12.94 18.01 -13.56
N LEU A 150 11.72 18.01 -13.06
CA LEU A 150 10.68 17.16 -13.58
C LEU A 150 10.38 17.44 -15.08
N VAL A 151 10.42 18.69 -15.51
CA VAL A 151 10.26 19.01 -16.94
C VAL A 151 11.44 18.44 -17.73
N GLU A 152 12.66 18.73 -17.26
CA GLU A 152 13.87 18.23 -17.90
C GLU A 152 13.81 16.71 -18.06
N GLU A 153 13.37 16.02 -17.01
CA GLU A 153 13.36 14.56 -17.00
C GLU A 153 12.14 13.96 -17.68
N GLN A 154 11.26 14.77 -18.23
CA GLN A 154 10.03 14.30 -18.87
C GLN A 154 9.07 13.55 -17.94
N VAL A 155 9.13 13.88 -16.67
CA VAL A 155 8.25 13.29 -15.70
C VAL A 155 6.95 14.09 -15.52
N ALA A 156 7.00 15.39 -15.69
CA ALA A 156 5.81 16.23 -15.47
C ALA A 156 5.80 17.38 -16.44
N ALA A 157 4.62 17.99 -16.63
CA ALA A 157 4.49 19.25 -17.36
C ALA A 157 4.32 20.38 -16.31
N VAL A 158 4.86 21.56 -16.57
CA VAL A 158 4.70 22.69 -15.64
C VAL A 158 4.38 23.98 -16.37
N THR A 159 3.42 24.76 -15.89
CA THR A 159 3.25 26.14 -16.31
C THR A 159 3.74 27.06 -15.22
N PHE A 160 4.74 27.89 -15.58
CA PHE A 160 5.19 28.98 -14.74
C PHE A 160 4.41 30.23 -15.12
N VAL A 161 3.40 30.54 -14.34
CA VAL A 161 2.55 31.66 -14.62
C VAL A 161 3.28 32.99 -14.28
N PRO A 162 3.43 33.88 -15.28
CA PRO A 162 4.04 35.19 -15.02
C PRO A 162 3.25 36.05 -14.01
N VAL A 163 3.95 36.94 -13.34
CA VAL A 163 3.27 37.93 -12.48
C VAL A 163 2.90 39.13 -13.33
N SER A 164 1.80 39.78 -12.99
CA SER A 164 1.41 41.04 -13.63
C SER A 164 2.45 42.12 -13.28
N LYS A 165 2.83 42.87 -14.31
CA LYS A 165 3.69 44.00 -14.14
C LYS A 165 2.96 45.12 -13.36
N VAL A 166 1.63 45.10 -13.39
CA VAL A 166 0.82 46.12 -12.71
C VAL A 166 0.57 45.80 -11.23
N SER A 167 0.17 44.56 -10.93
CA SER A 167 -0.16 44.17 -9.55
C SER A 167 0.97 43.43 -8.83
N GLY A 168 1.88 42.86 -9.59
CA GLY A 168 2.95 42.07 -9.03
C GLY A 168 2.48 40.72 -8.50
N GLN A 169 1.27 40.32 -8.88
CA GLN A 169 0.72 39.03 -8.51
C GLN A 169 0.49 38.15 -9.74
N THR A 170 0.49 36.84 -9.56
CA THR A 170 -0.06 35.95 -10.57
C THR A 170 -1.55 36.20 -10.55
N GLU A 171 -2.12 36.53 -11.69
CA GLU A 171 -3.56 36.69 -11.80
C GLU A 171 -4.28 35.35 -11.69
N VAL A 172 -5.33 35.32 -10.87
CA VAL A 172 -6.04 34.09 -10.67
C VAL A 172 -6.63 33.59 -11.98
N ASP A 173 -7.13 34.49 -12.83
CA ASP A 173 -7.57 34.09 -14.16
C ASP A 173 -6.50 33.34 -14.99
N ASP A 174 -5.24 33.76 -14.90
CA ASP A 174 -4.21 33.10 -15.67
C ASP A 174 -3.93 31.70 -15.11
N ILE A 175 -4.02 31.58 -13.78
CA ILE A 175 -3.84 30.28 -13.14
C ILE A 175 -4.94 29.31 -13.62
N LEU A 176 -6.19 29.75 -13.54
CA LEU A 176 -7.31 28.95 -14.03
C LEU A 176 -7.24 28.64 -15.54
N ALA A 177 -6.72 29.58 -16.33
CA ALA A 177 -6.53 29.36 -17.79
C ALA A 177 -5.44 28.34 -18.11
N ALA A 178 -4.57 28.05 -17.17
CA ALA A 178 -3.52 27.05 -17.42
C ALA A 178 -3.91 25.62 -17.10
N VAL A 179 -5.13 25.41 -16.60
CA VAL A 179 -5.56 24.10 -16.18
C VAL A 179 -5.73 23.15 -17.36
N ARG A 180 -5.29 21.92 -17.17
CA ARG A 180 -5.34 20.86 -18.13
C ARG A 180 -6.03 19.69 -17.46
N PRO A 181 -6.47 18.71 -18.24
CA PRO A 181 -7.02 17.49 -17.60
C PRO A 181 -6.06 16.86 -16.58
N THR A 182 -4.76 16.92 -16.88
CA THR A 182 -3.69 16.33 -16.08
C THR A 182 -3.18 17.19 -14.93
N THR A 183 -3.74 18.38 -14.73
CA THR A 183 -3.28 19.30 -13.67
C THR A 183 -3.58 18.65 -12.34
N ARG A 184 -2.59 18.61 -11.45
CA ARG A 184 -2.78 17.98 -10.16
C ARG A 184 -2.42 18.86 -8.98
N LEU A 185 -1.63 19.91 -9.22
CA LEU A 185 -1.21 20.81 -8.14
C LEU A 185 -1.06 22.25 -8.63
N VAL A 186 -1.65 23.20 -7.90
CA VAL A 186 -1.28 24.61 -7.96
C VAL A 186 -0.40 24.93 -6.75
N THR A 187 0.85 25.36 -6.99
CA THR A 187 1.74 25.78 -5.92
C THR A 187 2.15 27.24 -6.10
N ILE A 188 1.73 28.08 -5.16
CA ILE A 188 1.93 29.53 -5.28
C ILE A 188 2.36 30.03 -3.90
N MET A 189 3.50 30.72 -3.84
CA MET A 189 4.09 31.17 -2.58
C MET A 189 3.21 32.23 -1.97
N LEU A 190 3.06 32.20 -0.67
CA LEU A 190 2.15 33.12 -0.03
C LEU A 190 2.69 34.54 -0.10
N ALA A 191 3.97 34.67 0.15
CA ALA A 191 4.71 35.92 0.02
C ALA A 191 6.09 35.69 -0.58
N ASN A 192 6.47 36.60 -1.47
CA ASN A 192 7.75 36.55 -2.15
C ASN A 192 8.88 37.06 -1.24
N ASN A 193 10.00 36.33 -1.27
CA ASN A 193 11.12 36.61 -0.37
C ASN A 193 11.88 37.86 -0.74
N GLU A 194 11.88 38.21 -2.04
CA GLU A 194 12.64 39.36 -2.52
C GLU A 194 11.90 40.66 -2.42
N THR A 195 10.61 40.64 -2.76
CA THR A 195 9.82 41.83 -2.83
C THR A 195 8.91 41.97 -1.62
N GLY A 196 8.52 40.87 -1.00
CA GLY A 196 7.55 40.90 0.07
C GLY A 196 6.12 40.83 -0.44
N ILE A 197 5.90 40.73 -1.74
CA ILE A 197 4.54 40.79 -2.28
C ILE A 197 3.75 39.54 -1.94
N VAL A 198 2.53 39.75 -1.45
CA VAL A 198 1.66 38.67 -1.04
C VAL A 198 0.82 38.24 -2.26
N MET A 199 0.64 36.93 -2.40
CA MET A 199 -0.12 36.36 -3.50
C MET A 199 -1.56 36.08 -3.08
N PRO A 200 -2.48 36.05 -4.05
CA PRO A 200 -3.91 35.91 -3.78
C PRO A 200 -4.33 34.48 -3.53
N VAL A 201 -3.70 33.86 -2.54
CA VAL A 201 -3.89 32.44 -2.28
C VAL A 201 -5.33 32.05 -1.88
N PRO A 202 -5.99 32.84 -1.02
CA PRO A 202 -7.42 32.54 -0.76
C PRO A 202 -8.30 32.49 -2.02
N GLU A 203 -8.11 33.43 -2.93
CA GLU A 203 -8.88 33.44 -4.19
C GLU A 203 -8.54 32.21 -5.04
N ILE A 204 -7.27 31.86 -5.10
CA ILE A 204 -6.87 30.74 -5.86
C ILE A 204 -7.56 29.52 -5.32
N SER A 205 -7.47 29.30 -4.02
CA SER A 205 -8.07 28.11 -3.42
C SER A 205 -9.58 28.06 -3.68
N GLN A 206 -10.23 29.22 -3.56
CA GLN A 206 -11.67 29.34 -3.74
C GLN A 206 -12.11 28.93 -5.16
N ARG A 207 -11.38 29.45 -6.13
CA ARG A 207 -11.68 29.19 -7.54
C ARG A 207 -11.32 27.77 -7.96
N ILE A 208 -10.25 27.22 -7.38
CA ILE A 208 -9.89 25.80 -7.61
C ILE A 208 -10.92 24.81 -7.02
N LYS A 209 -11.42 25.10 -5.82
CA LYS A 209 -12.46 24.28 -5.18
C LYS A 209 -13.70 24.25 -6.03
N ALA A 210 -14.10 25.39 -6.58
CA ALA A 210 -15.30 25.47 -7.41
C ALA A 210 -15.10 24.70 -8.74
N LEU A 211 -13.91 24.86 -9.33
CA LEU A 211 -13.53 24.12 -10.54
C LEU A 211 -13.56 22.61 -10.25
N ASN A 212 -13.05 22.21 -9.09
CA ASN A 212 -12.89 20.79 -8.77
C ASN A 212 -14.23 20.05 -8.73
N GLN A 213 -15.27 20.71 -8.26
CA GLN A 213 -16.63 20.14 -8.27
C GLN A 213 -16.98 19.70 -9.70
N GLU A 214 -16.72 20.58 -10.65
CA GLU A 214 -16.97 20.30 -12.08
C GLU A 214 -16.06 19.23 -12.62
N ARG A 215 -14.77 19.29 -12.26
CA ARG A 215 -13.84 18.26 -12.66
C ARG A 215 -14.29 16.87 -12.19
N VAL A 216 -14.55 16.74 -10.89
CA VAL A 216 -14.84 15.44 -10.32
C VAL A 216 -16.06 14.87 -11.04
N ALA A 217 -17.04 15.73 -11.29
CA ALA A 217 -18.24 15.33 -11.99
C ALA A 217 -17.95 14.88 -13.44
N ALA A 218 -16.90 15.44 -14.05
CA ALA A 218 -16.49 15.05 -15.41
C ALA A 218 -15.44 13.92 -15.46
N GLY A 219 -15.08 13.33 -14.31
CA GLY A 219 -14.09 12.26 -14.22
C GLY A 219 -12.67 12.74 -14.26
N LEU A 220 -12.48 13.99 -13.87
CA LEU A 220 -11.18 14.62 -13.82
C LEU A 220 -10.80 14.80 -12.34
N PRO A 221 -9.64 14.27 -11.93
CA PRO A 221 -9.27 14.37 -10.53
C PRO A 221 -9.16 15.82 -10.03
N PRO A 222 -9.48 16.04 -8.73
CA PRO A 222 -9.36 17.36 -8.13
C PRO A 222 -7.91 17.89 -8.15
N ILE A 223 -7.77 19.19 -8.33
CA ILE A 223 -6.48 19.88 -8.24
C ILE A 223 -6.24 20.30 -6.78
N LEU A 224 -5.06 19.98 -6.26
CA LEU A 224 -4.67 20.33 -4.93
C LEU A 224 -3.95 21.69 -4.94
N VAL A 225 -3.99 22.42 -3.82
CA VAL A 225 -3.32 23.72 -3.74
C VAL A 225 -2.33 23.74 -2.58
N HIS A 226 -1.09 24.13 -2.92
CA HIS A 226 -0.04 24.30 -1.93
C HIS A 226 0.42 25.75 -1.93
N THR A 227 0.78 26.24 -0.75
CA THR A 227 1.49 27.48 -0.66
C THR A 227 2.73 27.34 0.22
N ASP A 228 3.83 27.83 -0.33
CA ASP A 228 5.05 28.07 0.41
C ASP A 228 4.89 29.33 1.27
N ALA A 229 4.60 29.14 2.55
CA ALA A 229 4.32 30.25 3.45
C ALA A 229 5.55 30.69 4.24
N ALA A 230 6.74 30.29 3.78
CA ALA A 230 7.98 30.57 4.50
C ALA A 230 8.09 32.00 4.98
N GLN A 231 7.76 32.94 4.09
CA GLN A 231 8.08 34.34 4.36
C GLN A 231 6.97 35.07 5.08
N ALA A 232 5.80 34.45 5.23
CA ALA A 232 4.65 35.10 5.87
C ALA A 232 4.61 34.82 7.36
N LEU A 233 5.02 33.62 7.74
CA LEU A 233 4.84 33.20 9.13
C LEU A 233 5.55 34.15 10.10
N GLY A 234 4.80 34.59 11.10
CA GLY A 234 5.32 35.53 12.11
C GLY A 234 5.27 36.99 11.66
N LYS A 235 4.89 37.23 10.41
CA LYS A 235 4.84 38.61 9.90
C LYS A 235 3.42 39.07 9.66
N GLN A 236 2.52 38.14 9.38
CA GLN A 236 1.11 38.42 9.23
C GLN A 236 0.38 37.14 9.60
N ARG A 237 -0.91 37.24 9.91
CA ARG A 237 -1.68 36.05 10.26
C ARG A 237 -1.71 35.06 9.06
N VAL A 238 -1.45 33.81 9.40
CA VAL A 238 -1.51 32.70 8.46
C VAL A 238 -2.51 31.72 9.02
N ASP A 239 -3.62 31.56 8.31
CA ASP A 239 -4.68 30.64 8.75
C ASP A 239 -5.11 29.76 7.59
N VAL A 240 -5.01 28.44 7.77
CA VAL A 240 -5.27 27.47 6.68
C VAL A 240 -6.74 27.49 6.23
N GLU A 241 -7.68 27.78 7.12
CA GLU A 241 -9.08 27.90 6.71
C GLU A 241 -9.33 29.11 5.84
N ASP A 242 -8.72 30.24 6.17
CA ASP A 242 -8.81 31.41 5.31
C ASP A 242 -8.07 31.23 4.00
N LEU A 243 -6.91 30.53 4.05
CA LEU A 243 -6.13 30.30 2.82
C LEU A 243 -6.81 29.26 1.91
N GLY A 244 -7.45 28.24 2.49
CA GLY A 244 -8.15 27.23 1.73
C GLY A 244 -7.27 26.17 1.11
N VAL A 245 -5.97 26.20 1.44
CA VAL A 245 -4.99 25.34 0.85
C VAL A 245 -5.01 23.90 1.41
N ASP A 246 -4.54 22.98 0.60
CA ASP A 246 -4.34 21.60 1.01
C ASP A 246 -2.95 21.29 1.57
N PHE A 247 -1.95 22.08 1.22
CA PHE A 247 -0.62 21.91 1.77
C PHE A 247 -0.05 23.28 2.09
N LEU A 248 0.78 23.35 3.14
CA LEU A 248 1.44 24.59 3.50
C LEU A 248 2.83 24.34 4.09
N THR A 249 3.85 25.00 3.54
CA THR A 249 5.23 24.85 4.00
C THR A 249 5.57 25.87 5.11
N ILE A 250 6.11 25.34 6.18
CA ILE A 250 6.50 26.09 7.39
C ILE A 250 8.01 26.02 7.55
N VAL A 251 8.66 27.16 7.76
CA VAL A 251 10.14 27.23 7.78
C VAL A 251 10.63 27.95 9.05
N GLY A 252 11.19 27.19 9.98
CA GLY A 252 11.48 27.71 11.33
C GLY A 252 12.37 28.93 11.38
N HIS A 253 13.41 28.96 10.55
CA HIS A 253 14.37 30.04 10.63
C HIS A 253 13.93 31.35 9.99
N LYS A 254 12.67 31.43 9.52
CA LYS A 254 12.17 32.71 9.12
C LYS A 254 11.35 33.39 10.20
N PHE A 255 11.03 32.64 11.26
CA PHE A 255 10.27 33.20 12.40
C PHE A 255 10.90 32.91 13.76
N TYR A 256 12.21 33.07 13.81
CA TYR A 256 13.00 33.07 15.06
C TYR A 256 13.10 31.71 15.68
N GLY A 257 12.98 30.69 14.83
CA GLY A 257 13.03 29.32 15.24
C GLY A 257 14.20 28.65 14.55
N PRO A 258 14.41 27.36 14.85
CA PRO A 258 15.56 26.63 14.37
C PRO A 258 15.41 26.28 12.89
N ARG A 259 16.49 25.77 12.33
CA ARG A 259 16.59 25.47 10.91
C ARG A 259 15.96 24.13 10.56
N ILE A 260 14.77 23.86 11.09
CA ILE A 260 13.98 22.73 10.64
C ILE A 260 12.66 23.28 10.23
N GLY A 261 11.76 22.41 9.81
CA GLY A 261 10.51 22.88 9.24
C GLY A 261 9.39 21.93 9.48
N ALA A 262 8.25 22.19 8.82
CA ALA A 262 7.11 21.30 8.89
C ALA A 262 6.29 21.48 7.61
N LEU A 263 5.31 20.59 7.48
CA LEU A 263 4.38 20.58 6.37
C LEU A 263 2.98 20.34 6.96
N TYR A 264 2.08 21.24 6.59
CA TYR A 264 0.65 21.07 6.81
C TYR A 264 0.08 20.32 5.60
N ILE A 265 -0.75 19.32 5.90
CA ILE A 265 -1.48 18.55 4.91
C ILE A 265 -2.92 18.46 5.39
N ARG A 266 -3.83 19.12 4.69
CA ARG A 266 -5.23 19.18 5.12
C ARG A 266 -5.82 17.77 5.22
N GLY A 267 -6.28 17.42 6.41
CA GLY A 267 -6.84 16.08 6.66
C GLY A 267 -5.89 14.98 6.22
N LEU A 268 -4.61 15.11 6.55
CA LEU A 268 -3.59 14.16 6.17
C LEU A 268 -4.09 12.73 6.32
N GLY A 269 -3.93 11.93 5.27
CA GLY A 269 -4.39 10.55 5.27
C GLY A 269 -5.81 10.47 4.73
N GLU A 270 -6.74 10.99 5.52
CA GLU A 270 -8.17 10.89 5.26
C GLU A 270 -8.68 11.73 4.05
N PHE A 271 -8.17 12.95 3.88
CA PHE A 271 -8.64 13.83 2.80
C PHE A 271 -7.60 14.15 1.73
N THR A 272 -6.35 14.31 2.14
CA THR A 272 -5.28 14.61 1.21
C THR A 272 -4.24 13.50 1.31
N PRO A 273 -3.91 12.83 0.19
CA PRO A 273 -2.87 11.80 0.24
C PRO A 273 -1.49 12.43 0.33
N LEU A 274 -0.58 11.72 0.96
CA LEU A 274 0.79 12.10 1.01
C LEU A 274 1.60 10.85 0.85
N TYR A 275 2.38 10.81 -0.21
CA TYR A 275 3.28 9.74 -0.52
C TYR A 275 4.67 10.17 -0.08
N PRO A 276 5.28 9.43 0.86
CA PRO A 276 6.58 9.81 1.44
C PRO A 276 7.76 9.69 0.44
N MET A 277 8.79 10.52 0.63
CA MET A 277 10.06 10.42 -0.11
C MET A 277 11.01 9.46 0.60
N LEU A 278 10.82 9.32 1.91
CA LEU A 278 11.72 8.58 2.77
C LEU A 278 11.07 7.33 3.34
N PHE A 279 11.85 6.28 3.45
CA PHE A 279 11.40 5.00 4.03
C PHE A 279 12.30 4.56 5.18
N GLY A 280 11.68 4.03 6.24
CA GLY A 280 12.39 3.67 7.47
C GLY A 280 11.48 3.42 8.66
N GLY A 281 11.92 3.86 9.84
CA GLY A 281 11.38 3.30 11.09
C GLY A 281 10.09 3.83 11.66
N GLY A 282 9.18 4.32 10.85
CA GLY A 282 7.80 4.51 11.30
C GLY A 282 7.44 5.88 11.87
N GLN A 283 8.44 6.76 12.00
CA GLN A 283 8.24 8.06 12.61
C GLN A 283 7.38 8.94 11.74
N GLU A 284 6.75 9.90 12.39
CA GLU A 284 5.84 10.80 11.72
C GLU A 284 4.81 10.01 10.92
N ARG A 285 4.29 8.95 11.54
CA ARG A 285 3.25 8.10 10.95
C ARG A 285 3.68 7.55 9.61
N ASN A 286 4.99 7.31 9.47
CA ASN A 286 5.64 6.86 8.21
C ASN A 286 5.60 7.81 7.01
N PHE A 287 5.13 9.02 7.19
CA PHE A 287 5.15 10.03 6.15
C PHE A 287 6.57 10.65 6.12
N ARG A 288 7.26 10.60 7.25
CA ARG A 288 8.61 11.18 7.35
C ARG A 288 9.40 10.43 8.41
N PRO A 289 9.85 9.22 8.07
CA PRO A 289 10.58 8.47 9.06
C PRO A 289 11.99 9.01 9.39
N GLY A 290 12.55 8.48 10.47
CA GLY A 290 13.88 8.89 10.99
C GLY A 290 13.70 9.36 12.41
N THR A 291 14.67 9.07 13.25
CA THR A 291 14.54 9.42 14.68
C THR A 291 14.33 10.92 14.80
N GLU A 292 13.32 11.31 15.59
CA GLU A 292 12.94 12.71 15.64
C GLU A 292 14.04 13.54 16.33
N ASN A 293 14.26 14.75 15.81
CA ASN A 293 15.24 15.68 16.38
C ASN A 293 14.58 16.53 17.47
N THR A 294 14.56 15.96 18.66
CA THR A 294 13.76 16.55 19.73
C THR A 294 14.12 17.99 20.05
N PRO A 295 15.41 18.32 20.16
CA PRO A 295 15.70 19.72 20.47
C PRO A 295 15.24 20.67 19.38
N MET A 296 15.39 20.28 18.12
CA MET A 296 14.93 21.14 17.03
C MET A 296 13.41 21.32 17.07
N ILE A 297 12.68 20.24 17.36
CA ILE A 297 11.25 20.27 17.41
C ILE A 297 10.81 21.11 18.59
N ALA A 298 11.54 21.03 19.69
CA ALA A 298 11.23 21.87 20.85
C ALA A 298 11.29 23.32 20.48
N GLY A 299 12.32 23.69 19.72
CA GLY A 299 12.55 25.07 19.32
C GLY A 299 11.48 25.54 18.35
N LEU A 300 11.15 24.66 17.41
CA LEU A 300 10.14 25.02 16.42
C LEU A 300 8.79 25.28 17.07
N GLY A 301 8.46 24.41 18.02
CA GLY A 301 7.22 24.52 18.76
C GLY A 301 7.20 25.81 19.53
N LYS A 302 8.30 26.11 20.22
CA LYS A 302 8.30 27.35 21.00
C LYS A 302 8.24 28.57 20.07
N ALA A 303 8.87 28.49 18.89
CA ALA A 303 8.87 29.64 17.95
C ALA A 303 7.45 29.86 17.46
N ALA A 304 6.72 28.76 17.24
CA ALA A 304 5.32 28.79 16.82
C ALA A 304 4.44 29.42 17.94
N GLU A 305 4.73 29.10 19.19
CA GLU A 305 3.95 29.66 20.30
C GLU A 305 4.02 31.19 20.36
N LEU A 306 5.23 31.71 20.17
CA LEU A 306 5.47 33.14 20.17
C LEU A 306 4.73 33.81 19.05
N VAL A 307 4.62 33.16 17.88
CA VAL A 307 3.89 33.73 16.76
C VAL A 307 2.39 33.78 17.15
N THR A 308 1.86 32.67 17.64
CA THR A 308 0.47 32.60 18.09
C THR A 308 0.13 33.67 19.13
N GLN A 309 1.01 33.89 20.11
CA GLN A 309 0.76 34.92 21.13
C GLN A 309 0.86 36.35 20.56
N ASN A 310 1.84 36.59 19.69
CA ASN A 310 2.31 37.94 19.39
C ASN A 310 2.26 38.41 17.93
N CYS A 311 1.66 37.63 17.03
CA CYS A 311 1.79 37.93 15.60
C CYS A 311 1.36 39.34 15.27
N GLU A 312 0.23 39.75 15.83
CA GLU A 312 -0.31 41.05 15.57
C GLU A 312 0.68 42.14 15.99
N ALA A 313 1.25 42.02 17.19
CA ALA A 313 2.27 42.98 17.62
C ALA A 313 3.53 42.96 16.73
N TYR A 314 3.96 41.78 16.30
CA TYR A 314 5.12 41.70 15.43
C TYR A 314 4.83 42.43 14.12
N GLU A 315 3.66 42.19 13.54
CA GLU A 315 3.28 42.82 12.28
C GLU A 315 3.27 44.34 12.42
N ALA A 316 2.62 44.82 13.48
CA ALA A 316 2.52 46.25 13.76
C ALA A 316 3.90 46.88 13.85
N HIS A 317 4.80 46.25 14.59
CA HIS A 317 6.12 46.82 14.79
C HIS A 317 6.88 46.87 13.49
N MET A 318 6.84 45.77 12.74
CA MET A 318 7.57 45.67 11.48
C MET A 318 7.12 46.74 10.48
N ARG A 319 5.81 46.90 10.37
CA ARG A 319 5.22 47.90 9.47
CA ARG A 319 5.14 47.90 9.53
C ARG A 319 5.61 49.33 9.85
N ASP A 320 5.53 49.67 11.12
CA ASP A 320 5.93 50.98 11.56
C ASP A 320 7.36 51.29 11.13
N VAL A 321 8.29 50.36 11.39
CA VAL A 321 9.73 50.63 11.11
C VAL A 321 10.07 50.57 9.62
N ARG A 322 9.43 49.66 8.88
CA ARG A 322 9.61 49.59 7.42
C ARG A 322 9.08 50.86 6.75
N ASP A 323 7.87 51.27 7.08
CA ASP A 323 7.26 52.49 6.52
C ASP A 323 8.13 53.70 6.87
N TYR A 324 8.65 53.73 8.10
CA TYR A 324 9.54 54.79 8.52
C TYR A 324 10.83 54.79 7.69
N LEU A 325 11.40 53.61 7.45
CA LEU A 325 12.56 53.47 6.55
C LEU A 325 12.26 54.08 5.19
N GLU A 326 11.09 53.79 4.64
CA GLU A 326 10.75 54.27 3.30
C GLU A 326 10.55 55.80 3.33
N GLU A 327 9.95 56.32 4.38
CA GLU A 327 9.82 57.79 4.54
C GLU A 327 11.20 58.45 4.60
N ARG A 328 12.13 57.88 5.37
CA ARG A 328 13.43 58.51 5.58
C ARG A 328 14.29 58.42 4.32
N LEU A 329 14.18 57.30 3.57
CA LEU A 329 14.89 57.17 2.30
C LEU A 329 14.40 58.22 1.31
N GLU A 330 13.08 58.44 1.24
CA GLU A 330 12.52 59.49 0.36
C GLU A 330 12.88 60.93 0.79
N ALA A 331 12.93 61.18 2.09
CA ALA A 331 13.37 62.50 2.59
C ALA A 331 14.87 62.73 2.39
N GLU A 332 15.69 61.71 2.61
CA GLU A 332 17.15 61.84 2.50
C GLU A 332 17.68 61.87 1.07
N PHE A 333 17.09 61.08 0.18
CA PHE A 333 17.60 60.96 -1.19
C PHE A 333 16.71 61.69 -2.23
N GLY A 334 15.46 61.98 -1.87
CA GLY A 334 14.50 62.57 -2.79
C GLY A 334 13.61 61.51 -3.40
N GLN A 335 12.30 61.78 -3.42
CA GLN A 335 11.30 60.85 -3.98
C GLN A 335 11.59 60.46 -5.43
N LYS A 336 12.26 61.35 -6.16
CA LYS A 336 12.59 61.16 -7.58
C LYS A 336 13.74 60.18 -7.76
N ARG A 337 14.55 60.03 -6.71
CA ARG A 337 15.74 59.19 -6.75
C ARG A 337 15.50 57.77 -6.19
N ILE A 338 14.33 57.52 -5.62
CA ILE A 338 14.03 56.25 -4.98
C ILE A 338 12.96 55.48 -5.77
N HIS A 339 13.28 54.25 -6.15
CA HIS A 339 12.29 53.31 -6.68
C HIS A 339 11.94 52.33 -5.56
N LEU A 340 10.68 52.30 -5.13
CA LEU A 340 10.19 51.36 -4.14
C LEU A 340 9.68 50.12 -4.88
N ASN A 341 10.60 49.16 -5.08
CA ASN A 341 10.30 48.00 -5.92
C ASN A 341 9.29 47.04 -5.27
N SER A 342 9.07 47.14 -3.97
CA SER A 342 8.07 46.30 -3.29
C SER A 342 6.65 46.86 -3.37
N GLN A 343 6.48 48.09 -3.86
CA GLN A 343 5.19 48.77 -3.91
C GLN A 343 4.54 48.62 -5.27
N PHE A 344 3.47 47.85 -5.32
CA PHE A 344 2.63 47.75 -6.49
C PHE A 344 1.26 48.25 -6.05
N PRO A 345 0.63 49.07 -6.89
CA PRO A 345 -0.59 49.76 -6.46
C PRO A 345 -1.68 48.83 -5.99
N GLY A 346 -2.03 48.94 -4.71
CA GLY A 346 -3.11 48.14 -4.15
C GLY A 346 -2.75 46.72 -3.75
N THR A 347 -1.48 46.35 -3.89
CA THR A 347 -1.11 44.97 -3.61
C THR A 347 -0.50 44.79 -2.22
N GLN A 348 -1.05 43.86 -1.46
CA GLN A 348 -0.57 43.62 -0.12
C GLN A 348 0.88 43.16 -0.17
N ARG A 349 1.68 43.62 0.79
CA ARG A 349 3.03 43.09 0.96
C ARG A 349 3.30 42.79 2.43
N LEU A 350 4.36 42.02 2.66
CA LEU A 350 4.91 41.80 4.01
C LEU A 350 5.17 43.16 4.68
N PRO A 351 4.87 43.24 5.98
CA PRO A 351 5.11 44.49 6.69
C PRO A 351 6.55 44.91 6.84
N ASN A 352 7.48 43.97 6.72
CA ASN A 352 8.90 44.21 7.07
C ASN A 352 9.84 44.45 5.90
N THR A 353 9.33 44.33 4.68
CA THR A 353 10.17 44.31 3.49
C THR A 353 10.15 45.57 2.68
N CYS A 354 11.37 46.05 2.39
CA CYS A 354 11.58 47.17 1.55
C CYS A 354 12.66 46.83 0.53
N ASN A 355 12.22 46.53 -0.69
CA ASN A 355 13.13 46.35 -1.81
C ASN A 355 13.14 47.67 -2.55
N PHE A 356 14.31 48.29 -2.69
CA PHE A 356 14.37 49.55 -3.37
C PHE A 356 15.70 49.80 -4.08
N SER A 357 15.69 50.75 -5.00
CA SER A 357 16.87 51.11 -5.76
C SER A 357 17.14 52.61 -5.65
N ILE A 358 18.40 53.00 -5.58
CA ILE A 358 18.77 54.41 -5.61
C ILE A 358 19.30 54.73 -7.02
N ARG A 359 18.72 55.74 -7.65
CA ARG A 359 19.07 56.07 -9.02
C ARG A 359 20.51 56.62 -9.06
N GLY A 360 21.29 56.10 -10.02
CA GLY A 360 22.68 56.50 -10.22
C GLY A 360 23.42 55.40 -10.98
N PRO A 361 24.15 55.75 -12.05
CA PRO A 361 24.82 54.68 -12.79
C PRO A 361 25.88 53.92 -11.97
N ARG A 362 26.46 54.54 -10.93
CA ARG A 362 27.45 53.84 -10.09
C ARG A 362 26.88 53.05 -8.90
N LEU A 363 25.57 53.14 -8.66
CA LEU A 363 24.97 52.66 -7.41
C LEU A 363 24.34 51.26 -7.53
N GLN A 364 25.04 50.36 -8.21
CA GLN A 364 24.62 48.97 -8.24
C GLN A 364 24.53 48.44 -6.80
N GLY A 365 23.57 47.56 -6.55
CA GLY A 365 23.25 47.15 -5.18
C GLY A 365 24.44 46.68 -4.39
N HIS A 366 25.15 45.69 -4.93
CA HIS A 366 26.25 45.06 -4.19
C HIS A 366 27.36 46.06 -3.89
N VAL A 367 27.56 47.02 -4.79
CA VAL A 367 28.59 48.03 -4.56
C VAL A 367 28.20 48.99 -3.44
N VAL A 368 26.94 49.42 -3.45
CA VAL A 368 26.42 50.22 -2.35
C VAL A 368 26.55 49.52 -1.00
N LEU A 369 26.22 48.23 -0.94
CA LEU A 369 26.32 47.51 0.34
C LEU A 369 27.77 47.36 0.81
N ALA A 370 28.69 47.22 -0.13
CA ALA A 370 30.09 47.02 0.19
C ALA A 370 30.69 48.26 0.89
N GLN A 371 30.15 49.45 0.60
CA GLN A 371 30.60 50.69 1.23
C GLN A 371 29.89 51.03 2.54
N CYS A 372 28.81 50.32 2.84
CA CYS A 372 28.06 50.55 4.07
C CYS A 372 28.86 49.99 5.23
N ARG A 373 28.88 50.68 6.36
CA ARG A 373 29.58 50.17 7.52
C ARG A 373 28.67 49.80 8.69
N VAL A 374 27.37 50.08 8.58
CA VAL A 374 26.41 49.79 9.64
C VAL A 374 25.36 48.76 9.16
N LEU A 375 24.80 49.02 7.99
CA LEU A 375 23.76 48.18 7.39
C LEU A 375 24.26 46.78 7.01
N MET A 376 23.53 45.74 7.41
CA MET A 376 23.77 44.40 6.87
C MET A 376 22.46 44.00 6.19
N ALA A 377 22.51 43.88 4.87
CA ALA A 377 21.32 43.56 4.08
C ALA A 377 21.74 42.72 2.88
N SER A 378 20.95 42.72 1.80
CA SER A 378 21.27 41.87 0.65
C SER A 378 20.78 42.52 -0.62
N VAL A 379 21.04 41.89 -1.76
CA VAL A 379 20.48 42.37 -3.03
C VAL A 379 19.44 41.38 -3.59
N GLY A 380 19.18 40.32 -2.84
CA GLY A 380 18.24 39.29 -3.24
C GLY A 380 18.35 38.11 -2.30
N ALA A 381 18.04 36.90 -2.79
CA ALA A 381 18.07 35.69 -1.96
C ALA A 381 19.50 35.41 -1.50
N ALA A 382 19.67 35.09 -0.22
CA ALA A 382 20.99 34.79 0.37
C ALA A 382 21.72 33.75 -0.46
N CSS A 383 20.98 32.70 -0.85
CA CSS A 383 21.51 31.59 -1.65
CB CSS A 383 20.55 30.36 -1.66
SG CSS A 383 18.88 30.56 -2.26
SD CSS A 383 17.63 30.87 -0.65
C CSS A 383 21.96 31.96 -3.06
O CSS A 383 22.66 31.16 -3.71
N HIS A 384 21.59 33.15 -3.55
CA HIS A 384 22.06 33.61 -4.88
C HIS A 384 23.20 34.65 -4.78
N SER A 385 23.79 34.76 -3.60
CA SER A 385 24.85 35.71 -3.34
C SER A 385 26.08 35.42 -4.20
N GLN A 390 25.04 40.42 -11.42
CA GLN A 390 23.88 40.33 -12.30
C GLN A 390 22.60 40.65 -11.51
N PRO A 391 21.61 41.27 -12.17
CA PRO A 391 20.39 41.60 -11.45
C PRO A 391 19.61 40.35 -11.09
N SER A 392 18.81 40.45 -10.03
CA SER A 392 17.93 39.36 -9.60
C SER A 392 16.98 38.92 -10.70
N PRO A 393 16.98 37.63 -11.05
CA PRO A 393 16.02 37.10 -12.01
C PRO A 393 14.59 37.33 -11.55
N VAL A 394 14.39 37.19 -10.26
CA VAL A 394 13.10 37.47 -9.66
C VAL A 394 12.64 38.91 -9.93
N LEU A 395 13.46 39.93 -9.66
CA LEU A 395 13.05 41.31 -9.95
C LEU A 395 12.75 41.53 -11.42
N LEU A 396 13.59 40.97 -12.28
CA LEU A 396 13.33 41.06 -13.72
C LEU A 396 11.98 40.40 -14.06
N SER A 397 11.65 39.30 -13.39
CA SER A 397 10.36 38.66 -13.61
C SER A 397 9.20 39.54 -13.16
N TYR A 398 9.46 40.40 -12.17
CA TYR A 398 8.45 41.36 -11.75
C TYR A 398 8.31 42.52 -12.72
N GLY A 399 9.15 42.55 -13.76
CA GLY A 399 9.06 43.58 -14.77
C GLY A 399 9.79 44.83 -14.35
N VAL A 400 10.65 44.72 -13.34
CA VAL A 400 11.50 45.83 -12.93
C VAL A 400 12.51 46.07 -14.04
N PRO A 401 12.59 47.31 -14.57
CA PRO A 401 13.53 47.52 -15.69
C PRO A 401 14.94 47.25 -15.23
N PHE A 402 15.80 46.89 -16.16
CA PHE A 402 17.12 46.42 -15.82
C PHE A 402 17.93 47.50 -15.07
N ASP A 403 17.81 48.76 -15.51
CA ASP A 403 18.59 49.84 -14.88
C ASP A 403 18.24 49.98 -13.39
N VAL A 404 16.99 49.69 -13.05
CA VAL A 404 16.50 49.78 -11.68
C VAL A 404 16.91 48.52 -10.91
N ALA A 405 16.67 47.37 -11.52
CA ALA A 405 16.92 46.08 -10.89
C ALA A 405 18.39 45.97 -10.52
N ARG A 406 19.24 46.52 -11.37
CA ARG A 406 20.69 46.52 -11.13
C ARG A 406 21.05 47.24 -9.81
N ASN A 407 20.27 48.24 -9.44
CA ASN A 407 20.54 49.06 -8.26
C ASN A 407 19.75 48.63 -7.02
N ALA A 408 19.06 47.49 -7.11
CA ALA A 408 18.13 47.11 -6.05
C ALA A 408 18.84 46.56 -4.82
N LEU A 409 18.32 46.92 -3.67
CA LEU A 409 18.77 46.48 -2.36
C LEU A 409 17.55 45.90 -1.66
N ARG A 410 17.70 44.79 -0.94
CA ARG A 410 16.62 44.24 -0.18
C ARG A 410 16.90 44.50 1.30
N LEU A 411 16.12 45.37 1.92
CA LEU A 411 16.13 45.54 3.38
C LEU A 411 14.87 44.92 3.99
N SER A 412 15.03 44.08 4.99
CA SER A 412 13.90 43.40 5.61
C SER A 412 14.12 43.51 7.11
N VAL A 413 13.20 44.15 7.79
CA VAL A 413 13.39 44.45 9.20
C VAL A 413 12.81 43.35 10.07
N GLY A 414 13.06 43.43 11.37
CA GLY A 414 12.54 42.41 12.26
C GLY A 414 11.99 42.93 13.57
N ARG A 415 11.87 42.00 14.50
CA ARG A 415 11.19 42.24 15.77
C ARG A 415 11.82 43.33 16.63
N SER A 416 13.15 43.36 16.63
CA SER A 416 13.92 44.26 17.54
C SER A 416 14.36 45.54 16.85
N THR A 417 14.15 45.62 15.54
CA THR A 417 14.60 46.75 14.74
C THR A 417 13.89 48.03 15.21
N THR A 418 14.65 49.09 15.45
CA THR A 418 14.09 50.36 15.90
C THR A 418 14.23 51.48 14.86
N ARG A 419 13.38 52.50 15.03
CA ARG A 419 13.50 53.72 14.24
C ARG A 419 14.90 54.35 14.33
N ALA A 420 15.52 54.37 15.51
CA ALA A 420 16.88 54.94 15.61
C ALA A 420 17.83 54.14 14.70
N GLU A 421 17.63 52.83 14.66
CA GLU A 421 18.42 51.98 13.77
C GLU A 421 18.18 52.29 12.30
N VAL A 422 16.93 52.63 11.95
CA VAL A 422 16.62 53.08 10.59
C VAL A 422 17.41 54.34 10.28
N ASP A 423 17.47 55.27 11.25
CA ASP A 423 18.18 56.52 11.05
C ASP A 423 19.66 56.24 10.83
N LEU A 424 20.24 55.38 11.64
CA LEU A 424 21.64 54.96 11.44
C LEU A 424 21.89 54.34 10.07
N VAL A 425 20.93 53.57 9.58
CA VAL A 425 21.10 52.89 8.31
C VAL A 425 20.99 53.88 7.16
N VAL A 426 20.12 54.86 7.29
CA VAL A 426 19.87 55.78 6.20
C VAL A 426 21.07 56.76 6.07
N GLN A 427 21.68 57.17 7.17
CA GLN A 427 22.95 57.94 7.13
C GLN A 427 24.09 57.13 6.53
N ASP A 428 24.12 55.84 6.86
CA ASP A 428 25.13 54.92 6.34
C ASP A 428 25.01 54.84 4.83
N LEU A 429 23.78 54.72 4.34
CA LEU A 429 23.53 54.71 2.91
C LEU A 429 23.91 56.05 2.28
N LYS A 430 23.58 57.14 2.98
CA LYS A 430 23.93 58.48 2.50
C LYS A 430 25.44 58.58 2.25
N GLN A 431 26.27 58.21 3.24
CA GLN A 431 27.74 58.32 3.07
C GLN A 431 28.29 57.40 1.98
N ALA A 432 27.65 56.24 1.82
CA ALA A 432 28.12 55.22 0.88
C ALA A 432 27.89 55.66 -0.57
N VAL A 433 26.71 56.24 -0.82
CA VAL A 433 26.37 56.80 -2.12
C VAL A 433 27.29 57.98 -2.44
N ALA A 434 27.51 58.85 -1.45
CA ALA A 434 28.44 59.99 -1.59
C ALA A 434 29.83 59.52 -1.96
N GLN A 435 30.31 58.47 -1.29
CA GLN A 435 31.61 57.85 -1.58
C GLN A 435 31.75 57.41 -3.03
N LEU A 436 30.75 56.69 -3.53
CA LEU A 436 30.75 56.17 -4.90
C LEU A 436 30.58 57.25 -5.97
N GLU A 437 29.99 58.38 -5.60
CA GLU A 437 29.73 59.46 -6.55
C GLU A 437 30.93 60.38 -6.84
N ASP A 438 31.96 60.35 -6.02
CA ASP A 438 33.13 61.22 -6.21
C ASP A 438 34.00 60.89 -7.44
N LYS B 26 18.94 4.51 38.57
CA LYS B 26 18.66 3.98 37.17
C LYS B 26 19.91 3.85 36.32
N VAL B 27 20.03 2.76 35.56
CA VAL B 27 21.22 2.52 34.77
C VAL B 27 20.85 2.29 33.29
N TYR B 28 21.38 3.14 32.42
CA TYR B 28 21.03 3.09 30.98
C TYR B 28 21.96 2.11 30.27
N MET B 29 21.38 1.08 29.64
CA MET B 29 22.11 0.20 28.75
C MET B 29 21.33 0.02 27.42
N ASP B 30 20.94 1.14 26.83
CA ASP B 30 20.38 1.14 25.48
C ASP B 30 21.09 2.12 24.55
N TYR B 31 22.41 2.22 24.65
CA TYR B 31 23.13 3.16 23.81
C TYR B 31 23.06 2.92 22.29
N ASN B 32 22.79 1.69 21.86
CA ASN B 32 22.55 1.38 20.44
C ASN B 32 21.25 2.06 19.92
N ALA B 33 20.29 2.32 20.82
CA ALA B 33 19.08 3.06 20.43
C ALA B 33 19.37 4.54 20.25
N THR B 34 20.05 5.12 21.24
CA THR B 34 20.50 6.50 21.16
C THR B 34 21.43 6.75 22.33
N THR B 35 22.26 7.76 22.16
CA THR B 35 23.18 8.21 23.17
C THR B 35 22.72 9.58 23.66
N PRO B 36 23.04 9.91 24.92
CA PRO B 36 23.00 11.32 25.29
C PRO B 36 24.07 12.13 24.61
N LEU B 37 23.98 13.44 24.76
CA LEU B 37 24.92 14.35 24.12
C LEU B 37 26.11 14.55 25.02
N GLU B 38 27.32 14.54 24.48
CA GLU B 38 28.45 14.94 25.29
C GLU B 38 28.31 16.44 25.70
N PRO B 39 28.76 16.80 26.91
CA PRO B 39 28.72 18.19 27.33
C PRO B 39 29.34 19.16 26.34
N GLU B 40 30.48 18.77 25.79
N GLU B 40 30.49 18.82 25.77
CA GLU B 40 31.22 19.58 24.81
CA GLU B 40 31.16 19.72 24.85
C GLU B 40 30.39 19.80 23.56
C GLU B 40 30.43 19.80 23.50
N VAL B 41 29.70 18.75 23.16
CA VAL B 41 28.79 18.77 22.01
C VAL B 41 27.66 19.78 22.22
N ILE B 42 27.06 19.75 23.40
CA ILE B 42 26.03 20.70 23.71
C ILE B 42 26.56 22.12 23.65
N GLN B 43 27.73 22.36 24.25
CA GLN B 43 28.29 23.70 24.19
C GLN B 43 28.56 24.17 22.76
N ALA B 44 29.09 23.30 21.90
CA ALA B 44 29.30 23.70 20.48
C ALA B 44 28.02 24.15 19.83
N MET B 45 26.95 23.40 20.13
CA MET B 45 25.65 23.72 19.59
C MET B 45 25.05 25.00 20.15
N THR B 46 25.04 25.15 21.48
CA THR B 46 24.49 26.37 22.06
C THR B 46 25.29 27.59 21.65
N LYS B 47 26.61 27.48 21.61
CA LYS B 47 27.40 28.62 21.12
C LYS B 47 26.99 29.04 19.69
N ALA B 48 26.76 28.04 18.83
CA ALA B 48 26.40 28.33 17.44
C ALA B 48 24.99 28.93 17.38
N MET B 49 24.09 28.45 18.22
CA MET B 49 22.76 29.04 18.33
C MET B 49 22.80 30.54 18.58
N TRP B 50 23.58 30.96 19.57
CA TRP B 50 23.67 32.37 19.97
C TRP B 50 24.54 33.25 19.03
N GLU B 51 25.67 32.71 18.56
CA GLU B 51 26.70 33.52 17.94
C GLU B 51 26.84 33.33 16.43
N ALA B 52 26.36 32.21 15.89
CA ALA B 52 26.60 31.82 14.48
C ALA B 52 25.28 31.53 13.77
N TRP B 53 24.35 32.49 13.90
CA TRP B 53 22.95 32.34 13.52
C TRP B 53 22.73 32.79 12.07
N GLY B 54 23.72 33.46 11.49
CA GLY B 54 23.59 34.04 10.17
C GLY B 54 23.46 33.02 9.07
N ASN B 55 22.90 33.44 7.95
CA ASN B 55 22.78 32.53 6.84
C ASN B 55 24.21 32.24 6.36
N PRO B 56 24.57 30.96 6.20
CA PRO B 56 25.93 30.63 5.81
C PRO B 56 26.26 31.06 4.38
N SER B 57 25.21 31.25 3.57
CA SER B 57 25.35 31.64 2.17
C SER B 57 25.63 33.16 2.06
N SER B 58 25.50 33.87 3.16
CA SER B 58 25.56 35.31 3.19
C SER B 58 26.95 35.76 3.60
N PRO B 59 27.35 36.98 3.32
CA PRO B 59 28.62 37.48 3.92
C PRO B 59 28.71 38.51 5.03
N TYR B 60 28.88 38.11 6.28
CA TYR B 60 28.87 39.05 7.37
C TYR B 60 29.02 38.38 8.80
N SER B 61 29.14 39.12 9.88
CA SER B 61 29.58 38.41 11.05
C SER B 61 28.92 37.03 11.31
N ALA B 62 27.60 37.02 11.50
CA ALA B 62 26.97 35.90 12.17
C ALA B 62 26.97 34.80 11.16
N GLY B 63 27.33 35.14 9.93
CA GLY B 63 27.22 34.31 8.76
C GLY B 63 28.49 33.73 8.22
N ARG B 64 29.57 34.49 8.29
CA ARG B 64 30.91 33.95 8.19
C ARG B 64 31.22 33.04 9.33
N LYS B 65 30.87 33.42 10.52
CA LYS B 65 30.98 32.54 11.65
C LYS B 65 30.30 31.21 11.34
N ALA B 66 29.12 31.25 10.72
CA ALA B 66 28.40 30.01 10.42
C ALA B 66 29.16 29.16 9.40
N LYS B 67 29.55 29.77 8.29
CA LYS B 67 30.25 29.04 7.23
C LYS B 67 31.55 28.47 7.79
N ASP B 68 32.25 29.22 8.62
CA ASP B 68 33.46 28.71 9.31
C ASP B 68 33.20 27.47 10.10
N ILE B 69 32.10 27.46 10.84
CA ILE B 69 31.75 26.34 11.71
C ILE B 69 31.50 25.09 10.87
N ILE B 70 30.75 25.30 9.80
CA ILE B 70 30.37 24.22 8.88
C ILE B 70 31.61 23.61 8.21
N ASN B 71 32.52 24.47 7.73
CA ASN B 71 33.78 23.99 7.16
C ASN B 71 34.60 23.19 8.17
N ALA B 72 34.68 23.66 9.41
CA ALA B 72 35.49 22.99 10.39
C ALA B 72 34.86 21.65 10.75
N ALA B 73 33.54 21.63 10.88
CA ALA B 73 32.82 20.39 11.15
C ALA B 73 33.03 19.37 10.03
N ARG B 74 33.07 19.84 8.79
CA ARG B 74 33.22 18.93 7.66
C ARG B 74 34.60 18.27 7.74
N GLU B 75 35.61 19.05 8.08
CA GLU B 75 36.92 18.51 8.27
C GLU B 75 36.96 17.51 9.41
N SER B 76 36.28 17.79 10.51
CA SER B 76 36.19 16.85 11.62
C SER B 76 35.57 15.50 11.26
N LEU B 77 34.50 15.52 10.48
CA LEU B 77 33.86 14.28 10.07
C LEU B 77 34.81 13.48 9.17
N ALA B 78 35.47 14.19 8.25
CA ALA B 78 36.46 13.54 7.36
C ALA B 78 37.55 12.84 8.19
N LYS B 79 38.09 13.55 9.18
CA LYS B 79 39.13 13.01 10.06
C LYS B 79 38.70 11.79 10.84
N MET B 80 37.47 11.78 11.34
CA MET B 80 36.92 10.64 12.05
C MET B 80 36.87 9.38 11.21
N ILE B 81 36.62 9.52 9.90
CA ILE B 81 36.54 8.33 9.04
C ILE B 81 37.74 8.11 8.09
N GLY B 82 38.77 8.92 8.25
CA GLY B 82 39.97 8.80 7.46
C GLY B 82 39.79 9.21 6.03
N GLY B 83 38.93 10.21 5.79
CA GLY B 83 38.59 10.67 4.45
C GLY B 83 38.97 12.12 4.32
N LYS B 84 38.46 12.75 3.27
CA LYS B 84 38.64 14.18 3.00
C LYS B 84 37.33 14.90 3.03
N PRO B 85 37.36 16.19 3.35
CA PRO B 85 36.10 16.89 3.60
C PRO B 85 35.29 17.03 2.33
N GLN B 86 35.97 17.10 1.20
CA GLN B 86 35.30 17.16 -0.11
C GLN B 86 34.33 15.98 -0.33
N ASP B 87 34.55 14.86 0.36
CA ASP B 87 33.74 13.67 0.19
C ASP B 87 32.59 13.56 1.24
N ILE B 88 32.37 14.63 2.03
CA ILE B 88 31.36 14.63 3.08
C ILE B 88 30.24 15.65 2.77
N ILE B 89 28.99 15.18 2.81
CA ILE B 89 27.84 16.07 2.80
C ILE B 89 27.03 15.85 4.09
N PHE B 90 26.41 16.92 4.58
CA PHE B 90 25.58 16.87 5.76
C PHE B 90 24.14 16.56 5.39
N THR B 91 23.50 15.75 6.20
CA THR B 91 22.13 15.33 5.97
C THR B 91 21.32 15.44 7.26
N SER B 92 19.99 15.18 7.18
CA SER B 92 19.18 15.32 8.37
C SER B 92 19.28 14.11 9.28
N GLY B 93 19.97 13.06 8.86
CA GLY B 93 20.09 11.87 9.65
C GLY B 93 20.37 10.63 8.87
N GLY B 94 20.43 9.50 9.58
CA GLY B 94 20.83 8.28 8.91
C GLY B 94 19.79 7.84 7.90
N THR B 95 18.51 8.08 8.19
CA THR B 95 17.45 7.71 7.26
C THR B 95 17.59 8.43 5.92
N GLU B 96 17.79 9.74 5.98
CA GLU B 96 18.02 10.48 4.74
C GLU B 96 19.28 9.97 4.01
N SER B 97 20.38 9.83 4.73
CA SER B 97 21.63 9.33 4.09
C SER B 97 21.52 7.98 3.37
N ASN B 98 20.86 7.01 4.03
CA ASN B 98 20.61 5.70 3.47
C ASN B 98 19.65 5.76 2.30
N ASN B 99 18.56 6.51 2.42
CA ASN B 99 17.62 6.66 1.30
C ASN B 99 18.29 7.35 0.10
N LEU B 100 19.14 8.32 0.39
CA LEU B 100 19.83 9.08 -0.67
C LEU B 100 20.73 8.19 -1.51
N VAL B 101 21.44 7.28 -0.87
CA VAL B 101 22.31 6.33 -1.59
C VAL B 101 21.52 5.46 -2.57
N ILE B 102 20.41 4.91 -2.07
CA ILE B 102 19.56 4.02 -2.86
C ILE B 102 18.95 4.77 -4.02
N HIS B 103 18.41 5.95 -3.72
CA HIS B 103 17.79 6.83 -4.69
C HIS B 103 18.77 7.17 -5.79
N SER B 104 19.99 7.52 -5.41
CA SER B 104 21.00 7.94 -6.36
C SER B 104 21.33 6.82 -7.37
N VAL B 105 21.42 5.59 -6.86
CA VAL B 105 21.80 4.43 -7.68
C VAL B 105 20.70 4.19 -8.70
N VAL B 106 19.45 4.32 -8.30
CA VAL B 106 18.35 4.14 -9.23
C VAL B 106 18.40 5.24 -10.28
N LYS B 107 18.51 6.49 -9.84
CA LYS B 107 18.54 7.60 -10.82
C LYS B 107 19.69 7.47 -11.84
N HIS B 108 20.85 7.07 -11.35
CA HIS B 108 22.01 6.90 -12.20
C HIS B 108 21.74 5.88 -13.26
N PHE B 109 21.08 4.79 -12.86
CA PHE B 109 20.73 3.71 -13.78
C PHE B 109 19.78 4.21 -14.85
N HIS B 110 18.75 4.93 -14.42
CA HIS B 110 17.82 5.58 -15.36
C HIS B 110 18.53 6.57 -16.30
N ALA B 111 19.43 7.39 -15.77
CA ALA B 111 20.21 8.32 -16.61
C ALA B 111 21.01 7.59 -17.68
N ASN B 112 21.63 6.47 -17.30
CA ASN B 112 22.44 5.67 -18.23
C ASN B 112 21.58 5.08 -19.35
N GLN B 113 20.41 4.58 -18.98
CA GLN B 113 19.58 3.90 -19.95
C GLN B 113 18.93 4.88 -20.95
N THR B 114 18.51 6.05 -20.48
CA THR B 114 17.93 7.05 -21.38
C THR B 114 19.05 7.73 -22.20
N SER B 115 20.04 6.94 -22.61
CA SER B 115 20.98 7.28 -23.65
C SER B 115 21.62 5.96 -24.11
N GLY B 128 12.88 -3.08 -20.68
CA GLY B 128 12.71 -2.59 -19.31
C GLY B 128 13.70 -3.21 -18.34
N ALA B 129 15.00 -2.91 -18.52
CA ALA B 129 16.04 -3.29 -17.56
C ALA B 129 15.87 -2.47 -16.27
N LYS B 130 16.15 -3.09 -15.13
CA LYS B 130 16.02 -2.46 -13.82
C LYS B 130 17.29 -2.67 -13.03
N PRO B 131 17.64 -1.71 -12.17
CA PRO B 131 18.85 -1.88 -11.39
C PRO B 131 18.65 -2.95 -10.34
N HIS B 132 19.74 -3.60 -9.96
CA HIS B 132 19.74 -4.64 -8.96
C HIS B 132 20.62 -4.25 -7.76
N PHE B 133 20.11 -4.53 -6.57
CA PHE B 133 20.78 -4.24 -5.33
C PHE B 133 21.05 -5.54 -4.60
N ILE B 134 22.18 -5.63 -3.90
CA ILE B 134 22.44 -6.75 -3.01
C ILE B 134 22.64 -6.19 -1.61
N THR B 135 21.92 -6.76 -0.65
CA THR B 135 21.99 -6.33 0.73
C THR B 135 21.85 -7.53 1.67
N SER B 136 21.79 -7.29 2.96
CA SER B 136 21.62 -8.37 3.93
C SER B 136 20.18 -8.44 4.47
N SER B 137 19.91 -9.53 5.19
CA SER B 137 18.60 -9.80 5.74
C SER B 137 18.39 -9.14 7.10
N VAL B 138 19.39 -8.40 7.61
CA VAL B 138 19.34 -7.81 8.95
C VAL B 138 19.58 -6.30 8.98
N GLU B 139 19.40 -5.65 7.82
CA GLU B 139 19.57 -4.21 7.73
C GLU B 139 18.52 -3.43 8.55
N HIS B 140 18.89 -2.21 8.91
CA HIS B 140 18.00 -1.25 9.54
C HIS B 140 16.89 -0.96 8.57
N ASP B 141 15.75 -0.54 9.11
CA ASP B 141 14.55 -0.19 8.35
C ASP B 141 14.87 0.84 7.28
N SER B 142 15.86 1.71 7.47
CA SER B 142 16.11 2.74 6.46
C SER B 142 16.96 2.23 5.25
N ILE B 143 17.34 0.96 5.27
CA ILE B 143 17.89 0.28 4.07
C ILE B 143 16.88 -0.76 3.60
N ARG B 144 16.41 -1.57 4.54
CA ARG B 144 15.46 -2.63 4.12
C ARG B 144 14.19 -2.07 3.46
N LEU B 145 13.56 -1.09 4.09
CA LEU B 145 12.28 -0.62 3.57
C LEU B 145 12.34 0.13 2.26
N PRO B 146 13.32 1.04 2.06
CA PRO B 146 13.33 1.63 0.71
C PRO B 146 13.56 0.55 -0.40
N LEU B 147 14.39 -0.45 -0.12
CA LEU B 147 14.62 -1.54 -1.07
C LEU B 147 13.36 -2.37 -1.29
N GLU B 148 12.62 -2.69 -0.21
CA GLU B 148 11.34 -3.38 -0.38
C GLU B 148 10.36 -2.57 -1.23
N HIS B 149 10.33 -1.28 -1.00
CA HIS B 149 9.45 -0.40 -1.74
C HIS B 149 9.78 -0.43 -3.23
N LEU B 150 11.07 -0.38 -3.55
CA LEU B 150 11.49 -0.49 -4.96
C LEU B 150 11.09 -1.83 -5.60
N VAL B 151 11.12 -2.92 -4.83
CA VAL B 151 10.67 -4.21 -5.36
C VAL B 151 9.18 -4.18 -5.64
N GLU B 152 8.42 -3.70 -4.67
CA GLU B 152 6.95 -3.55 -4.76
C GLU B 152 6.55 -2.69 -5.93
N GLU B 153 7.25 -1.59 -6.15
CA GLU B 153 6.92 -0.69 -7.26
C GLU B 153 7.52 -1.13 -8.60
N GLN B 154 8.24 -2.26 -8.62
CA GLN B 154 8.85 -2.79 -9.85
C GLN B 154 9.87 -1.81 -10.47
N VAL B 155 10.48 -1.02 -9.59
CA VAL B 155 11.57 -0.11 -9.98
C VAL B 155 12.94 -0.80 -9.92
N ALA B 156 13.15 -1.75 -9.00
CA ALA B 156 14.45 -2.41 -8.86
C ALA B 156 14.29 -3.87 -8.47
N ALA B 157 15.34 -4.66 -8.65
CA ALA B 157 15.42 -6.01 -8.14
C ALA B 157 16.39 -5.98 -6.96
N VAL B 158 16.11 -6.77 -5.94
CA VAL B 158 16.91 -6.81 -4.76
C VAL B 158 17.13 -8.23 -4.30
N THR B 159 18.37 -8.55 -3.97
CA THR B 159 18.67 -9.79 -3.27
C THR B 159 18.98 -9.48 -1.82
N PHE B 160 18.17 -10.03 -0.90
CA PHE B 160 18.44 -9.96 0.52
C PHE B 160 19.20 -11.21 0.91
N VAL B 161 20.50 -11.10 1.12
CA VAL B 161 21.33 -12.25 1.36
C VAL B 161 21.20 -12.66 2.83
N PRO B 162 20.86 -13.93 3.10
CA PRO B 162 20.75 -14.35 4.49
C PRO B 162 22.10 -14.39 5.23
N VAL B 163 22.08 -14.22 6.54
CA VAL B 163 23.28 -14.45 7.36
C VAL B 163 23.40 -15.93 7.75
N SER B 164 24.62 -16.44 7.71
CA SER B 164 24.91 -17.79 8.17
C SER B 164 24.57 -17.94 9.66
N LYS B 165 23.92 -19.05 10.03
CA LYS B 165 23.67 -19.27 11.45
C LYS B 165 24.97 -19.75 12.17
N VAL B 166 26.05 -19.99 11.41
CA VAL B 166 27.35 -20.37 11.97
C VAL B 166 28.21 -19.15 12.39
N SER B 167 28.37 -18.18 11.49
CA SER B 167 29.27 -17.04 11.72
C SER B 167 28.49 -15.78 12.04
N GLY B 168 27.19 -15.77 11.72
CA GLY B 168 26.35 -14.62 12.00
C GLY B 168 26.58 -13.47 11.03
N GLN B 169 27.31 -13.74 9.95
CA GLN B 169 27.61 -12.75 8.97
C GLN B 169 26.99 -13.16 7.64
N THR B 170 26.74 -12.19 6.76
CA THR B 170 26.50 -12.52 5.36
C THR B 170 27.81 -13.01 4.78
N GLU B 171 27.81 -14.24 4.27
CA GLU B 171 28.96 -14.79 3.56
C GLU B 171 29.29 -13.99 2.29
N VAL B 172 30.53 -13.52 2.20
CA VAL B 172 30.96 -12.75 1.06
C VAL B 172 30.77 -13.54 -0.25
N ASP B 173 31.00 -14.86 -0.21
CA ASP B 173 30.75 -15.70 -1.38
C ASP B 173 29.31 -15.56 -1.88
N ASP B 174 28.36 -15.50 -0.96
CA ASP B 174 26.93 -15.43 -1.31
C ASP B 174 26.58 -14.06 -1.92
N ILE B 175 27.25 -13.02 -1.42
CA ILE B 175 27.09 -11.68 -1.99
C ILE B 175 27.57 -11.67 -3.42
N LEU B 176 28.80 -12.14 -3.65
CA LEU B 176 29.34 -12.18 -5.01
C LEU B 176 28.51 -13.12 -5.93
N ALA B 177 27.97 -14.21 -5.38
CA ALA B 177 27.10 -15.15 -6.14
C ALA B 177 25.78 -14.53 -6.55
N ALA B 178 25.37 -13.49 -5.83
CA ALA B 178 24.13 -12.79 -6.13
C ALA B 178 24.27 -11.75 -7.26
N VAL B 179 25.50 -11.53 -7.72
CA VAL B 179 25.74 -10.52 -8.74
C VAL B 179 25.10 -10.84 -10.07
N ARG B 180 24.49 -9.81 -10.66
CA ARG B 180 23.84 -9.84 -11.96
C ARG B 180 24.46 -8.78 -12.87
N PRO B 181 24.18 -8.85 -14.18
CA PRO B 181 24.62 -7.76 -15.05
C PRO B 181 24.11 -6.39 -14.59
N THR B 182 22.88 -6.37 -14.09
CA THR B 182 22.18 -5.16 -13.65
C THR B 182 22.51 -4.73 -12.22
N THR B 183 23.32 -5.52 -11.52
CA THR B 183 23.74 -5.14 -10.16
C THR B 183 24.47 -3.79 -10.18
N ARG B 184 24.03 -2.88 -9.31
CA ARG B 184 24.65 -1.56 -9.22
C ARG B 184 25.09 -1.15 -7.82
N LEU B 185 24.60 -1.82 -6.80
CA LEU B 185 24.99 -1.47 -5.44
C LEU B 185 24.96 -2.68 -4.53
N VAL B 186 26.00 -2.82 -3.74
CA VAL B 186 26.01 -3.71 -2.59
C VAL B 186 25.96 -2.78 -1.35
N THR B 187 24.98 -2.99 -0.47
CA THR B 187 24.89 -2.23 0.75
C THR B 187 24.79 -3.21 1.89
N ILE B 188 25.77 -3.17 2.79
CA ILE B 188 25.86 -4.11 3.93
C ILE B 188 26.28 -3.31 5.15
N MET B 189 25.47 -3.35 6.21
CA MET B 189 25.72 -2.58 7.41
C MET B 189 27.01 -3.04 8.06
N LEU B 190 27.75 -2.10 8.57
CA LEU B 190 29.07 -2.41 9.10
C LEU B 190 28.96 -3.19 10.42
N ALA B 191 27.99 -2.82 11.24
CA ALA B 191 27.68 -3.53 12.52
C ALA B 191 26.18 -3.55 12.67
N ASN B 192 25.66 -4.66 13.15
CA ASN B 192 24.22 -4.81 13.36
C ASN B 192 23.79 -4.22 14.69
N ASN B 193 22.63 -3.56 14.72
CA ASN B 193 22.22 -2.81 15.92
C ASN B 193 21.69 -3.70 17.03
N GLU B 194 21.19 -4.86 16.63
CA GLU B 194 20.57 -5.82 17.52
C GLU B 194 21.57 -6.73 18.22
N THR B 195 22.49 -7.24 17.42
CA THR B 195 23.43 -8.23 17.91
C THR B 195 24.83 -7.66 18.11
N GLY B 196 25.12 -6.52 17.49
CA GLY B 196 26.52 -6.01 17.49
C GLY B 196 27.46 -6.64 16.49
N ILE B 197 27.01 -7.64 15.76
CA ILE B 197 27.93 -8.40 14.92
C ILE B 197 28.46 -7.51 13.80
N VAL B 198 29.77 -7.54 13.57
CA VAL B 198 30.41 -6.77 12.55
C VAL B 198 30.48 -7.59 11.23
N MET B 199 30.14 -6.94 10.13
CA MET B 199 30.14 -7.57 8.82
C MET B 199 31.50 -7.37 8.16
N PRO B 200 31.88 -8.27 7.22
CA PRO B 200 33.17 -8.26 6.52
C PRO B 200 33.23 -7.26 5.38
N VAL B 201 32.94 -5.99 5.67
CA VAL B 201 32.88 -4.93 4.64
C VAL B 201 34.22 -4.75 3.88
N PRO B 202 35.37 -4.76 4.57
CA PRO B 202 36.60 -4.66 3.77
C PRO B 202 36.72 -5.78 2.70
N GLU B 203 36.41 -7.03 3.06
CA GLU B 203 36.49 -8.17 2.11
C GLU B 203 35.51 -7.98 0.94
N ILE B 204 34.30 -7.55 1.28
CA ILE B 204 33.26 -7.28 0.33
C ILE B 204 33.73 -6.25 -0.67
N SER B 205 34.21 -5.11 -0.18
CA SER B 205 34.68 -4.03 -1.07
C SER B 205 35.83 -4.51 -1.98
N GLN B 206 36.72 -5.33 -1.42
CA GLN B 206 37.89 -5.77 -2.17
C GLN B 206 37.50 -6.71 -3.30
N ARG B 207 36.60 -7.64 -2.99
CA ARG B 207 36.15 -8.63 -3.96
C ARG B 207 35.28 -7.98 -5.06
N ILE B 208 34.52 -6.95 -4.69
CA ILE B 208 33.73 -6.19 -5.68
C ILE B 208 34.64 -5.35 -6.60
N LYS B 209 35.66 -4.72 -6.03
CA LYS B 209 36.60 -3.94 -6.83
C LYS B 209 37.31 -4.81 -7.87
N ALA B 210 37.64 -6.03 -7.45
CA ALA B 210 38.26 -7.02 -8.32
C ALA B 210 37.30 -7.49 -9.39
N LEU B 211 36.04 -7.72 -9.01
CA LEU B 211 35.02 -8.10 -9.98
C LEU B 211 34.88 -6.96 -11.01
N ASN B 212 34.86 -5.73 -10.51
CA ASN B 212 34.63 -4.56 -11.35
C ASN B 212 35.64 -4.43 -12.52
N GLN B 213 36.90 -4.77 -12.29
CA GLN B 213 37.89 -4.78 -13.39
C GLN B 213 37.44 -5.65 -14.56
N GLU B 214 37.03 -6.87 -14.22
CA GLU B 214 36.47 -7.80 -15.19
C GLU B 214 35.16 -7.27 -15.78
N ARG B 215 34.26 -6.75 -14.95
CA ARG B 215 32.99 -6.24 -15.45
C ARG B 215 33.19 -5.14 -16.50
N VAL B 216 34.01 -4.15 -16.16
CA VAL B 216 34.17 -2.99 -17.05
C VAL B 216 34.73 -3.45 -18.39
N ALA B 217 35.68 -4.39 -18.35
CA ALA B 217 36.26 -4.99 -19.55
C ALA B 217 35.28 -5.84 -20.36
N ALA B 218 34.16 -6.26 -19.76
CA ALA B 218 33.04 -6.85 -20.53
C ALA B 218 31.88 -5.90 -20.82
N GLY B 219 32.05 -4.60 -20.59
CA GLY B 219 30.99 -3.64 -20.86
C GLY B 219 29.87 -3.66 -19.85
N LEU B 220 30.20 -4.14 -18.65
CA LEU B 220 29.26 -4.19 -17.52
C LEU B 220 29.68 -3.11 -16.52
N PRO B 221 28.75 -2.23 -16.09
CA PRO B 221 29.12 -1.12 -15.22
C PRO B 221 29.61 -1.57 -13.85
N PRO B 222 30.45 -0.76 -13.23
CA PRO B 222 30.98 -1.18 -11.94
C PRO B 222 29.92 -1.15 -10.84
N ILE B 223 30.08 -2.03 -9.87
CA ILE B 223 29.16 -2.14 -8.72
C ILE B 223 29.73 -1.25 -7.61
N LEU B 224 28.89 -0.40 -7.03
CA LEU B 224 29.28 0.48 -5.95
C LEU B 224 29.02 -0.24 -4.63
N VAL B 225 29.73 0.16 -3.57
CA VAL B 225 29.59 -0.48 -2.23
C VAL B 225 29.27 0.59 -1.22
N HIS B 226 28.19 0.39 -0.45
CA HIS B 226 27.82 1.27 0.65
C HIS B 226 27.80 0.46 1.96
N THR B 227 28.16 1.13 3.04
CA THR B 227 27.95 0.53 4.34
C THR B 227 27.27 1.54 5.21
N ASP B 228 26.23 1.07 5.90
CA ASP B 228 25.61 1.81 7.00
C ASP B 228 26.45 1.57 8.25
N ALA B 229 27.26 2.56 8.59
CA ALA B 229 28.16 2.50 9.71
C ALA B 229 27.60 3.06 10.96
N ALA B 230 26.29 3.21 11.06
CA ALA B 230 25.65 3.91 12.19
C ALA B 230 26.11 3.40 13.55
N GLN B 231 26.24 2.09 13.68
CA GLN B 231 26.46 1.46 14.98
C GLN B 231 27.91 1.26 15.32
N ALA B 232 28.81 1.48 14.37
CA ALA B 232 30.26 1.28 14.59
C ALA B 232 30.95 2.53 15.06
N LEU B 233 30.50 3.67 14.56
CA LEU B 233 31.19 4.93 14.80
C LEU B 233 31.29 5.26 16.31
N GLY B 234 32.48 5.59 16.74
CA GLY B 234 32.74 5.84 18.15
C GLY B 234 32.89 4.58 19.01
N LYS B 235 32.66 3.39 18.44
CA LYS B 235 32.83 2.13 19.18
C LYS B 235 34.05 1.35 18.70
N GLN B 236 34.45 1.56 17.45
CA GLN B 236 35.65 0.98 16.93
C GLN B 236 36.12 1.87 15.79
N ARG B 237 37.36 1.72 15.40
CA ARG B 237 37.91 2.51 14.33
C ARG B 237 37.14 2.21 13.02
N VAL B 238 36.75 3.31 12.35
CA VAL B 238 36.11 3.31 11.05
C VAL B 238 36.98 4.14 10.12
N ASP B 239 37.46 3.51 9.06
CA ASP B 239 38.39 4.17 8.15
C ASP B 239 37.98 3.78 6.72
N VAL B 240 37.68 4.78 5.91
CA VAL B 240 37.14 4.52 4.57
C VAL B 240 38.13 3.81 3.64
N GLU B 241 39.43 4.03 3.82
CA GLU B 241 40.40 3.33 3.01
C GLU B 241 40.50 1.82 3.38
N ASP B 242 40.46 1.51 4.67
CA ASP B 242 40.40 0.14 5.14
C ASP B 242 39.10 -0.55 4.68
N LEU B 243 37.99 0.19 4.74
CA LEU B 243 36.72 -0.38 4.39
C LEU B 243 36.52 -0.55 2.88
N GLY B 244 37.14 0.33 2.10
CA GLY B 244 37.13 0.26 0.63
C GLY B 244 35.82 0.73 0.00
N VAL B 245 34.91 1.24 0.84
CA VAL B 245 33.54 1.54 0.39
C VAL B 245 33.50 2.82 -0.46
N ASP B 246 32.46 2.91 -1.29
CA ASP B 246 32.17 4.13 -2.02
C ASP B 246 31.22 5.08 -1.30
N PHE B 247 30.35 4.54 -0.43
CA PHE B 247 29.41 5.33 0.36
C PHE B 247 29.42 4.87 1.79
N LEU B 248 29.20 5.79 2.73
CA LEU B 248 29.16 5.44 4.13
C LEU B 248 28.26 6.38 4.89
N THR B 249 27.28 5.80 5.62
CA THR B 249 26.34 6.58 6.38
C THR B 249 26.86 6.82 7.82
N ILE B 250 26.76 8.08 8.23
CA ILE B 250 27.14 8.56 9.54
C ILE B 250 25.90 9.08 10.30
N VAL B 251 25.72 8.67 11.56
CA VAL B 251 24.52 8.98 12.34
C VAL B 251 24.91 9.56 13.70
N GLY B 252 24.72 10.86 13.86
CA GLY B 252 25.26 11.57 15.02
C GLY B 252 24.77 11.03 16.35
N HIS B 253 23.51 10.64 16.43
CA HIS B 253 22.96 10.30 17.73
C HIS B 253 23.38 8.92 18.22
N LYS B 254 24.20 8.23 17.43
CA LYS B 254 24.79 6.99 17.87
C LYS B 254 26.14 7.20 18.54
N PHE B 255 26.74 8.38 18.37
CA PHE B 255 28.06 8.68 18.95
C PHE B 255 28.15 9.99 19.72
N TYR B 256 27.09 10.19 20.50
CA TYR B 256 26.96 11.29 21.44
C TYR B 256 26.87 12.64 20.77
N GLY B 257 26.34 12.63 19.55
CA GLY B 257 26.12 13.83 18.79
C GLY B 257 24.64 14.06 18.55
N PRO B 258 24.29 15.14 17.85
CA PRO B 258 22.92 15.50 17.59
C PRO B 258 22.24 14.61 16.55
N ARG B 259 20.92 14.72 16.51
CA ARG B 259 20.10 13.93 15.64
C ARG B 259 20.14 14.37 14.15
N ILE B 260 21.33 14.70 13.64
CA ILE B 260 21.54 14.81 12.19
C ILE B 260 22.60 13.80 11.75
N GLY B 261 22.91 13.81 10.47
CA GLY B 261 23.80 12.84 9.91
C GLY B 261 24.68 13.39 8.83
N ALA B 262 25.35 12.46 8.18
CA ALA B 262 26.14 12.78 7.03
C ALA B 262 26.30 11.55 6.16
N LEU B 263 26.78 11.80 4.94
CA LEU B 263 27.11 10.77 3.98
C LEU B 263 28.51 11.01 3.43
N TYR B 264 29.30 9.95 3.41
CA TYR B 264 30.61 9.97 2.75
C TYR B 264 30.37 9.40 1.36
N ILE B 265 30.90 10.07 0.36
CA ILE B 265 30.89 9.61 -1.02
C ILE B 265 32.31 9.70 -1.55
N ARG B 266 32.90 8.57 -1.91
CA ARG B 266 34.32 8.49 -2.29
C ARG B 266 34.53 9.31 -3.56
N GLY B 267 35.40 10.29 -3.49
CA GLY B 267 35.67 11.18 -4.62
C GLY B 267 34.40 11.79 -5.19
N LEU B 268 33.58 12.35 -4.32
CA LEU B 268 32.31 12.91 -4.68
C LEU B 268 32.43 13.87 -5.84
N GLY B 269 31.60 13.65 -6.85
CA GLY B 269 31.62 14.33 -8.17
C GLY B 269 32.41 13.45 -9.13
N GLU B 270 33.71 13.54 -8.92
CA GLU B 270 34.75 13.05 -9.79
C GLU B 270 34.74 11.52 -9.95
N PHE B 271 34.66 10.76 -8.86
CA PHE B 271 34.73 9.30 -8.94
C PHE B 271 33.43 8.59 -8.76
N THR B 272 32.68 8.95 -7.71
CA THR B 272 31.41 8.28 -7.43
C THR B 272 30.26 9.26 -7.71
N PRO B 273 29.29 8.87 -8.57
CA PRO B 273 28.20 9.78 -8.84
C PRO B 273 27.26 9.84 -7.66
N LEU B 274 26.65 10.99 -7.47
CA LEU B 274 25.56 11.17 -6.52
C LEU B 274 24.48 12.03 -7.18
N TYR B 275 23.29 11.45 -7.35
CA TYR B 275 22.14 12.14 -7.86
C TYR B 275 21.26 12.55 -6.68
N PRO B 276 21.04 13.85 -6.53
CA PRO B 276 20.29 14.30 -5.32
C PRO B 276 18.82 13.96 -5.32
N MET B 277 18.26 13.87 -4.11
CA MET B 277 16.82 13.70 -3.89
C MET B 277 16.13 15.04 -3.83
N LEU B 278 16.83 16.06 -3.34
CA LEU B 278 16.28 17.36 -3.12
C LEU B 278 16.84 18.42 -4.08
N PHE B 279 16.01 19.39 -4.43
CA PHE B 279 16.36 20.48 -5.35
C PHE B 279 16.06 21.79 -4.70
N GLY B 280 16.98 22.75 -4.87
CA GLY B 280 16.86 23.99 -4.12
C GLY B 280 18.13 24.82 -4.25
N GLY B 281 18.42 25.59 -3.19
CA GLY B 281 19.35 26.73 -3.30
C GLY B 281 20.85 26.52 -3.24
N GLY B 282 21.34 25.38 -3.68
CA GLY B 282 22.77 25.26 -3.94
C GLY B 282 23.66 24.79 -2.83
N GLN B 283 23.10 24.63 -1.62
CA GLN B 283 23.86 24.17 -0.50
C GLN B 283 24.37 22.76 -0.70
N GLU B 284 25.41 22.45 0.07
CA GLU B 284 26.11 21.18 -0.02
C GLU B 284 26.39 20.87 -1.47
N ARG B 285 26.83 21.89 -2.20
CA ARG B 285 27.26 21.72 -3.61
C ARG B 285 26.13 21.16 -4.48
N ASN B 286 24.91 21.49 -4.08
CA ASN B 286 23.70 21.08 -4.74
C ASN B 286 23.36 19.61 -4.62
N PHE B 287 24.18 18.87 -3.86
CA PHE B 287 23.89 17.45 -3.56
C PHE B 287 22.82 17.36 -2.47
N ARG B 288 22.74 18.36 -1.62
CA ARG B 288 21.77 18.37 -0.53
C ARG B 288 21.45 19.82 -0.20
N PRO B 289 20.61 20.45 -1.04
CA PRO B 289 20.24 21.83 -0.79
C PRO B 289 19.38 22.01 0.45
N GLY B 290 19.29 23.26 0.88
CA GLY B 290 18.55 23.68 2.06
C GLY B 290 19.48 24.45 2.97
N THR B 291 18.96 25.51 3.57
CA THR B 291 19.77 26.35 4.45
C THR B 291 20.38 25.45 5.55
N GLU B 292 21.68 25.58 5.78
CA GLU B 292 22.41 24.64 6.63
C GLU B 292 22.02 24.82 8.09
N ASN B 293 21.90 23.73 8.81
CA ASN B 293 21.54 23.75 10.25
C ASN B 293 22.81 23.87 11.10
N THR B 294 23.31 25.07 11.14
CA THR B 294 24.62 25.35 11.75
C THR B 294 24.80 24.74 13.13
N PRO B 295 23.84 24.94 14.04
CA PRO B 295 24.05 24.32 15.37
C PRO B 295 24.13 22.81 15.36
N MET B 296 23.29 22.15 14.58
CA MET B 296 23.38 20.70 14.47
C MET B 296 24.72 20.29 13.90
N ILE B 297 25.19 21.01 12.89
CA ILE B 297 26.46 20.70 12.26
C ILE B 297 27.61 20.90 13.20
N ALA B 298 27.59 22.01 13.97
CA ALA B 298 28.60 22.27 15.00
C ALA B 298 28.66 21.09 15.98
N GLY B 299 27.51 20.60 16.39
CA GLY B 299 27.50 19.47 17.30
C GLY B 299 28.00 18.18 16.73
N LEU B 300 27.61 17.89 15.51
CA LEU B 300 28.08 16.71 14.82
C LEU B 300 29.59 16.78 14.64
N GLY B 301 30.10 17.93 14.25
CA GLY B 301 31.55 18.11 14.16
C GLY B 301 32.28 17.90 15.48
N LYS B 302 31.72 18.40 16.56
CA LYS B 302 32.37 18.23 17.87
C LYS B 302 32.31 16.76 18.31
N ALA B 303 31.17 16.07 18.06
CA ALA B 303 31.06 14.66 18.38
C ALA B 303 32.10 13.87 17.62
N ALA B 304 32.30 14.24 16.36
CA ALA B 304 33.29 13.57 15.53
C ALA B 304 34.73 13.81 16.07
N GLU B 305 35.00 15.02 16.52
CA GLU B 305 36.32 15.36 17.09
C GLU B 305 36.64 14.48 18.31
N LEU B 306 35.64 14.28 19.17
CA LEU B 306 35.81 13.40 20.33
C LEU B 306 36.04 11.95 19.95
N VAL B 307 35.34 11.44 18.93
CA VAL B 307 35.64 10.11 18.44
C VAL B 307 37.12 10.00 17.93
N THR B 308 37.54 10.97 17.13
CA THR B 308 38.90 10.92 16.59
C THR B 308 39.95 10.92 17.73
N GLN B 309 39.71 11.73 18.73
CA GLN B 309 40.64 11.86 19.85
C GLN B 309 40.65 10.60 20.77
N ASN B 310 39.48 10.04 21.02
CA ASN B 310 39.31 9.04 22.06
C ASN B 310 38.77 7.67 21.67
N CYS B 311 38.59 7.39 20.37
CA CYS B 311 37.94 6.15 19.96
C CYS B 311 38.51 4.90 20.64
N GLU B 312 39.82 4.78 20.72
CA GLU B 312 40.47 3.61 21.33
C GLU B 312 40.14 3.43 22.82
N ALA B 313 40.22 4.52 23.58
CA ALA B 313 39.77 4.53 24.96
C ALA B 313 38.31 4.15 25.10
N TYR B 314 37.44 4.67 24.21
CA TYR B 314 36.01 4.36 24.24
C TYR B 314 35.77 2.88 24.01
N GLU B 315 36.38 2.34 22.95
CA GLU B 315 36.34 0.90 22.68
C GLU B 315 36.77 0.04 23.88
N ALA B 316 37.93 0.31 24.44
CA ALA B 316 38.50 -0.49 25.52
C ALA B 316 37.59 -0.47 26.76
N HIS B 317 37.01 0.69 27.04
CA HIS B 317 36.13 0.84 28.18
C HIS B 317 34.87 0.03 27.98
N MET B 318 34.28 0.15 26.79
CA MET B 318 33.03 -0.57 26.54
C MET B 318 33.22 -2.08 26.59
N ARG B 319 34.31 -2.54 26.00
CA ARG B 319 34.68 -3.96 25.94
C ARG B 319 34.82 -4.52 27.36
N ASP B 320 35.59 -3.83 28.20
CA ASP B 320 35.75 -4.22 29.61
C ASP B 320 34.40 -4.41 30.31
N VAL B 321 33.53 -3.42 30.13
CA VAL B 321 32.26 -3.36 30.86
C VAL B 321 31.25 -4.37 30.29
N ARG B 322 31.19 -4.45 28.95
CA ARG B 322 30.35 -5.46 28.31
C ARG B 322 30.80 -6.86 28.71
N ASP B 323 32.10 -7.14 28.61
CA ASP B 323 32.63 -8.48 28.95
C ASP B 323 32.40 -8.84 30.41
N TYR B 324 32.50 -7.84 31.28
CA TYR B 324 32.20 -8.03 32.71
C TYR B 324 30.72 -8.32 32.91
N LEU B 325 29.87 -7.64 32.15
CA LEU B 325 28.43 -7.94 32.18
C LEU B 325 28.15 -9.41 31.90
N GLU B 326 28.71 -9.94 30.80
CA GLU B 326 28.51 -11.34 30.41
C GLU B 326 29.05 -12.30 31.47
N GLU B 327 30.21 -11.97 32.03
CA GLU B 327 30.79 -12.76 33.12
C GLU B 327 29.81 -12.80 34.28
N ARG B 328 29.31 -11.63 34.69
CA ARG B 328 28.47 -11.53 35.88
C ARG B 328 27.11 -12.17 35.67
N LEU B 329 26.59 -12.10 34.44
CA LEU B 329 25.35 -12.81 34.08
C LEU B 329 25.51 -14.32 34.21
N GLU B 330 26.57 -14.87 33.63
CA GLU B 330 26.83 -16.32 33.71
C GLU B 330 27.10 -16.79 35.14
N ALA B 331 27.86 -16.00 35.90
CA ALA B 331 28.09 -16.28 37.33
C ALA B 331 26.79 -16.30 38.15
N GLU B 332 25.91 -15.32 37.92
CA GLU B 332 24.69 -15.19 38.71
C GLU B 332 23.60 -16.18 38.32
N PHE B 333 23.40 -16.38 37.03
CA PHE B 333 22.29 -17.21 36.57
C PHE B 333 22.74 -18.63 36.25
N GLY B 334 24.04 -18.81 35.99
CA GLY B 334 24.57 -20.09 35.54
C GLY B 334 24.81 -20.11 34.06
N GLN B 335 25.96 -20.63 33.64
CA GLN B 335 26.35 -20.66 32.22
C GLN B 335 25.30 -21.31 31.28
N LYS B 336 24.67 -22.39 31.74
CA LYS B 336 23.72 -23.14 30.92
C LYS B 336 22.36 -22.43 30.82
N ARG B 337 22.12 -21.52 31.77
CA ARG B 337 20.91 -20.70 31.83
C ARG B 337 20.95 -19.50 30.84
N ILE B 338 22.14 -19.14 30.36
CA ILE B 338 22.37 -17.96 29.52
C ILE B 338 22.71 -18.36 28.09
N HIS B 339 21.96 -17.79 27.15
CA HIS B 339 22.30 -17.85 25.73
C HIS B 339 22.82 -16.48 25.39
N LEU B 340 24.08 -16.42 24.98
CA LEU B 340 24.67 -15.16 24.51
C LEU B 340 24.45 -15.03 23.00
N ASN B 341 23.37 -14.34 22.61
CA ASN B 341 22.97 -14.31 21.19
C ASN B 341 23.95 -13.56 20.30
N SER B 342 24.65 -12.59 20.87
CA SER B 342 25.63 -11.78 20.14
C SER B 342 26.92 -12.55 19.88
N GLN B 343 27.10 -13.71 20.53
CA GLN B 343 28.34 -14.49 20.37
C GLN B 343 28.26 -15.60 19.33
N PHE B 344 29.02 -15.40 18.25
CA PHE B 344 29.32 -16.43 17.25
C PHE B 344 30.84 -16.61 17.29
N PRO B 345 31.33 -17.86 17.42
CA PRO B 345 32.79 -18.03 17.60
C PRO B 345 33.57 -17.68 16.34
N GLY B 346 34.66 -16.93 16.50
CA GLY B 346 35.38 -16.37 15.38
C GLY B 346 34.89 -14.98 14.91
N THR B 347 33.63 -14.62 15.21
CA THR B 347 33.05 -13.40 14.57
C THR B 347 33.16 -12.15 15.43
N GLN B 348 33.70 -11.09 14.85
CA GLN B 348 33.86 -9.82 15.52
C GLN B 348 32.49 -9.20 15.81
N ARG B 349 32.40 -8.54 16.97
CA ARG B 349 31.21 -7.76 17.33
C ARG B 349 31.65 -6.45 17.98
N LEU B 350 30.70 -5.52 18.06
CA LEU B 350 30.86 -4.26 18.79
C LEU B 350 31.35 -4.54 20.23
N PRO B 351 32.19 -3.65 20.78
CA PRO B 351 32.69 -3.90 22.13
C PRO B 351 31.66 -3.71 23.22
N ASN B 352 30.55 -3.04 22.91
CA ASN B 352 29.54 -2.61 23.90
C ASN B 352 28.25 -3.40 23.95
N THR B 353 28.06 -4.30 22.99
CA THR B 353 26.76 -4.98 22.86
C THR B 353 26.69 -6.39 23.43
N CYS B 354 25.65 -6.61 24.22
CA CYS B 354 25.28 -7.91 24.76
C CYS B 354 23.78 -8.21 24.54
N ASN B 355 23.48 -9.04 23.54
CA ASN B 355 22.13 -9.57 23.34
C ASN B 355 22.13 -10.94 23.96
N PHE B 356 21.28 -11.16 24.96
CA PHE B 356 21.20 -12.45 25.62
C PHE B 356 19.79 -12.83 26.05
N SER B 357 19.62 -14.11 26.37
CA SER B 357 18.35 -14.64 26.82
C SER B 357 18.60 -15.47 28.10
N ILE B 358 17.67 -15.36 29.03
CA ILE B 358 17.70 -16.15 30.26
C ILE B 358 16.67 -17.25 30.05
N ARG B 359 17.07 -18.51 30.16
CA ARG B 359 16.12 -19.53 29.76
C ARG B 359 15.08 -19.78 30.87
N GLY B 360 13.81 -19.79 30.47
CA GLY B 360 12.68 -19.86 31.38
C GLY B 360 11.37 -19.56 30.66
N PRO B 361 10.34 -20.41 30.84
CA PRO B 361 9.03 -20.23 30.18
C PRO B 361 8.44 -18.82 30.32
N ARG B 362 8.60 -18.23 31.51
CA ARG B 362 7.97 -16.94 31.88
C ARG B 362 8.77 -15.71 31.40
N LEU B 363 10.04 -15.93 31.09
CA LEU B 363 11.03 -14.86 31.01
C LEU B 363 11.17 -14.24 29.62
N GLN B 364 10.04 -14.01 28.96
CA GLN B 364 10.04 -13.27 27.70
C GLN B 364 10.68 -11.91 27.96
N GLY B 365 11.49 -11.44 27.01
CA GLY B 365 12.25 -10.23 27.19
C GLY B 365 11.53 -9.00 27.72
N HIS B 366 10.40 -8.61 27.11
CA HIS B 366 9.69 -7.40 27.56
C HIS B 366 9.14 -7.50 29.00
N VAL B 367 8.79 -8.70 29.43
CA VAL B 367 8.24 -8.93 30.77
C VAL B 367 9.34 -8.80 31.82
N VAL B 368 10.48 -9.43 31.56
CA VAL B 368 11.66 -9.25 32.41
C VAL B 368 12.05 -7.77 32.58
N LEU B 369 12.06 -7.00 31.49
CA LEU B 369 12.42 -5.57 31.60
C LEU B 369 11.40 -4.79 32.38
N ALA B 370 10.13 -5.15 32.21
CA ALA B 370 9.05 -4.49 32.88
C ALA B 370 9.22 -4.64 34.40
N GLN B 371 9.69 -5.80 34.87
CA GLN B 371 9.91 -6.01 36.31
C GLN B 371 11.23 -5.43 36.85
N CYS B 372 12.11 -4.96 35.97
CA CYS B 372 13.38 -4.36 36.40
C CYS B 372 13.12 -2.97 36.97
N ARG B 373 13.78 -2.60 38.05
CA ARG B 373 13.66 -1.25 38.61
C ARG B 373 14.92 -0.38 38.48
N VAL B 374 15.94 -0.89 37.80
CA VAL B 374 17.20 -0.15 37.64
C VAL B 374 17.61 -0.12 36.14
N LEU B 375 17.68 -1.29 35.52
CA LEU B 375 18.06 -1.42 34.11
C LEU B 375 17.11 -0.70 33.16
N MET B 376 17.68 0.07 32.23
CA MET B 376 16.92 0.62 31.12
C MET B 376 17.54 0.06 29.83
N ALA B 377 16.78 -0.75 29.11
CA ALA B 377 17.33 -1.39 27.92
C ALA B 377 16.22 -1.69 26.94
N SER B 378 16.45 -2.61 26.02
CA SER B 378 15.42 -2.92 25.03
C SER B 378 15.41 -4.39 24.68
N VAL B 379 14.41 -4.79 23.91
CA VAL B 379 14.38 -6.12 23.35
C VAL B 379 14.69 -6.05 21.86
N GLY B 380 14.88 -4.83 21.34
CA GLY B 380 15.13 -4.61 19.92
C GLY B 380 14.02 -3.86 19.23
N GLN B 390 5.89 -10.37 20.12
CA GLN B 390 6.57 -10.97 18.97
C GLN B 390 8.08 -10.91 19.17
N PRO B 391 8.80 -11.98 18.81
CA PRO B 391 10.26 -11.88 18.92
C PRO B 391 10.84 -11.08 17.75
N SER B 392 12.07 -10.62 17.93
CA SER B 392 12.71 -9.79 16.94
C SER B 392 12.86 -10.52 15.61
N PRO B 393 12.38 -9.92 14.52
CA PRO B 393 12.60 -10.55 13.24
C PRO B 393 14.07 -10.67 12.91
N VAL B 394 14.87 -9.74 13.42
CA VAL B 394 16.30 -9.78 13.14
C VAL B 394 16.95 -10.98 13.84
N LEU B 395 16.64 -11.20 15.11
CA LEU B 395 17.15 -12.39 15.79
C LEU B 395 16.71 -13.68 15.09
N LEU B 396 15.46 -13.74 14.65
CA LEU B 396 14.99 -14.89 13.88
C LEU B 396 15.79 -15.05 12.61
N SER B 397 16.10 -13.94 11.94
CA SER B 397 16.91 -14.01 10.73
C SER B 397 18.32 -14.51 11.01
N TYR B 398 18.83 -14.29 12.22
CA TYR B 398 20.13 -14.79 12.65
C TYR B 398 20.08 -16.26 13.02
N GLY B 399 18.95 -16.92 12.78
CA GLY B 399 18.78 -18.32 13.14
C GLY B 399 18.61 -18.57 14.63
N VAL B 400 18.32 -17.52 15.42
CA VAL B 400 18.10 -17.73 16.84
C VAL B 400 16.76 -18.44 16.98
N PRO B 401 16.74 -19.60 17.67
CA PRO B 401 15.51 -20.37 17.74
C PRO B 401 14.42 -19.56 18.43
N PHE B 402 13.17 -19.85 18.10
CA PHE B 402 12.10 -19.00 18.57
C PHE B 402 12.08 -18.92 20.11
N ASP B 403 12.33 -20.05 20.76
CA ASP B 403 12.22 -20.13 22.22
C ASP B 403 13.23 -19.20 22.92
N VAL B 404 14.44 -19.14 22.37
CA VAL B 404 15.50 -18.28 22.91
C VAL B 404 15.24 -16.84 22.50
N ALA B 405 14.90 -16.66 21.22
CA ALA B 405 14.64 -15.34 20.67
C ALA B 405 13.63 -14.57 21.49
N ARG B 406 12.58 -15.22 21.97
CA ARG B 406 11.54 -14.42 22.61
C ARG B 406 11.88 -14.01 24.04
N ASN B 407 12.91 -14.64 24.61
CA ASN B 407 13.47 -14.20 25.90
C ASN B 407 14.64 -13.25 25.73
N ALA B 408 14.96 -12.86 24.48
CA ALA B 408 16.13 -12.02 24.21
C ALA B 408 15.98 -10.59 24.76
N LEU B 409 17.06 -10.12 25.38
CA LEU B 409 17.19 -8.80 25.94
C LEU B 409 18.42 -8.17 25.25
N ARG B 410 18.33 -6.92 24.81
CA ARG B 410 19.51 -6.26 24.25
C ARG B 410 20.06 -5.24 25.20
N LEU B 411 21.26 -5.50 25.72
CA LEU B 411 21.92 -4.52 26.56
C LEU B 411 23.12 -3.98 25.79
N SER B 412 23.23 -2.68 25.70
CA SER B 412 24.35 -2.05 25.04
C SER B 412 24.87 -0.95 25.92
N VAL B 413 26.16 -1.00 26.28
CA VAL B 413 26.75 -0.10 27.27
C VAL B 413 27.45 1.09 26.58
N GLY B 414 27.83 2.07 27.36
CA GLY B 414 28.38 3.31 26.81
C GLY B 414 29.62 3.81 27.51
N ARG B 415 29.93 5.06 27.21
CA ARG B 415 31.17 5.73 27.67
C ARG B 415 31.22 5.82 29.20
N SER B 416 30.07 6.11 29.82
CA SER B 416 29.98 6.32 31.26
C SER B 416 29.62 5.08 32.08
N THR B 417 29.24 3.98 31.43
CA THR B 417 28.78 2.78 32.16
C THR B 417 29.92 2.16 32.97
N THR B 418 29.66 1.83 34.24
CA THR B 418 30.72 1.28 35.09
C THR B 418 30.45 -0.16 35.50
N ARG B 419 31.50 -0.85 35.91
CA ARG B 419 31.35 -2.19 36.49
C ARG B 419 30.40 -2.17 37.70
N ALA B 420 30.44 -1.11 38.51
CA ALA B 420 29.51 -1.02 39.66
C ALA B 420 28.06 -0.98 39.16
N GLU B 421 27.85 -0.29 38.04
CA GLU B 421 26.52 -0.23 37.41
C GLU B 421 26.07 -1.59 36.84
N VAL B 422 27.01 -2.33 36.25
CA VAL B 422 26.76 -3.71 35.82
C VAL B 422 26.28 -4.56 37.01
N ASP B 423 26.96 -4.45 38.15
CA ASP B 423 26.57 -5.22 39.34
C ASP B 423 25.13 -4.88 39.75
N LEU B 424 24.78 -3.59 39.72
CA LEU B 424 23.40 -3.13 40.03
C LEU B 424 22.38 -3.73 39.09
N VAL B 425 22.75 -3.76 37.81
CA VAL B 425 21.84 -4.24 36.77
C VAL B 425 21.64 -5.75 36.88
N VAL B 426 22.72 -6.48 37.15
CA VAL B 426 22.65 -7.92 37.26
C VAL B 426 21.83 -8.34 38.50
N GLN B 427 21.94 -7.58 39.58
CA GLN B 427 21.13 -7.84 40.76
C GLN B 427 19.65 -7.54 40.50
N ASP B 428 19.38 -6.44 39.81
CA ASP B 428 18.05 -6.06 39.41
C ASP B 428 17.41 -7.16 38.54
N LEU B 429 18.21 -7.74 37.65
CA LEU B 429 17.74 -8.84 36.79
C LEU B 429 17.38 -10.09 37.62
N LYS B 430 18.26 -10.46 38.54
CA LYS B 430 18.04 -11.62 39.42
C LYS B 430 16.69 -11.46 40.16
N GLN B 431 16.54 -10.32 40.80
CA GLN B 431 15.30 -9.91 41.45
C GLN B 431 14.09 -10.02 40.51
N ALA B 432 14.25 -9.55 39.28
CA ALA B 432 13.16 -9.56 38.30
C ALA B 432 12.78 -10.99 37.90
N VAL B 433 13.80 -11.81 37.65
CA VAL B 433 13.57 -13.18 37.27
C VAL B 433 12.91 -13.94 38.42
N ALA B 434 13.38 -13.67 39.65
CA ALA B 434 12.88 -14.37 40.84
C ALA B 434 11.37 -14.16 41.06
N GLN B 435 10.87 -12.95 40.86
CA GLN B 435 9.45 -12.71 41.10
C GLN B 435 8.57 -13.16 39.95
N LEU B 436 9.12 -13.25 38.73
CA LEU B 436 8.36 -13.82 37.60
C LEU B 436 8.26 -15.33 37.75
N GLU B 437 9.25 -15.90 38.45
CA GLU B 437 9.21 -17.31 38.85
C GLU B 437 8.46 -17.50 40.17
N ASP B 438 7.71 -16.49 40.63
CA ASP B 438 7.12 -16.46 41.96
C ASP B 438 8.17 -16.81 43.02
N LYS C 26 1.16 -26.13 -33.95
CA LYS C 26 1.79 -25.75 -32.61
C LYS C 26 1.71 -26.87 -31.60
N VAL C 27 2.55 -26.84 -30.56
CA VAL C 27 2.51 -27.87 -29.54
C VAL C 27 2.40 -27.20 -28.17
N TYR C 28 1.33 -27.49 -27.43
CA TYR C 28 1.13 -26.84 -26.13
C TYR C 28 1.84 -27.66 -25.07
N MET C 29 2.75 -27.02 -24.33
CA MET C 29 3.35 -27.61 -23.15
C MET C 29 3.35 -26.60 -21.98
N ASP C 30 2.16 -26.09 -21.68
CA ASP C 30 1.98 -25.18 -20.54
C ASP C 30 0.75 -25.61 -19.71
N TYR C 31 0.60 -26.92 -19.54
CA TYR C 31 -0.56 -27.44 -18.84
C TYR C 31 -0.58 -27.06 -17.37
N ASN C 32 0.57 -26.70 -16.79
CA ASN C 32 0.62 -26.22 -15.39
C ASN C 32 0.01 -24.82 -15.25
N ALA C 33 0.00 -24.04 -16.32
CA ALA C 33 -0.68 -22.75 -16.36
C ALA C 33 -2.20 -22.90 -16.45
N THR C 34 -2.63 -23.73 -17.39
CA THR C 34 -4.02 -24.11 -17.51
C THR C 34 -4.13 -25.26 -18.51
N THR C 35 -5.21 -26.01 -18.36
CA THR C 35 -5.54 -27.11 -19.22
C THR C 35 -6.74 -26.74 -20.05
N PRO C 36 -6.85 -27.31 -21.28
CA PRO C 36 -8.10 -27.22 -22.02
C PRO C 36 -9.18 -28.06 -21.34
N LEU C 37 -10.43 -27.90 -21.72
CA LEU C 37 -11.52 -28.70 -21.16
C LEU C 37 -11.67 -30.02 -21.87
N GLU C 38 -11.84 -31.10 -21.13
CA GLU C 38 -12.21 -32.36 -21.75
C GLU C 38 -13.59 -32.21 -22.44
N PRO C 39 -13.73 -32.78 -23.64
CA PRO C 39 -15.05 -32.72 -24.27
C PRO C 39 -16.20 -33.17 -23.38
N GLU C 40 -16.00 -34.21 -22.58
CA GLU C 40 -17.10 -34.72 -21.73
C GLU C 40 -17.46 -33.64 -20.68
N VAL C 41 -16.46 -32.86 -20.26
CA VAL C 41 -16.64 -31.80 -19.27
C VAL C 41 -17.44 -30.69 -19.91
N ILE C 42 -17.09 -30.35 -21.13
CA ILE C 42 -17.84 -29.36 -21.88
C ILE C 42 -19.31 -29.83 -22.04
N GLN C 43 -19.52 -31.09 -22.37
CA GLN C 43 -20.88 -31.64 -22.50
C GLN C 43 -21.70 -31.50 -21.23
N ALA C 44 -21.07 -31.85 -20.11
CA ALA C 44 -21.70 -31.72 -18.78
C ALA C 44 -22.16 -30.29 -18.53
N MET C 45 -21.28 -29.32 -18.78
CA MET C 45 -21.62 -27.90 -18.60
C MET C 45 -22.69 -27.38 -19.56
N THR C 46 -22.58 -27.75 -20.84
CA THR C 46 -23.44 -27.24 -21.88
C THR C 46 -24.86 -27.71 -21.65
N LYS C 47 -25.03 -28.99 -21.36
CA LYS C 47 -26.32 -29.56 -21.05
C LYS C 47 -26.93 -28.91 -19.82
N ALA C 48 -26.11 -28.69 -18.77
CA ALA C 48 -26.58 -28.00 -17.56
C ALA C 48 -27.13 -26.59 -17.85
N MET C 49 -26.47 -25.87 -18.75
CA MET C 49 -26.86 -24.54 -19.17
C MET C 49 -28.33 -24.57 -19.66
N TRP C 50 -28.60 -25.47 -20.60
CA TRP C 50 -29.94 -25.61 -21.16
C TRP C 50 -30.95 -26.25 -20.18
N GLU C 51 -30.59 -27.37 -19.51
CA GLU C 51 -31.56 -28.26 -18.86
C GLU C 51 -31.73 -28.04 -17.34
N ALA C 52 -30.70 -27.50 -16.69
CA ALA C 52 -30.62 -27.44 -15.21
C ALA C 52 -30.43 -26.00 -14.73
N TRP C 53 -31.24 -25.08 -15.30
CA TRP C 53 -31.02 -23.64 -15.20
C TRP C 53 -31.70 -23.02 -13.98
N GLY C 54 -32.56 -23.79 -13.33
CA GLY C 54 -33.39 -23.24 -12.25
C GLY C 54 -32.58 -22.99 -11.01
N ASN C 55 -33.14 -22.20 -10.10
CA ASN C 55 -32.47 -21.92 -8.85
C ASN C 55 -32.42 -23.23 -8.06
N PRO C 56 -31.22 -23.67 -7.65
CA PRO C 56 -31.11 -24.90 -6.89
C PRO C 56 -31.87 -24.87 -5.60
N SER C 57 -32.12 -23.67 -5.07
CA SER C 57 -32.87 -23.53 -3.83
C SER C 57 -34.37 -23.78 -4.07
N SER C 58 -34.83 -23.69 -5.32
CA SER C 58 -36.25 -23.85 -5.69
C SER C 58 -36.68 -25.33 -5.88
N PRO C 59 -38.00 -25.66 -5.76
CA PRO C 59 -38.53 -27.04 -5.95
C PRO C 59 -39.16 -27.55 -7.28
N TYR C 60 -38.79 -27.02 -8.45
CA TYR C 60 -39.38 -27.47 -9.75
C TYR C 60 -38.40 -28.29 -10.61
N SER C 61 -38.89 -28.81 -11.74
CA SER C 61 -38.00 -29.56 -12.64
C SER C 61 -36.64 -28.86 -12.70
N ALA C 62 -36.66 -27.63 -13.23
CA ALA C 62 -35.44 -26.91 -13.59
C ALA C 62 -34.47 -26.79 -12.42
N GLY C 63 -35.01 -26.58 -11.22
CA GLY C 63 -34.23 -26.37 -10.00
C GLY C 63 -33.83 -27.65 -9.29
N ARG C 64 -34.72 -28.64 -9.28
CA ARG C 64 -34.42 -29.96 -8.72
C ARG C 64 -33.37 -30.64 -9.55
N LYS C 65 -33.44 -30.46 -10.86
CA LYS C 65 -32.39 -30.95 -11.75
C LYS C 65 -31.03 -30.32 -11.39
N ALA C 66 -31.02 -29.03 -11.06
CA ALA C 66 -29.78 -28.34 -10.66
C ALA C 66 -29.24 -28.92 -9.36
N LYS C 67 -30.09 -29.07 -8.37
CA LYS C 67 -29.66 -29.64 -7.09
C LYS C 67 -29.08 -31.02 -7.24
N ASP C 68 -29.72 -31.85 -8.04
CA ASP C 68 -29.22 -33.18 -8.30
C ASP C 68 -27.85 -33.11 -8.90
N ILE C 69 -27.62 -32.18 -9.84
CA ILE C 69 -26.30 -32.03 -10.50
C ILE C 69 -25.25 -31.66 -9.47
N ILE C 70 -25.61 -30.77 -8.57
CA ILE C 70 -24.71 -30.25 -7.55
C ILE C 70 -24.37 -31.32 -6.52
N ASN C 71 -25.39 -32.04 -6.06
CA ASN C 71 -25.16 -33.16 -5.16
C ASN C 71 -24.24 -34.26 -5.80
N ALA C 72 -24.51 -34.61 -7.03
CA ALA C 72 -23.69 -35.60 -7.73
C ALA C 72 -22.25 -35.11 -7.89
N ALA C 73 -22.07 -33.84 -8.26
CA ALA C 73 -20.73 -33.30 -8.41
C ALA C 73 -19.95 -33.31 -7.08
N ARG C 74 -20.63 -33.03 -5.98
CA ARG C 74 -19.95 -33.01 -4.68
C ARG C 74 -19.41 -34.39 -4.34
N GLU C 75 -20.21 -35.43 -4.65
CA GLU C 75 -19.78 -36.83 -4.49
C GLU C 75 -18.56 -37.15 -5.35
N SER C 76 -18.56 -36.67 -6.58
CA SER C 76 -17.42 -36.93 -7.46
C SER C 76 -16.15 -36.30 -6.93
N LEU C 77 -16.25 -35.09 -6.40
CA LEU C 77 -15.08 -34.44 -5.81
C LEU C 77 -14.56 -35.23 -4.61
N ALA C 78 -15.46 -35.68 -3.74
CA ALA C 78 -15.08 -36.48 -2.56
C ALA C 78 -14.33 -37.73 -3.02
N LYS C 79 -14.90 -38.43 -4.00
CA LYS C 79 -14.32 -39.68 -4.50
C LYS C 79 -12.93 -39.49 -5.10
N MET C 80 -12.74 -38.38 -5.81
CA MET C 80 -11.43 -38.06 -6.42
C MET C 80 -10.35 -37.90 -5.36
N ILE C 81 -10.71 -37.37 -4.19
CA ILE C 81 -9.69 -37.15 -3.17
C ILE C 81 -9.79 -38.11 -2.00
N GLY C 82 -10.72 -39.05 -2.08
CA GLY C 82 -10.80 -40.08 -1.05
C GLY C 82 -11.50 -39.59 0.20
N GLY C 83 -12.40 -38.63 0.04
CA GLY C 83 -13.07 -38.03 1.17
C GLY C 83 -14.55 -38.28 1.09
N LYS C 84 -15.33 -37.50 1.87
CA LYS C 84 -16.79 -37.60 1.84
C LYS C 84 -17.40 -36.27 1.37
N PRO C 85 -18.58 -36.32 0.73
CA PRO C 85 -19.10 -35.09 0.14
C PRO C 85 -19.44 -34.02 1.19
N GLN C 86 -19.73 -34.42 2.44
CA GLN C 86 -20.03 -33.41 3.47
C GLN C 86 -18.80 -32.55 3.80
N ASP C 87 -17.61 -32.99 3.43
CA ASP C 87 -16.41 -32.24 3.69
C ASP C 87 -15.97 -31.36 2.53
N ILE C 88 -16.83 -31.21 1.52
CA ILE C 88 -16.54 -30.43 0.32
C ILE C 88 -17.49 -29.26 0.18
N ILE C 89 -16.92 -28.07 -0.05
CA ILE C 89 -17.68 -26.90 -0.48
C ILE C 89 -17.14 -26.38 -1.82
N PHE C 90 -18.07 -25.92 -2.67
CA PHE C 90 -17.70 -25.28 -3.90
C PHE C 90 -17.31 -23.79 -3.70
N THR C 91 -16.25 -23.37 -4.42
CA THR C 91 -15.81 -22.00 -4.44
C THR C 91 -15.65 -21.51 -5.89
N SER C 92 -15.31 -20.24 -6.02
CA SER C 92 -15.04 -19.69 -7.33
C SER C 92 -13.68 -20.05 -7.91
N GLY C 93 -12.79 -20.67 -7.15
CA GLY C 93 -11.52 -21.14 -7.69
C GLY C 93 -10.46 -21.29 -6.62
N GLY C 94 -9.23 -21.53 -7.07
CA GLY C 94 -8.15 -21.77 -6.09
C GLY C 94 -7.85 -20.58 -5.22
N THR C 95 -7.88 -19.39 -5.82
CA THR C 95 -7.66 -18.19 -5.08
C THR C 95 -8.63 -18.01 -3.92
N GLU C 96 -9.92 -18.17 -4.17
CA GLU C 96 -10.90 -18.08 -3.09
C GLU C 96 -10.65 -19.15 -2.03
N SER C 97 -10.42 -20.39 -2.47
CA SER C 97 -10.25 -21.50 -1.54
C SER C 97 -9.06 -21.29 -0.61
N ASN C 98 -7.95 -20.82 -1.18
CA ASN C 98 -6.73 -20.55 -0.39
C ASN C 98 -6.92 -19.39 0.55
N ASN C 99 -7.52 -18.29 0.07
CA ASN C 99 -7.82 -17.14 0.89
C ASN C 99 -8.75 -17.52 2.04
N LEU C 100 -9.76 -18.34 1.73
CA LEU C 100 -10.73 -18.77 2.74
C LEU C 100 -10.12 -19.55 3.93
N VAL C 101 -9.18 -20.43 3.64
CA VAL C 101 -8.51 -21.20 4.68
C VAL C 101 -7.78 -20.26 5.66
N ILE C 102 -7.06 -19.30 5.10
CA ILE C 102 -6.25 -18.37 5.90
C ILE C 102 -7.14 -17.43 6.68
N HIS C 103 -8.14 -16.84 6.01
CA HIS C 103 -9.21 -16.06 6.69
C HIS C 103 -9.80 -16.77 7.90
N SER C 104 -10.21 -18.00 7.68
CA SER C 104 -10.86 -18.79 8.70
C SER C 104 -9.99 -19.01 9.94
N VAL C 105 -8.72 -19.32 9.71
CA VAL C 105 -7.82 -19.50 10.83
C VAL C 105 -7.69 -18.22 11.63
N VAL C 106 -7.61 -17.07 10.97
CA VAL C 106 -7.52 -15.80 11.68
C VAL C 106 -8.82 -15.59 12.47
N LYS C 107 -9.97 -15.78 11.84
CA LYS C 107 -11.23 -15.52 12.57
C LYS C 107 -11.45 -16.45 13.77
N HIS C 108 -11.04 -17.69 13.63
CA HIS C 108 -11.13 -18.65 14.70
C HIS C 108 -10.27 -18.21 15.89
N PHE C 109 -9.04 -17.78 15.61
CA PHE C 109 -8.18 -17.21 16.65
C PHE C 109 -8.86 -16.01 17.35
N HIS C 110 -9.37 -15.06 16.58
CA HIS C 110 -10.10 -13.91 17.14
C HIS C 110 -11.31 -14.32 17.98
N ALA C 111 -12.00 -15.36 17.54
CA ALA C 111 -13.18 -15.84 18.25
C ALA C 111 -12.78 -16.50 19.58
N ASN C 112 -11.68 -17.25 19.59
CA ASN C 112 -11.17 -17.85 20.83
C ASN C 112 -10.71 -16.82 21.84
N GLN C 113 -10.05 -15.77 21.40
CA GLN C 113 -9.57 -14.77 22.36
C GLN C 113 -10.70 -13.93 22.95
N THR C 114 -11.81 -13.75 22.22
CA THR C 114 -12.99 -13.11 22.82
C THR C 114 -13.61 -13.98 23.96
N SER C 115 -14.00 -15.22 23.68
CA SER C 115 -14.47 -16.12 24.76
C SER C 115 -13.64 -15.98 26.05
N GLY C 128 -1.67 -8.27 22.94
CA GLY C 128 -2.21 -8.34 21.57
C GLY C 128 -1.73 -9.57 20.81
N ALA C 129 -1.99 -10.76 21.36
CA ALA C 129 -1.61 -12.03 20.71
C ALA C 129 -2.21 -12.18 19.31
N LYS C 130 -1.39 -12.72 18.39
CA LYS C 130 -1.75 -12.86 16.98
C LYS C 130 -1.53 -14.32 16.57
N PRO C 131 -2.35 -14.84 15.63
CA PRO C 131 -2.17 -16.21 15.15
C PRO C 131 -0.86 -16.33 14.36
N HIS C 132 -0.24 -17.50 14.40
CA HIS C 132 0.97 -17.71 13.64
C HIS C 132 0.77 -18.76 12.56
N PHE C 133 1.34 -18.52 11.38
CA PHE C 133 1.27 -19.41 10.23
C PHE C 133 2.66 -19.88 9.82
N ILE C 134 2.75 -21.15 9.42
CA ILE C 134 3.97 -21.72 8.84
C ILE C 134 3.66 -22.14 7.40
N THR C 135 4.45 -21.62 6.47
CA THR C 135 4.31 -21.96 5.09
C THR C 135 5.68 -22.18 4.42
N SER C 136 5.69 -22.42 3.11
CA SER C 136 6.97 -22.52 2.39
C SER C 136 7.32 -21.23 1.70
N SER C 137 8.55 -21.16 1.19
CA SER C 137 9.01 -20.00 0.44
C SER C 137 8.67 -20.03 -1.06
N VAL C 138 7.97 -21.08 -1.51
CA VAL C 138 7.68 -21.25 -2.96
C VAL C 138 6.17 -21.40 -3.26
N GLU C 139 5.31 -20.96 -2.35
CA GLU C 139 3.87 -21.05 -2.54
C GLU C 139 3.38 -20.16 -3.69
N HIS C 140 2.21 -20.53 -4.23
CA HIS C 140 1.49 -19.73 -5.18
C HIS C 140 1.11 -18.39 -4.55
N ASP C 141 0.91 -17.38 -5.38
CA ASP C 141 0.51 -16.04 -4.95
C ASP C 141 -0.70 -16.02 -4.03
N SER C 142 -1.64 -16.93 -4.24
CA SER C 142 -2.84 -16.96 -3.47
C SER C 142 -2.67 -17.55 -2.07
N ILE C 143 -1.48 -18.00 -1.72
CA ILE C 143 -1.13 -18.34 -0.33
C ILE C 143 -0.11 -17.31 0.20
N ARG C 144 0.90 -17.01 -0.61
CA ARG C 144 1.94 -16.08 -0.19
C ARG C 144 1.44 -14.71 0.08
N LEU C 145 0.69 -14.15 -0.88
CA LEU C 145 0.18 -12.77 -0.75
C LEU C 145 -0.84 -12.52 0.36
N PRO C 146 -1.84 -13.39 0.57
CA PRO C 146 -2.66 -13.12 1.76
C PRO C 146 -1.84 -13.13 3.06
N LEU C 147 -0.90 -14.07 3.19
CA LEU C 147 -0.08 -14.13 4.38
C LEU C 147 0.81 -12.90 4.50
N GLU C 148 1.40 -12.43 3.41
CA GLU C 148 2.22 -11.21 3.51
C GLU C 148 1.36 -10.03 3.97
N HIS C 149 0.15 -9.97 3.45
CA HIS C 149 -0.82 -8.95 3.81
C HIS C 149 -1.07 -8.93 5.30
N LEU C 150 -1.27 -10.12 5.88
CA LEU C 150 -1.56 -10.21 7.29
C LEU C 150 -0.37 -9.75 8.13
N VAL C 151 0.85 -10.05 7.66
CA VAL C 151 2.04 -9.53 8.32
C VAL C 151 2.12 -8.00 8.24
N GLU C 152 1.91 -7.44 7.05
CA GLU C 152 1.92 -5.99 6.83
C GLU C 152 0.90 -5.32 7.76
N GLU C 153 -0.28 -5.92 7.86
CA GLU C 153 -1.37 -5.36 8.65
C GLU C 153 -1.23 -5.63 10.13
N GLN C 154 -0.20 -6.35 10.55
CA GLN C 154 -0.02 -6.77 11.93
C GLN C 154 -1.23 -7.56 12.48
N VAL C 155 -1.81 -8.38 11.62
CA VAL C 155 -2.88 -9.28 12.02
C VAL C 155 -2.32 -10.67 12.40
N ALA C 156 -1.24 -11.09 11.75
CA ALA C 156 -0.63 -12.40 11.98
C ALA C 156 0.89 -12.38 11.91
N ALA C 157 1.52 -13.41 12.48
CA ALA C 157 2.92 -13.67 12.31
C ALA C 157 3.03 -14.82 11.29
N VAL C 158 4.04 -14.81 10.46
CA VAL C 158 4.22 -15.87 9.48
C VAL C 158 5.68 -16.26 9.40
N THR C 159 5.93 -17.56 9.40
CA THR C 159 7.25 -18.07 9.05
C THR C 159 7.19 -18.68 7.65
N PHE C 160 7.96 -18.10 6.72
CA PHE C 160 8.16 -18.70 5.40
C PHE C 160 9.40 -19.62 5.45
N VAL C 161 9.18 -20.93 5.57
CA VAL C 161 10.29 -21.87 5.70
C VAL C 161 10.99 -22.08 4.31
N PRO C 162 12.31 -21.82 4.22
CA PRO C 162 13.00 -21.98 2.93
C PRO C 162 13.07 -23.46 2.51
N VAL C 163 13.20 -23.71 1.20
CA VAL C 163 13.34 -25.08 0.70
C VAL C 163 14.80 -25.43 0.78
N SER C 164 15.07 -26.70 1.07
CA SER C 164 16.43 -27.26 1.15
C SER C 164 17.06 -27.28 -0.25
N LYS C 165 18.32 -26.85 -0.36
CA LYS C 165 19.06 -26.95 -1.64
C LYS C 165 19.45 -28.41 -1.98
N VAL C 166 19.40 -29.31 -1.01
CA VAL C 166 19.70 -30.73 -1.29
C VAL C 166 18.45 -31.48 -1.80
N SER C 167 17.31 -31.30 -1.13
CA SER C 167 16.10 -32.02 -1.50
C SER C 167 15.08 -31.19 -2.29
N GLY C 168 15.20 -29.87 -2.26
CA GLY C 168 14.22 -29.03 -2.94
C GLY C 168 12.85 -29.12 -2.26
N GLN C 169 12.80 -29.63 -1.03
CA GLN C 169 11.57 -29.60 -0.22
C GLN C 169 11.76 -28.74 1.04
N THR C 170 10.65 -28.29 1.60
CA THR C 170 10.67 -27.73 2.92
C THR C 170 10.87 -28.93 3.85
N GLU C 171 12.00 -28.99 4.55
CA GLU C 171 12.29 -30.08 5.49
C GLU C 171 11.26 -30.08 6.63
N VAL C 172 10.71 -31.25 6.92
CA VAL C 172 9.75 -31.37 8.02
C VAL C 172 10.34 -30.87 9.36
N ASP C 173 11.65 -31.07 9.63
CA ASP C 173 12.22 -30.60 10.92
C ASP C 173 12.22 -29.08 11.03
N ASP C 174 12.42 -28.40 9.89
CA ASP C 174 12.38 -26.93 9.89
C ASP C 174 10.94 -26.40 10.14
N ILE C 175 9.96 -27.08 9.57
CA ILE C 175 8.56 -26.71 9.82
C ILE C 175 8.23 -26.87 11.31
N LEU C 176 8.62 -28.00 11.88
CA LEU C 176 8.36 -28.26 13.29
C LEU C 176 9.15 -27.31 14.18
N ALA C 177 10.36 -26.95 13.75
CA ALA C 177 11.15 -25.99 14.53
C ALA C 177 10.60 -24.55 14.49
N ALA C 178 9.73 -24.24 13.53
CA ALA C 178 9.08 -22.91 13.47
C ALA C 178 7.84 -22.78 14.36
N VAL C 179 7.40 -23.86 14.99
CA VAL C 179 6.18 -23.87 15.79
C VAL C 179 6.31 -22.98 17.04
N ARG C 180 5.26 -22.21 17.29
CA ARG C 180 5.12 -21.30 18.42
C ARG C 180 3.81 -21.68 19.14
N PRO C 181 3.64 -21.20 20.38
CA PRO C 181 2.37 -21.42 21.05
C PRO C 181 1.18 -20.91 20.22
N THR C 182 1.37 -19.79 19.53
CA THR C 182 0.32 -19.19 18.73
C THR C 182 0.19 -19.78 17.32
N THR C 183 0.98 -20.80 16.98
CA THR C 183 0.86 -21.41 15.62
C THR C 183 -0.51 -22.03 15.49
N ARG C 184 -1.15 -21.80 14.35
CA ARG C 184 -2.52 -22.33 14.13
C ARG C 184 -2.66 -23.07 12.81
N LEU C 185 -1.78 -22.82 11.86
CA LEU C 185 -1.86 -23.48 10.56
C LEU C 185 -0.53 -23.65 9.91
N VAL C 186 -0.33 -24.84 9.37
CA VAL C 186 0.75 -25.13 8.43
C VAL C 186 0.08 -25.25 7.06
N THR C 187 0.52 -24.45 6.10
CA THR C 187 0.04 -24.55 4.75
C THR C 187 1.23 -24.77 3.83
N ILE C 188 1.29 -25.96 3.21
CA ILE C 188 2.42 -26.35 2.34
C ILE C 188 1.81 -26.93 1.04
N MET C 189 2.17 -26.35 -0.09
CA MET C 189 1.66 -26.81 -1.39
C MET C 189 2.06 -28.23 -1.64
N LEU C 190 1.13 -29.03 -2.15
CA LEU C 190 1.43 -30.45 -2.41
C LEU C 190 2.50 -30.66 -3.48
N ALA C 191 2.40 -29.88 -4.54
CA ALA C 191 3.39 -29.89 -5.62
C ALA C 191 3.57 -28.45 -6.09
N ASN C 192 4.82 -28.08 -6.37
CA ASN C 192 5.16 -26.74 -6.86
C ASN C 192 4.85 -26.56 -8.35
N ASN C 193 4.32 -25.39 -8.70
CA ASN C 193 3.83 -25.14 -10.06
C ASN C 193 4.97 -24.93 -11.06
N GLU C 194 6.10 -24.40 -10.60
CA GLU C 194 7.24 -24.11 -11.48
C GLU C 194 8.20 -25.27 -11.69
N THR C 195 8.49 -26.02 -10.62
CA THR C 195 9.42 -27.12 -10.69
C THR C 195 8.76 -28.49 -10.71
N GLY C 196 7.51 -28.55 -10.25
CA GLY C 196 6.85 -29.84 -10.05
C GLY C 196 7.26 -30.60 -8.81
N ILE C 197 8.18 -30.08 -8.01
CA ILE C 197 8.62 -30.85 -6.84
C ILE C 197 7.47 -31.07 -5.87
N VAL C 198 7.35 -32.29 -5.37
CA VAL C 198 6.30 -32.68 -4.44
C VAL C 198 6.84 -32.51 -3.02
N MET C 199 6.03 -31.89 -2.16
CA MET C 199 6.37 -31.63 -0.77
C MET C 199 5.92 -32.76 0.11
N PRO C 200 6.59 -32.97 1.25
CA PRO C 200 6.36 -34.13 2.11
C PRO C 200 5.13 -33.98 3.03
N VAL C 201 3.97 -33.74 2.45
CA VAL C 201 2.76 -33.40 3.21
C VAL C 201 2.32 -34.52 4.15
N PRO C 202 2.33 -35.77 3.70
CA PRO C 202 1.95 -36.84 4.63
C PRO C 202 2.80 -36.86 5.91
N GLU C 203 4.12 -36.62 5.79
CA GLU C 203 5.00 -36.63 6.99
C GLU C 203 4.78 -35.40 7.89
N ILE C 204 4.52 -34.26 7.26
CA ILE C 204 4.15 -33.05 7.97
C ILE C 204 2.90 -33.28 8.79
N SER C 205 1.87 -33.83 8.16
CA SER C 205 0.64 -34.10 8.87
C SER C 205 0.89 -35.07 10.02
N GLN C 206 1.71 -36.10 9.78
CA GLN C 206 1.91 -37.12 10.80
C GLN C 206 2.60 -36.50 12.02
N ARG C 207 3.62 -35.69 11.78
CA ARG C 207 4.39 -35.10 12.85
C ARG C 207 3.61 -34.01 13.59
N ILE C 208 2.81 -33.24 12.85
CA ILE C 208 1.93 -32.24 13.46
C ILE C 208 0.86 -32.89 14.35
N LYS C 209 0.31 -34.02 13.92
CA LYS C 209 -0.69 -34.75 14.71
C LYS C 209 -0.07 -35.20 16.05
N ALA C 210 1.17 -35.66 16.02
CA ALA C 210 1.85 -36.18 17.21
C ALA C 210 2.14 -35.00 18.13
N LEU C 211 2.64 -33.90 17.54
CA LEU C 211 2.87 -32.68 18.28
C LEU C 211 1.56 -32.22 18.94
N ASN C 212 0.46 -32.28 18.19
CA ASN C 212 -0.81 -31.79 18.70
C ASN C 212 -1.28 -32.48 20.00
N GLN C 213 -1.03 -33.77 20.13
CA GLN C 213 -1.35 -34.50 21.37
C GLN C 213 -0.60 -33.89 22.56
N GLU C 214 0.67 -33.53 22.33
CA GLU C 214 1.48 -32.82 23.34
C GLU C 214 0.90 -31.45 23.62
N ARG C 215 0.61 -30.71 22.54
CA ARG C 215 0.12 -29.35 22.68
C ARG C 215 -1.18 -29.30 23.48
N VAL C 216 -2.12 -30.17 23.11
CA VAL C 216 -3.44 -30.17 23.74
C VAL C 216 -3.31 -30.45 25.23
N ALA C 217 -2.39 -31.36 25.57
CA ALA C 217 -2.09 -31.69 26.96
C ALA C 217 -1.52 -30.49 27.74
N ALA C 218 -0.91 -29.54 27.03
CA ALA C 218 -0.30 -28.37 27.65
C ALA C 218 -1.17 -27.12 27.53
N GLY C 219 -2.43 -27.27 27.11
CA GLY C 219 -3.31 -26.12 26.95
C GLY C 219 -3.02 -25.25 25.74
N LEU C 220 -2.37 -25.84 24.74
CA LEU C 220 -2.04 -25.17 23.48
C LEU C 220 -2.90 -25.76 22.35
N PRO C 221 -3.62 -24.90 21.60
CA PRO C 221 -4.55 -25.44 20.60
C PRO C 221 -3.86 -26.22 19.48
N PRO C 222 -4.56 -27.19 18.89
CA PRO C 222 -3.97 -27.98 17.84
C PRO C 222 -3.68 -27.14 16.61
N ILE C 223 -2.63 -27.49 15.90
CA ILE C 223 -2.26 -26.85 14.65
C ILE C 223 -2.95 -27.61 13.53
N LEU C 224 -3.65 -26.89 12.66
CA LEU C 224 -4.26 -27.46 11.47
C LEU C 224 -3.26 -27.43 10.31
N VAL C 225 -3.48 -28.34 9.34
CA VAL C 225 -2.63 -28.47 8.16
C VAL C 225 -3.45 -28.35 6.88
N HIS C 226 -3.00 -27.46 6.00
CA HIS C 226 -3.62 -27.24 4.69
C HIS C 226 -2.57 -27.55 3.61
N THR C 227 -3.02 -28.14 2.52
CA THR C 227 -2.20 -28.21 1.33
C THR C 227 -2.95 -27.66 0.14
N ASP C 228 -2.30 -26.78 -0.60
CA ASP C 228 -2.74 -26.36 -1.90
C ASP C 228 -2.37 -27.48 -2.89
N ALA C 229 -3.36 -28.30 -3.23
CA ALA C 229 -3.14 -29.42 -4.14
C ALA C 229 -3.40 -29.11 -5.62
N ALA C 230 -3.41 -27.83 -5.96
CA ALA C 230 -3.81 -27.38 -7.30
C ALA C 230 -3.06 -28.15 -8.38
N GLN C 231 -1.75 -28.37 -8.20
CA GLN C 231 -0.89 -28.90 -9.28
C GLN C 231 -0.77 -30.41 -9.30
N ALA C 232 -1.31 -31.08 -8.27
CA ALA C 232 -1.17 -32.53 -8.14
C ALA C 232 -2.38 -33.26 -8.71
N LEU C 233 -3.54 -32.64 -8.58
CA LEU C 233 -4.81 -33.28 -8.97
C LEU C 233 -4.81 -33.69 -10.47
N GLY C 234 -5.12 -34.96 -10.75
CA GLY C 234 -5.12 -35.50 -12.11
C GLY C 234 -3.75 -35.90 -12.64
N LYS C 235 -2.68 -35.66 -11.87
CA LYS C 235 -1.31 -36.05 -12.27
C LYS C 235 -0.73 -37.19 -11.42
N GLN C 236 -1.18 -37.29 -10.17
CA GLN C 236 -0.79 -38.35 -9.25
C GLN C 236 -1.95 -38.50 -8.28
N ARG C 237 -2.00 -39.62 -7.58
CA ARG C 237 -3.06 -39.90 -6.63
C ARG C 237 -3.03 -38.83 -5.51
N VAL C 238 -4.19 -38.29 -5.23
CA VAL C 238 -4.37 -37.38 -4.10
C VAL C 238 -5.42 -38.01 -3.20
N ASP C 239 -5.01 -38.38 -1.99
CA ASP C 239 -5.90 -39.00 -1.02
C ASP C 239 -5.75 -38.29 0.33
N VAL C 240 -6.84 -37.77 0.86
CA VAL C 240 -6.82 -36.98 2.08
C VAL C 240 -6.43 -37.80 3.30
N GLU C 241 -6.73 -39.09 3.27
CA GLU C 241 -6.35 -39.92 4.40
C GLU C 241 -4.87 -40.23 4.35
N ASP C 242 -4.32 -40.48 3.15
CA ASP C 242 -2.88 -40.53 3.00
C ASP C 242 -2.20 -39.20 3.34
N LEU C 243 -2.75 -38.08 2.89
CA LEU C 243 -2.09 -36.80 3.12
C LEU C 243 -2.17 -36.36 4.58
N GLY C 244 -3.28 -36.67 5.25
CA GLY C 244 -3.43 -36.37 6.68
C GLY C 244 -3.94 -34.98 6.98
N VAL C 245 -4.25 -34.21 5.93
CA VAL C 245 -4.58 -32.77 6.02
C VAL C 245 -5.98 -32.45 6.50
N ASP C 246 -6.12 -31.28 7.12
CA ASP C 246 -7.38 -30.76 7.55
C ASP C 246 -8.07 -29.92 6.45
N PHE C 247 -7.28 -29.34 5.54
CA PHE C 247 -7.80 -28.55 4.42
C PHE C 247 -7.05 -28.88 3.13
N LEU C 248 -7.78 -28.83 2.02
CA LEU C 248 -7.15 -29.13 0.70
C LEU C 248 -7.85 -28.32 -0.39
N THR C 249 -7.05 -27.59 -1.16
CA THR C 249 -7.55 -26.73 -2.25
C THR C 249 -7.54 -27.51 -3.55
N ILE C 250 -8.69 -27.44 -4.22
CA ILE C 250 -8.99 -28.08 -5.52
C ILE C 250 -9.20 -27.01 -6.58
N VAL C 251 -8.49 -27.11 -7.70
CA VAL C 251 -8.55 -26.08 -8.75
C VAL C 251 -8.90 -26.73 -10.11
N GLY C 252 -10.10 -26.47 -10.62
CA GLY C 252 -10.63 -27.22 -11.78
C GLY C 252 -9.80 -27.08 -13.04
N HIS C 253 -9.32 -25.86 -13.31
CA HIS C 253 -8.66 -25.60 -14.58
C HIS C 253 -7.24 -26.19 -14.64
N LYS C 254 -6.81 -26.88 -13.58
CA LYS C 254 -5.58 -27.63 -13.64
C LYS C 254 -5.78 -29.08 -14.01
N PHE C 255 -7.02 -29.55 -14.02
CA PHE C 255 -7.32 -30.93 -14.34
C PHE C 255 -8.48 -31.06 -15.34
N TYR C 256 -8.43 -30.19 -16.36
CA TYR C 256 -9.33 -30.23 -17.54
C TYR C 256 -10.77 -29.94 -17.19
N GLY C 257 -10.94 -29.20 -16.10
CA GLY C 257 -12.21 -28.68 -15.71
C GLY C 257 -12.31 -27.18 -15.81
N PRO C 258 -13.46 -26.64 -15.43
CA PRO C 258 -13.72 -25.23 -15.53
C PRO C 258 -12.98 -24.41 -14.48
N ARG C 259 -13.05 -23.10 -14.65
CA ARG C 259 -12.32 -22.17 -13.79
C ARG C 259 -13.06 -21.89 -12.48
N ILE C 260 -13.52 -22.93 -11.79
CA ILE C 260 -14.00 -22.80 -10.43
C ILE C 260 -13.22 -23.79 -9.59
N GLY C 261 -13.53 -23.88 -8.32
CA GLY C 261 -12.78 -24.73 -7.44
C GLY C 261 -13.58 -25.30 -6.31
N ALA C 262 -12.86 -25.88 -5.37
CA ALA C 262 -13.48 -26.39 -4.18
C ALA C 262 -12.46 -26.39 -3.04
N LEU C 263 -12.99 -26.64 -1.86
CA LEU C 263 -12.20 -26.75 -0.66
C LEU C 263 -12.68 -27.96 0.10
N TYR C 264 -11.71 -28.79 0.49
CA TYR C 264 -11.96 -29.93 1.41
C TYR C 264 -11.66 -29.43 2.79
N ILE C 265 -12.58 -29.69 3.72
CA ILE C 265 -12.39 -29.40 5.14
C ILE C 265 -12.74 -30.66 5.91
N ARG C 266 -11.75 -31.23 6.58
CA ARG C 266 -11.89 -32.52 7.23
C ARG C 266 -12.96 -32.43 8.33
N GLY C 267 -14.00 -33.22 8.19
CA GLY C 267 -15.11 -33.20 9.14
C GLY C 267 -15.71 -31.82 9.32
N LEU C 268 -16.01 -31.18 8.19
CA LEU C 268 -16.49 -29.81 8.16
C LEU C 268 -17.63 -29.60 9.12
N GLY C 269 -17.49 -28.59 9.98
CA GLY C 269 -18.47 -28.26 11.03
C GLY C 269 -18.08 -28.92 12.36
N GLU C 270 -17.98 -30.25 12.32
CA GLU C 270 -17.89 -31.12 13.46
C GLU C 270 -16.46 -31.22 14.00
N PHE C 271 -15.48 -31.40 13.11
CA PHE C 271 -14.07 -31.54 13.51
C PHE C 271 -13.21 -30.35 13.20
N THR C 272 -13.28 -29.84 11.99
CA THR C 272 -12.49 -28.67 11.65
C THR C 272 -13.46 -27.49 11.52
N PRO C 273 -13.18 -26.37 12.21
CA PRO C 273 -14.00 -25.16 12.05
C PRO C 273 -13.70 -24.45 10.73
N LEU C 274 -14.74 -23.87 10.17
CA LEU C 274 -14.61 -23.00 9.00
C LEU C 274 -15.43 -21.75 9.21
N TYR C 275 -14.75 -20.62 9.28
CA TYR C 275 -15.39 -19.32 9.39
C TYR C 275 -15.51 -18.72 8.01
N PRO C 276 -16.73 -18.45 7.55
CA PRO C 276 -16.87 -17.88 6.18
C PRO C 276 -16.31 -16.48 5.94
N MET C 277 -15.92 -16.24 4.70
CA MET C 277 -15.62 -14.88 4.22
C MET C 277 -16.88 -14.14 3.73
N LEU C 278 -17.83 -14.86 3.17
CA LEU C 278 -19.02 -14.32 2.57
C LEU C 278 -20.28 -14.59 3.41
N PHE C 279 -21.20 -13.62 3.43
CA PHE C 279 -22.49 -13.72 4.10
C PHE C 279 -23.63 -13.47 3.11
N GLY C 280 -24.68 -14.27 3.23
CA GLY C 280 -25.78 -14.21 2.29
C GLY C 280 -26.71 -15.40 2.44
N GLY C 281 -27.26 -15.86 1.30
CA GLY C 281 -28.47 -16.69 1.30
C GLY C 281 -28.43 -18.17 1.62
N GLY C 282 -27.46 -18.62 2.41
CA GLY C 282 -27.56 -19.99 2.95
C GLY C 282 -26.95 -21.13 2.15
N GLN C 283 -26.46 -20.82 0.96
CA GLN C 283 -25.88 -21.86 0.13
C GLN C 283 -24.58 -22.35 0.70
N GLU C 284 -24.23 -23.54 0.25
CA GLU C 284 -23.08 -24.31 0.76
C GLU C 284 -23.07 -24.35 2.29
N ARG C 285 -24.26 -24.62 2.84
CA ARG C 285 -24.46 -24.71 4.31
CA ARG C 285 -24.46 -24.71 4.30
C ARG C 285 -24.00 -23.44 5.05
N ASN C 286 -24.12 -22.29 4.39
CA ASN C 286 -23.66 -20.96 4.88
C ASN C 286 -22.16 -20.77 5.00
N PHE C 287 -21.38 -21.75 4.54
CA PHE C 287 -19.92 -21.58 4.50
C PHE C 287 -19.49 -20.78 3.25
N ARG C 288 -20.29 -20.87 2.19
CA ARG C 288 -20.02 -20.08 0.99
C ARG C 288 -21.32 -19.77 0.29
N PRO C 289 -22.02 -18.74 0.75
CA PRO C 289 -23.32 -18.41 0.19
C PRO C 289 -23.20 -17.83 -1.23
N GLY C 290 -24.33 -17.74 -1.88
CA GLY C 290 -24.45 -17.29 -3.27
C GLY C 290 -25.08 -18.38 -4.12
N THR C 291 -25.93 -17.97 -5.05
CA THR C 291 -26.63 -18.92 -5.90
C THR C 291 -25.57 -19.74 -6.64
N GLU C 292 -25.73 -21.05 -6.60
CA GLU C 292 -24.72 -21.99 -7.07
C GLU C 292 -24.63 -21.91 -8.60
N ASN C 293 -23.39 -21.97 -9.09
CA ASN C 293 -23.10 -21.96 -10.54
C ASN C 293 -23.18 -23.36 -11.11
N THR C 294 -24.41 -23.79 -11.39
CA THR C 294 -24.66 -25.18 -11.73
C THR C 294 -23.85 -25.71 -12.91
N PRO C 295 -23.76 -24.96 -14.01
CA PRO C 295 -22.95 -25.47 -15.14
C PRO C 295 -21.47 -25.61 -14.80
N MET C 296 -20.89 -24.67 -14.06
CA MET C 296 -19.52 -24.80 -13.59
C MET C 296 -19.34 -26.02 -12.67
N ILE C 297 -20.26 -26.19 -11.73
CA ILE C 297 -20.25 -27.33 -10.83
C ILE C 297 -20.34 -28.64 -11.62
N ALA C 298 -21.27 -28.73 -12.59
CA ALA C 298 -21.40 -29.93 -13.44
C ALA C 298 -20.05 -30.26 -14.08
N GLY C 299 -19.38 -29.25 -14.60
CA GLY C 299 -18.11 -29.45 -15.28
C GLY C 299 -17.01 -29.88 -14.31
N LEU C 300 -16.98 -29.29 -13.12
CA LEU C 300 -15.98 -29.69 -12.11
C LEU C 300 -16.19 -31.13 -11.64
N GLY C 301 -17.46 -31.52 -11.44
CA GLY C 301 -17.83 -32.88 -11.09
C GLY C 301 -17.38 -33.87 -12.15
N LYS C 302 -17.68 -33.58 -13.40
CA LYS C 302 -17.26 -34.47 -14.48
C LYS C 302 -15.74 -34.56 -14.60
N ALA C 303 -15.04 -33.44 -14.44
CA ALA C 303 -13.58 -33.43 -14.51
C ALA C 303 -13.03 -34.31 -13.41
N ALA C 304 -13.64 -34.23 -12.22
CA ALA C 304 -13.24 -35.03 -11.10
C ALA C 304 -13.50 -36.53 -11.34
N GLU C 305 -14.65 -36.88 -11.93
CA GLU C 305 -14.94 -38.29 -12.28
C GLU C 305 -13.84 -38.88 -13.19
N LEU C 306 -13.41 -38.10 -14.18
CA LEU C 306 -12.36 -38.55 -15.11
C LEU C 306 -11.06 -38.80 -14.39
N VAL C 307 -10.75 -37.97 -13.38
CA VAL C 307 -9.58 -38.18 -12.57
C VAL C 307 -9.67 -39.51 -11.79
N THR C 308 -10.79 -39.73 -11.12
CA THR C 308 -10.99 -40.93 -10.33
C THR C 308 -10.84 -42.16 -11.23
N GLN C 309 -11.46 -42.13 -12.41
CA GLN C 309 -11.38 -43.25 -13.34
CA GLN C 309 -11.40 -43.22 -13.39
C GLN C 309 -9.99 -43.46 -13.97
N ASN C 310 -9.29 -42.39 -14.32
CA ASN C 310 -8.08 -42.50 -15.17
C ASN C 310 -6.76 -41.94 -14.63
N CYS C 311 -6.70 -41.57 -13.35
CA CYS C 311 -5.53 -40.85 -12.87
C CYS C 311 -4.26 -41.67 -13.08
N GLU C 312 -4.31 -42.96 -12.84
CA GLU C 312 -3.13 -43.81 -12.98
C GLU C 312 -2.60 -43.77 -14.44
N ALA C 313 -3.50 -43.94 -15.40
CA ALA C 313 -3.15 -43.86 -16.83
C ALA C 313 -2.69 -42.45 -17.22
N TYR C 314 -3.31 -41.41 -16.66
CA TYR C 314 -2.85 -40.02 -16.94
C TYR C 314 -1.40 -39.83 -16.47
N GLU C 315 -1.11 -40.33 -15.27
CA GLU C 315 0.22 -40.22 -14.68
C GLU C 315 1.27 -40.95 -15.51
N ALA C 316 1.00 -42.22 -15.80
CA ALA C 316 1.94 -43.03 -16.62
C ALA C 316 2.23 -42.36 -17.96
N HIS C 317 1.18 -41.83 -18.59
CA HIS C 317 1.35 -41.18 -19.88
C HIS C 317 2.22 -39.93 -19.78
N MET C 318 1.87 -39.03 -18.86
CA MET C 318 2.63 -37.80 -18.69
C MET C 318 4.08 -38.12 -18.42
N ARG C 319 4.33 -39.12 -17.60
CA ARG C 319 5.68 -39.47 -17.19
C ARG C 319 6.53 -40.00 -18.34
N ASP C 320 5.92 -40.81 -19.19
CA ASP C 320 6.66 -41.35 -20.32
C ASP C 320 7.09 -40.20 -21.23
N VAL C 321 6.18 -39.28 -21.49
CA VAL C 321 6.40 -38.20 -22.44
C VAL C 321 7.34 -37.14 -21.91
N ARG C 322 7.15 -36.76 -20.65
CA ARG C 322 8.10 -35.92 -19.94
C ARG C 322 9.49 -36.57 -19.90
N ASP C 323 9.56 -37.84 -19.50
CA ASP C 323 10.88 -38.49 -19.42
C ASP C 323 11.58 -38.56 -20.80
N TYR C 324 10.81 -38.82 -21.85
CA TYR C 324 11.31 -38.82 -23.22
C TYR C 324 11.78 -37.42 -23.67
N LEU C 325 11.08 -36.37 -23.26
CA LEU C 325 11.55 -35.00 -23.53
C LEU C 325 12.95 -34.79 -22.92
N GLU C 326 13.14 -35.18 -21.67
CA GLU C 326 14.44 -35.00 -21.01
C GLU C 326 15.54 -35.84 -21.64
N GLU C 327 15.17 -37.02 -22.13
CA GLU C 327 16.08 -37.91 -22.85
C GLU C 327 16.51 -37.24 -24.16
N ARG C 328 15.54 -36.68 -24.90
CA ARG C 328 15.80 -36.03 -26.17
C ARG C 328 16.63 -34.76 -25.99
N LEU C 329 16.30 -33.94 -24.99
CA LEU C 329 17.09 -32.76 -24.69
C LEU C 329 18.55 -33.07 -24.41
N GLU C 330 18.80 -34.10 -23.60
CA GLU C 330 20.18 -34.50 -23.26
C GLU C 330 20.88 -35.06 -24.49
N ALA C 331 20.15 -35.77 -25.36
CA ALA C 331 20.69 -36.26 -26.64
C ALA C 331 21.03 -35.14 -27.65
N GLU C 332 20.14 -34.16 -27.81
CA GLU C 332 20.34 -33.13 -28.84
C GLU C 332 21.26 -31.97 -28.39
N PHE C 333 21.29 -31.66 -27.10
CA PHE C 333 22.06 -30.52 -26.60
C PHE C 333 23.31 -30.94 -25.82
N GLY C 334 23.30 -32.14 -25.25
CA GLY C 334 24.39 -32.61 -24.42
C GLY C 334 24.05 -32.52 -22.94
N GLN C 335 24.33 -33.58 -22.22
CA GLN C 335 24.05 -33.69 -20.79
C GLN C 335 24.61 -32.54 -19.96
N LYS C 336 25.72 -31.94 -20.41
CA LYS C 336 26.34 -30.82 -19.70
C LYS C 336 25.80 -29.45 -20.10
N ARG C 337 25.18 -29.35 -21.28
CA ARG C 337 24.50 -28.11 -21.72
C ARG C 337 23.08 -27.91 -21.17
N ILE C 338 22.55 -28.92 -20.46
CA ILE C 338 21.18 -28.86 -19.88
C ILE C 338 21.24 -28.91 -18.36
N HIS C 339 20.62 -27.93 -17.70
CA HIS C 339 20.35 -27.99 -16.27
C HIS C 339 18.91 -28.41 -16.10
N LEU C 340 18.69 -29.56 -15.46
CA LEU C 340 17.34 -30.04 -15.15
C LEU C 340 16.89 -29.54 -13.78
N ASN C 341 16.34 -28.32 -13.78
CA ASN C 341 15.97 -27.61 -12.55
C ASN C 341 14.93 -28.36 -11.67
N SER C 342 14.08 -29.18 -12.29
CA SER C 342 13.07 -29.99 -11.52
C SER C 342 13.66 -31.20 -10.79
N GLN C 343 14.89 -31.57 -11.10
CA GLN C 343 15.48 -32.83 -10.63
C GLN C 343 16.41 -32.62 -9.44
N PHE C 344 15.94 -33.03 -8.27
CA PHE C 344 16.77 -33.15 -7.07
C PHE C 344 16.82 -34.63 -6.74
N PRO C 345 18.02 -35.22 -6.73
CA PRO C 345 18.06 -36.66 -6.49
C PRO C 345 17.29 -37.03 -5.22
N GLY C 346 16.36 -37.96 -5.34
CA GLY C 346 15.63 -38.50 -4.21
C GLY C 346 14.27 -37.87 -3.99
N THR C 347 13.99 -36.77 -4.68
CA THR C 347 12.76 -36.04 -4.43
C THR C 347 11.77 -36.31 -5.54
N GLN C 348 10.59 -36.74 -5.14
CA GLN C 348 9.51 -36.94 -6.05
C GLN C 348 9.06 -35.63 -6.70
N ARG C 349 8.72 -35.74 -7.97
CA ARG C 349 8.14 -34.64 -8.70
C ARG C 349 6.98 -35.12 -9.53
N LEU C 350 6.13 -34.16 -9.91
CA LEU C 350 5.06 -34.39 -10.83
C LEU C 350 5.57 -35.12 -12.06
N PRO C 351 4.75 -35.99 -12.63
CA PRO C 351 5.20 -36.74 -13.80
C PRO C 351 5.32 -35.93 -15.08
N ASN C 352 4.67 -34.77 -15.13
CA ASN C 352 4.52 -33.98 -16.35
C ASN C 352 5.44 -32.78 -16.50
N THR C 353 6.26 -32.47 -15.50
CA THR C 353 6.95 -31.18 -15.47
C THR C 353 8.43 -31.27 -15.73
N CYS C 354 8.89 -30.42 -16.63
CA CYS C 354 10.31 -30.33 -16.88
C CYS C 354 10.70 -28.88 -16.95
N ASN C 355 11.38 -28.41 -15.91
CA ASN C 355 11.95 -27.09 -15.87
C ASN C 355 13.44 -27.23 -16.14
N PHE C 356 13.93 -26.56 -17.16
CA PHE C 356 15.33 -26.71 -17.57
C PHE C 356 15.89 -25.48 -18.23
N SER C 357 17.21 -25.35 -18.21
CA SER C 357 17.89 -24.22 -18.81
C SER C 357 18.91 -24.77 -19.79
N ILE C 358 19.09 -24.06 -20.88
CA ILE C 358 20.15 -24.40 -21.84
C ILE C 358 21.29 -23.40 -21.63
N ARG C 359 22.44 -23.90 -21.21
CA ARG C 359 23.60 -23.04 -20.97
C ARG C 359 23.96 -22.26 -22.22
N GLY C 360 24.16 -20.96 -22.04
CA GLY C 360 24.64 -20.08 -23.09
C GLY C 360 24.31 -18.66 -22.68
N PRO C 361 25.26 -17.72 -22.83
CA PRO C 361 24.98 -16.32 -22.50
C PRO C 361 23.73 -15.70 -23.15
N ARG C 362 23.31 -16.17 -24.32
CA ARG C 362 22.23 -15.54 -25.09
C ARG C 362 20.84 -16.11 -24.74
N LEU C 363 20.82 -17.32 -24.18
CA LEU C 363 19.65 -18.19 -24.23
C LEU C 363 18.71 -18.01 -23.01
N GLN C 364 18.42 -16.75 -22.69
CA GLN C 364 17.48 -16.44 -21.63
C GLN C 364 16.11 -16.99 -22.03
N GLY C 365 15.35 -17.46 -21.02
CA GLY C 365 14.12 -18.19 -21.26
C GLY C 365 13.16 -17.57 -22.26
N HIS C 366 12.76 -16.33 -21.99
CA HIS C 366 11.76 -15.64 -22.82
C HIS C 366 12.24 -15.46 -24.26
N VAL C 367 13.54 -15.25 -24.42
CA VAL C 367 14.16 -15.07 -25.74
C VAL C 367 14.13 -16.36 -26.58
N VAL C 368 14.54 -17.48 -25.99
CA VAL C 368 14.38 -18.80 -26.60
C VAL C 368 12.92 -19.05 -27.03
N LEU C 369 11.97 -18.82 -26.12
CA LEU C 369 10.56 -19.08 -26.42
C LEU C 369 10.02 -18.19 -27.52
N ALA C 370 10.50 -16.95 -27.55
CA ALA C 370 10.09 -15.99 -28.57
C ALA C 370 10.50 -16.43 -29.99
N GLN C 371 11.61 -17.16 -30.10
CA GLN C 371 12.12 -17.64 -31.39
C GLN C 371 11.55 -19.00 -31.80
N CYS C 372 10.84 -19.66 -30.89
CA CYS C 372 10.20 -20.96 -31.15
C CYS C 372 8.96 -20.72 -31.98
N ARG C 373 8.71 -21.62 -32.94
CA ARG C 373 7.54 -21.51 -33.79
C ARG C 373 6.49 -22.61 -33.56
N VAL C 374 6.86 -23.64 -32.81
CA VAL C 374 5.99 -24.77 -32.53
C VAL C 374 5.63 -24.81 -31.02
N LEU C 375 6.66 -24.84 -30.16
CA LEU C 375 6.46 -24.91 -28.71
C LEU C 375 5.68 -23.73 -28.11
N MET C 376 4.75 -24.03 -27.22
CA MET C 376 4.07 -23.01 -26.40
C MET C 376 4.29 -23.47 -24.96
N ALA C 377 5.06 -22.68 -24.21
CA ALA C 377 5.44 -23.03 -22.86
C ALA C 377 5.54 -21.74 -22.05
N SER C 378 6.24 -21.76 -20.93
CA SER C 378 6.43 -20.55 -20.16
C SER C 378 7.82 -20.52 -19.52
N VAL C 379 8.14 -19.41 -18.86
CA VAL C 379 9.35 -19.34 -18.05
C VAL C 379 9.00 -19.36 -16.54
N GLY C 380 7.76 -19.71 -16.21
CA GLY C 380 7.29 -19.61 -14.83
C GLY C 380 5.77 -19.50 -14.80
N ALA C 381 5.24 -18.93 -13.72
CA ALA C 381 3.79 -18.82 -13.51
C ALA C 381 3.15 -17.88 -14.51
N ALA C 382 2.02 -18.33 -15.10
CA ALA C 382 1.21 -17.52 -16.04
C ALA C 382 1.01 -16.07 -15.57
N CYS C 383 0.61 -15.91 -14.31
CA CYS C 383 0.35 -14.59 -13.75
C CYS C 383 1.65 -13.79 -13.61
N ASP C 389 10.88 -9.46 -17.14
CA ASP C 389 11.60 -10.66 -17.58
C ASP C 389 12.59 -11.21 -16.53
N GLN C 390 12.63 -10.64 -15.33
CA GLN C 390 13.60 -11.04 -14.31
C GLN C 390 13.54 -12.56 -14.12
N PRO C 391 14.55 -13.17 -13.47
CA PRO C 391 14.46 -14.62 -13.20
C PRO C 391 13.33 -14.89 -12.24
N SER C 392 12.75 -16.09 -12.30
CA SER C 392 11.68 -16.47 -11.39
C SER C 392 12.11 -16.43 -9.92
N PRO C 393 11.36 -15.68 -9.08
CA PRO C 393 11.72 -15.71 -7.65
C PRO C 393 11.60 -17.10 -7.05
N VAL C 394 10.71 -17.92 -7.58
CA VAL C 394 10.60 -19.32 -7.10
C VAL C 394 11.87 -20.10 -7.38
N LEU C 395 12.37 -20.04 -8.61
CA LEU C 395 13.61 -20.74 -8.92
C LEU C 395 14.78 -20.23 -8.08
N LEU C 396 14.85 -18.93 -7.86
CA LEU C 396 15.93 -18.41 -7.01
C LEU C 396 15.75 -18.93 -5.59
N SER C 397 14.52 -19.06 -5.12
CA SER C 397 14.28 -19.62 -3.80
C SER C 397 14.68 -21.10 -3.72
N TYR C 398 14.66 -21.80 -4.85
CA TYR C 398 15.15 -23.17 -4.88
C TYR C 398 16.68 -23.25 -4.88
N GLY C 399 17.34 -22.11 -4.80
CA GLY C 399 18.80 -22.10 -4.80
C GLY C 399 19.39 -22.28 -6.18
N VAL C 400 18.56 -22.22 -7.22
CA VAL C 400 19.05 -22.22 -8.59
C VAL C 400 19.84 -20.91 -8.85
N PRO C 401 21.12 -21.04 -9.24
CA PRO C 401 21.92 -19.81 -9.31
C PRO C 401 21.46 -18.91 -10.46
N PHE C 402 21.80 -17.63 -10.38
CA PHE C 402 21.16 -16.64 -11.23
C PHE C 402 21.33 -16.92 -12.73
N ASP C 403 22.55 -17.16 -13.19
CA ASP C 403 22.79 -17.36 -14.64
C ASP C 403 21.96 -18.55 -15.23
N VAL C 404 21.73 -19.57 -14.42
CA VAL C 404 20.91 -20.71 -14.83
C VAL C 404 19.44 -20.33 -14.85
N ALA C 405 18.98 -19.74 -13.74
CA ALA C 405 17.59 -19.31 -13.63
C ALA C 405 17.17 -18.38 -14.78
N ARG C 406 18.07 -17.49 -15.22
CA ARG C 406 17.77 -16.61 -16.37
C ARG C 406 17.34 -17.35 -17.61
N ASN C 407 17.90 -18.54 -17.79
CA ASN C 407 17.68 -19.32 -18.98
C ASN C 407 16.56 -20.34 -18.84
N ALA C 408 15.86 -20.32 -17.68
CA ALA C 408 14.87 -21.35 -17.33
C ALA C 408 13.67 -21.33 -18.28
N LEU C 409 13.24 -22.51 -18.71
CA LEU C 409 12.02 -22.75 -19.45
C LEU C 409 11.19 -23.77 -18.70
N ARG C 410 9.87 -23.54 -18.57
CA ARG C 410 9.01 -24.50 -17.93
C ARG C 410 8.15 -25.20 -18.98
N LEU C 411 8.41 -26.50 -19.17
CA LEU C 411 7.63 -27.33 -20.08
C LEU C 411 6.80 -28.31 -19.29
N SER C 412 5.50 -28.25 -19.45
CA SER C 412 4.65 -29.12 -18.69
C SER C 412 3.70 -29.77 -19.66
N VAL C 413 3.72 -31.08 -19.70
CA VAL C 413 2.94 -31.86 -20.66
C VAL C 413 1.59 -32.34 -20.08
N GLY C 414 0.76 -32.86 -20.96
CA GLY C 414 -0.60 -33.22 -20.62
C GLY C 414 -1.07 -34.51 -21.22
N ARG C 415 -2.36 -34.72 -21.13
CA ARG C 415 -2.99 -35.97 -21.49
C ARG C 415 -2.82 -36.38 -22.95
N SER C 416 -2.82 -35.39 -23.84
CA SER C 416 -2.74 -35.60 -25.30
C SER C 416 -1.33 -35.48 -25.90
N THR C 417 -0.38 -34.99 -25.11
CA THR C 417 0.98 -34.79 -25.60
C THR C 417 1.59 -36.12 -26.03
N THR C 418 2.21 -36.14 -27.21
CA THR C 418 2.78 -37.37 -27.72
C THR C 418 4.30 -37.26 -27.84
N ARG C 419 4.96 -38.40 -27.92
CA ARG C 419 6.39 -38.42 -28.17
C ARG C 419 6.75 -37.72 -29.48
N ALA C 420 5.88 -37.81 -30.47
CA ALA C 420 6.13 -37.18 -31.76
C ALA C 420 6.15 -35.67 -31.59
N GLU C 421 5.22 -35.15 -30.80
CA GLU C 421 5.20 -33.74 -30.49
C GLU C 421 6.45 -33.30 -29.74
N VAL C 422 6.96 -34.13 -28.83
CA VAL C 422 8.23 -33.85 -28.17
C VAL C 422 9.31 -33.66 -29.22
N ASP C 423 9.41 -34.63 -30.13
CA ASP C 423 10.38 -34.53 -31.21
C ASP C 423 10.24 -33.20 -31.95
N LEU C 424 9.01 -32.82 -32.29
CA LEU C 424 8.75 -31.53 -32.94
C LEU C 424 9.24 -30.34 -32.11
N VAL C 425 9.05 -30.42 -30.79
CA VAL C 425 9.43 -29.35 -29.89
C VAL C 425 10.95 -29.26 -29.74
N VAL C 426 11.60 -30.41 -29.63
CA VAL C 426 13.06 -30.42 -29.44
C VAL C 426 13.79 -29.89 -30.68
N GLN C 427 13.22 -30.16 -31.85
CA GLN C 427 13.79 -29.65 -33.10
C GLN C 427 13.52 -28.13 -33.25
N ASP C 428 12.37 -27.68 -32.73
CA ASP C 428 12.05 -26.26 -32.65
C ASP C 428 13.03 -25.55 -31.73
N LEU C 429 13.36 -26.18 -30.61
CA LEU C 429 14.32 -25.57 -29.68
C LEU C 429 15.70 -25.53 -30.32
N LYS C 430 16.06 -26.60 -31.03
CA LYS C 430 17.33 -26.67 -31.74
C LYS C 430 17.49 -25.47 -32.66
N GLN C 431 16.53 -25.25 -33.54
CA GLN C 431 16.61 -24.10 -34.47
C GLN C 431 16.56 -22.78 -33.72
N ALA C 432 15.84 -22.77 -32.59
CA ALA C 432 15.77 -21.59 -31.75
C ALA C 432 17.14 -21.18 -31.22
N VAL C 433 17.88 -22.10 -30.60
CA VAL C 433 19.17 -21.74 -30.02
C VAL C 433 20.22 -21.43 -31.11
N ALA C 434 20.28 -22.23 -32.16
CA ALA C 434 21.21 -21.98 -33.28
C ALA C 434 21.03 -20.58 -33.86
N GLN C 435 19.78 -20.14 -33.92
CA GLN C 435 19.40 -18.85 -34.49
C GLN C 435 19.81 -17.67 -33.61
N LEU C 436 19.79 -17.88 -32.29
CA LEU C 436 20.23 -16.86 -31.32
C LEU C 436 21.75 -16.87 -31.12
N GLU C 437 22.37 -18.04 -31.29
CA GLU C 437 23.83 -18.18 -31.23
C GLU C 437 24.51 -17.61 -32.47
N ASP C 438 23.75 -17.48 -33.56
CA ASP C 438 24.23 -16.82 -34.77
C ASP C 438 23.73 -15.38 -34.83
N LYS D 26 -46.69 -26.18 -18.53
CA LYS D 26 -46.00 -25.44 -17.42
C LYS D 26 -45.63 -23.99 -17.78
N VAL D 27 -45.90 -23.05 -16.88
CA VAL D 27 -45.60 -21.63 -17.13
C VAL D 27 -44.72 -21.12 -16.00
N TYR D 28 -43.51 -20.67 -16.35
CA TYR D 28 -42.58 -20.15 -15.34
C TYR D 28 -42.91 -18.70 -15.07
N MET D 29 -43.11 -18.36 -13.81
CA MET D 29 -43.24 -16.96 -13.40
C MET D 29 -42.42 -16.72 -12.12
N ASP D 30 -41.13 -17.11 -12.17
CA ASP D 30 -40.19 -16.84 -11.04
C ASP D 30 -38.88 -16.24 -11.54
N TYR D 31 -38.99 -15.35 -12.50
CA TYR D 31 -37.81 -14.78 -13.11
C TYR D 31 -36.98 -13.95 -12.13
N ASN D 32 -37.60 -13.39 -11.09
CA ASN D 32 -36.85 -12.70 -10.02
C ASN D 32 -35.93 -13.67 -9.24
N ALA D 33 -36.27 -14.95 -9.16
CA ALA D 33 -35.41 -15.96 -8.52
C ALA D 33 -34.20 -16.31 -9.41
N THR D 34 -34.48 -16.54 -10.69
CA THR D 34 -33.42 -16.73 -11.68
C THR D 34 -34.09 -16.74 -13.06
N THR D 35 -33.29 -16.49 -14.07
CA THR D 35 -33.73 -16.51 -15.45
C THR D 35 -33.00 -17.65 -16.17
N PRO D 36 -33.59 -18.17 -17.23
CA PRO D 36 -32.82 -19.06 -18.11
C PRO D 36 -31.80 -18.29 -18.94
N LEU D 37 -30.92 -18.98 -19.65
CA LEU D 37 -29.93 -18.32 -20.46
C LEU D 37 -30.48 -18.05 -21.85
N GLU D 38 -30.19 -16.88 -22.37
CA GLU D 38 -30.49 -16.60 -23.77
C GLU D 38 -29.63 -17.49 -24.64
N PRO D 39 -30.17 -17.91 -25.80
CA PRO D 39 -29.37 -18.76 -26.70
C PRO D 39 -28.00 -18.23 -27.07
N GLU D 40 -27.95 -16.93 -27.38
CA GLU D 40 -26.75 -16.21 -27.78
CA GLU D 40 -26.70 -16.33 -27.82
C GLU D 40 -25.74 -16.23 -26.66
N VAL D 41 -26.26 -16.15 -25.43
CA VAL D 41 -25.41 -16.17 -24.24
C VAL D 41 -24.79 -17.54 -24.12
N ILE D 42 -25.57 -18.59 -24.30
CA ILE D 42 -25.01 -19.94 -24.26
C ILE D 42 -23.95 -20.13 -25.34
N GLN D 43 -24.19 -19.62 -26.54
CA GLN D 43 -23.23 -19.68 -27.67
CA GLN D 43 -23.20 -19.80 -27.60
C GLN D 43 -21.91 -19.04 -27.31
N ALA D 44 -22.01 -17.85 -26.72
CA ALA D 44 -20.82 -17.08 -26.30
C ALA D 44 -19.97 -17.88 -25.34
N MET D 45 -20.63 -18.59 -24.43
CA MET D 45 -19.92 -19.38 -23.43
C MET D 45 -19.33 -20.65 -24.01
N THR D 46 -20.09 -21.37 -24.86
CA THR D 46 -19.55 -22.59 -25.41
C THR D 46 -18.43 -22.26 -26.37
N LYS D 47 -18.54 -21.18 -27.12
CA LYS D 47 -17.45 -20.83 -28.02
C LYS D 47 -16.19 -20.58 -27.22
N ALA D 48 -16.33 -19.82 -26.12
CA ALA D 48 -15.19 -19.54 -25.23
C ALA D 48 -14.61 -20.81 -24.62
N MET D 49 -15.45 -21.78 -24.26
CA MET D 49 -14.99 -23.07 -23.68
C MET D 49 -14.08 -23.79 -24.66
N TRP D 50 -14.47 -23.82 -25.93
CA TRP D 50 -13.67 -24.56 -26.94
C TRP D 50 -12.47 -23.81 -27.49
N GLU D 51 -12.62 -22.49 -27.69
CA GLU D 51 -11.66 -21.71 -28.47
C GLU D 51 -10.79 -20.80 -27.64
N ALA D 52 -11.24 -20.44 -26.44
CA ALA D 52 -10.58 -19.40 -25.65
C ALA D 52 -10.26 -19.88 -24.26
N TRP D 53 -9.62 -21.03 -24.21
CA TRP D 53 -9.40 -21.79 -22.98
C TRP D 53 -8.06 -21.47 -22.32
N GLY D 54 -7.24 -20.68 -23.00
CA GLY D 54 -5.91 -20.41 -22.52
C GLY D 54 -5.91 -19.45 -21.33
N ASN D 55 -4.83 -19.47 -20.60
CA ASN D 55 -4.72 -18.58 -19.47
C ASN D 55 -4.72 -17.17 -20.07
N PRO D 56 -5.58 -16.27 -19.55
CA PRO D 56 -5.60 -14.91 -20.09
C PRO D 56 -4.32 -14.11 -19.80
N SER D 57 -3.57 -14.54 -18.79
CA SER D 57 -2.33 -13.90 -18.42
C SER D 57 -1.17 -14.36 -19.31
N SER D 58 -1.46 -15.28 -20.23
CA SER D 58 -0.46 -15.83 -21.14
C SER D 58 -0.52 -15.17 -22.55
N PRO D 59 0.63 -15.07 -23.26
CA PRO D 59 0.57 -14.50 -24.63
C PRO D 59 0.61 -15.49 -25.80
N TYR D 60 -0.56 -15.96 -26.25
CA TYR D 60 -0.67 -16.79 -27.47
C TYR D 60 -2.16 -17.14 -27.82
N SER D 61 -2.40 -17.88 -28.89
CA SER D 61 -3.76 -18.01 -29.46
C SER D 61 -4.91 -18.24 -28.45
N ALA D 62 -4.88 -19.35 -27.74
CA ALA D 62 -6.00 -19.73 -26.85
C ALA D 62 -6.22 -18.70 -25.74
N GLY D 63 -5.13 -18.03 -25.33
CA GLY D 63 -5.13 -17.04 -24.26
C GLY D 63 -5.33 -15.59 -24.69
N ARG D 64 -4.88 -15.28 -25.92
CA ARG D 64 -5.12 -13.98 -26.54
C ARG D 64 -6.58 -13.82 -26.81
N LYS D 65 -7.19 -14.88 -27.34
CA LYS D 65 -8.62 -14.89 -27.55
C LYS D 65 -9.34 -14.69 -26.22
N ALA D 66 -8.84 -15.32 -25.16
CA ALA D 66 -9.43 -15.13 -23.83
C ALA D 66 -9.33 -13.68 -23.36
N LYS D 67 -8.15 -13.07 -23.44
CA LYS D 67 -8.02 -11.68 -22.98
C LYS D 67 -8.92 -10.76 -23.77
N ASP D 68 -8.99 -10.97 -25.09
CA ASP D 68 -9.84 -10.16 -25.95
C ASP D 68 -11.31 -10.32 -25.58
N ILE D 69 -11.70 -11.52 -25.19
CA ILE D 69 -13.10 -11.78 -24.81
C ILE D 69 -13.44 -11.02 -23.50
N ILE D 70 -12.50 -11.06 -22.57
CA ILE D 70 -12.66 -10.38 -21.30
C ILE D 70 -12.77 -8.87 -21.50
N ASN D 71 -11.86 -8.29 -22.28
CA ASN D 71 -11.90 -6.85 -22.57
C ASN D 71 -13.21 -6.44 -23.26
N ALA D 72 -13.64 -7.20 -24.29
CA ALA D 72 -14.93 -6.95 -24.93
C ALA D 72 -16.10 -7.05 -23.93
N ALA D 73 -16.05 -8.04 -23.03
CA ALA D 73 -17.16 -8.21 -22.10
C ALA D 73 -17.19 -7.02 -21.14
N ARG D 74 -16.02 -6.52 -20.73
CA ARG D 74 -15.98 -5.41 -19.78
C ARG D 74 -16.60 -4.14 -20.41
N GLU D 75 -16.30 -3.91 -21.68
CA GLU D 75 -16.90 -2.81 -22.40
C GLU D 75 -18.41 -2.98 -22.49
N SER D 76 -18.90 -4.22 -22.68
CA SER D 76 -20.34 -4.51 -22.78
C SER D 76 -21.06 -4.19 -21.47
N LEU D 77 -20.46 -4.60 -20.36
CA LEU D 77 -21.04 -4.30 -19.05
C LEU D 77 -21.08 -2.79 -18.82
N ALA D 78 -20.00 -2.08 -19.12
CA ALA D 78 -20.02 -0.62 -18.95
C ALA D 78 -21.11 0.04 -19.78
N LYS D 79 -21.26 -0.37 -21.04
CA LYS D 79 -22.27 0.22 -21.90
C LYS D 79 -23.69 -0.03 -21.36
N MET D 80 -23.92 -1.23 -20.79
CA MET D 80 -25.21 -1.55 -20.20
C MET D 80 -25.60 -0.58 -19.06
N ILE D 81 -24.61 -0.09 -18.31
CA ILE D 81 -24.93 0.78 -17.18
C ILE D 81 -24.56 2.25 -17.39
N GLY D 82 -24.19 2.59 -18.61
CA GLY D 82 -23.76 3.95 -18.90
C GLY D 82 -22.48 4.37 -18.23
N GLY D 83 -21.54 3.44 -18.04
CA GLY D 83 -20.25 3.76 -17.43
C GLY D 83 -19.08 3.46 -18.34
N LYS D 84 -17.87 3.46 -17.78
CA LYS D 84 -16.67 3.11 -18.52
C LYS D 84 -16.10 1.80 -18.04
N PRO D 85 -15.41 1.07 -18.92
CA PRO D 85 -14.94 -0.26 -18.55
C PRO D 85 -13.92 -0.26 -17.41
N GLN D 86 -13.16 0.83 -17.30
CA GLN D 86 -12.16 0.98 -16.24
C GLN D 86 -12.82 0.86 -14.86
N ASP D 87 -14.11 1.11 -14.79
CA ASP D 87 -14.87 1.11 -13.55
C ASP D 87 -15.59 -0.23 -13.24
N ILE D 88 -15.34 -1.26 -14.04
CA ILE D 88 -15.96 -2.57 -13.87
C ILE D 88 -14.92 -3.61 -13.47
N ILE D 89 -15.21 -4.35 -12.40
CA ILE D 89 -14.49 -5.59 -12.13
C ILE D 89 -15.44 -6.78 -12.15
N PHE D 90 -14.96 -7.91 -12.67
CA PHE D 90 -15.72 -9.15 -12.65
C PHE D 90 -15.62 -9.85 -11.28
N THR D 91 -16.72 -10.40 -10.84
CA THR D 91 -16.81 -11.15 -9.59
C THR D 91 -17.51 -12.50 -9.78
N SER D 92 -17.54 -13.32 -8.72
CA SER D 92 -18.18 -14.61 -8.83
C SER D 92 -19.72 -14.49 -8.78
N GLY D 93 -20.25 -13.31 -8.49
CA GLY D 93 -21.69 -13.16 -8.28
C GLY D 93 -22.11 -11.95 -7.47
N GLY D 94 -23.42 -11.83 -7.27
CA GLY D 94 -23.97 -10.71 -6.50
C GLY D 94 -23.53 -10.75 -5.05
N THR D 95 -23.50 -11.96 -4.46
CA THR D 95 -23.06 -12.10 -3.08
C THR D 95 -21.65 -11.55 -2.87
N GLU D 96 -20.70 -11.98 -3.71
CA GLU D 96 -19.35 -11.44 -3.62
C GLU D 96 -19.28 -9.93 -3.82
N SER D 97 -19.93 -9.43 -4.85
CA SER D 97 -19.94 -8.01 -5.14
C SER D 97 -20.44 -7.17 -3.94
N ASN D 98 -21.56 -7.57 -3.38
CA ASN D 98 -22.13 -6.89 -2.21
C ASN D 98 -21.22 -6.97 -0.97
N ASN D 99 -20.66 -8.13 -0.74
CA ASN D 99 -19.84 -8.34 0.45
C ASN D 99 -18.58 -7.49 0.25
N LEU D 100 -18.09 -7.42 -1.00
CA LEU D 100 -16.85 -6.71 -1.30
C LEU D 100 -16.98 -5.21 -1.02
N VAL D 101 -18.11 -4.63 -1.38
CA VAL D 101 -18.35 -3.22 -1.13
C VAL D 101 -18.31 -2.89 0.37
N ILE D 102 -18.99 -3.71 1.15
CA ILE D 102 -19.08 -3.52 2.59
C ILE D 102 -17.71 -3.72 3.22
N HIS D 103 -17.03 -4.79 2.83
CA HIS D 103 -15.64 -5.06 3.26
C HIS D 103 -14.69 -3.89 3.00
N SER D 104 -14.72 -3.37 1.78
CA SER D 104 -13.88 -2.27 1.36
C SER D 104 -14.04 -1.04 2.27
N VAL D 105 -15.30 -0.69 2.52
CA VAL D 105 -15.63 0.47 3.35
C VAL D 105 -15.04 0.29 4.74
N VAL D 106 -15.15 -0.90 5.30
CA VAL D 106 -14.58 -1.15 6.64
C VAL D 106 -13.04 -1.00 6.58
N LYS D 107 -12.42 -1.65 5.60
CA LYS D 107 -10.96 -1.57 5.51
C LYS D 107 -10.47 -0.17 5.27
N HIS D 108 -11.23 0.61 4.53
CA HIS D 108 -10.84 1.97 4.21
C HIS D 108 -10.87 2.81 5.49
N PHE D 109 -11.93 2.64 6.26
CA PHE D 109 -12.06 3.30 7.57
C PHE D 109 -10.87 2.97 8.46
N HIS D 110 -10.56 1.68 8.57
CA HIS D 110 -9.41 1.22 9.35
C HIS D 110 -8.10 1.81 8.88
N ALA D 111 -7.89 1.81 7.55
CA ALA D 111 -6.70 2.41 6.96
C ALA D 111 -6.56 3.88 7.35
N ASN D 112 -7.66 4.63 7.28
CA ASN D 112 -7.62 6.06 7.65
C ASN D 112 -7.34 6.29 9.14
N GLN D 113 -7.91 5.45 10.02
CA GLN D 113 -7.59 5.54 11.46
C GLN D 113 -6.10 5.25 11.69
N THR D 114 -5.67 4.08 11.21
CA THR D 114 -4.27 3.63 11.31
C THR D 114 -3.24 4.73 11.01
N SER D 115 -3.66 5.80 10.34
CA SER D 115 -2.90 7.06 10.36
C SER D 115 -3.51 8.10 11.31
N GLY D 128 -11.61 3.99 19.66
CA GLY D 128 -12.40 2.86 19.19
C GLY D 128 -13.58 3.22 18.28
N ALA D 129 -13.40 4.27 17.46
CA ALA D 129 -14.38 4.69 16.44
C ALA D 129 -14.59 3.57 15.43
N LYS D 130 -15.83 3.38 14.98
CA LYS D 130 -16.19 2.33 14.03
C LYS D 130 -16.92 2.98 12.87
N PRO D 131 -16.82 2.39 11.68
CA PRO D 131 -17.56 2.99 10.57
C PRO D 131 -19.05 2.71 10.71
N HIS D 132 -19.88 3.57 10.16
CA HIS D 132 -21.32 3.40 10.21
C HIS D 132 -21.88 3.26 8.79
N PHE D 133 -22.91 2.43 8.69
CA PHE D 133 -23.59 2.11 7.45
C PHE D 133 -25.05 2.44 7.58
N ILE D 134 -25.67 2.95 6.50
CA ILE D 134 -27.12 3.17 6.42
C ILE D 134 -27.65 2.34 5.28
N THR D 135 -28.66 1.54 5.55
CA THR D 135 -29.26 0.67 4.54
C THR D 135 -30.77 0.58 4.82
N SER D 136 -31.49 -0.23 4.05
CA SER D 136 -32.93 -0.41 4.23
C SER D 136 -33.23 -1.66 5.02
N SER D 137 -34.48 -1.76 5.46
CA SER D 137 -34.96 -2.93 6.17
C SER D 137 -35.36 -4.09 5.25
N VAL D 138 -35.23 -3.95 3.93
CA VAL D 138 -35.70 -4.97 3.01
C VAL D 138 -34.64 -5.45 2.00
N GLU D 139 -33.35 -5.25 2.31
CA GLU D 139 -32.27 -5.70 1.46
C GLU D 139 -32.16 -7.24 1.35
N HIS D 140 -31.52 -7.69 0.27
CA HIS D 140 -31.20 -9.08 0.06
C HIS D 140 -30.29 -9.54 1.20
N ASP D 141 -30.25 -10.84 1.42
CA ASP D 141 -29.40 -11.45 2.45
C ASP D 141 -27.93 -11.04 2.31
N SER D 142 -27.46 -10.84 1.07
CA SER D 142 -26.04 -10.52 0.88
C SER D 142 -25.66 -9.07 1.19
N ILE D 143 -26.61 -8.25 1.56
CA ILE D 143 -26.31 -6.95 2.16
C ILE D 143 -26.73 -7.00 3.62
N ARG D 144 -27.95 -7.49 3.92
CA ARG D 144 -28.39 -7.49 5.32
C ARG D 144 -27.46 -8.29 6.22
N LEU D 145 -27.11 -9.51 5.81
CA LEU D 145 -26.33 -10.41 6.67
C LEU D 145 -24.88 -9.99 6.93
N PRO D 146 -24.14 -9.56 5.90
CA PRO D 146 -22.79 -9.05 6.28
C PRO D 146 -22.86 -7.84 7.24
N LEU D 147 -23.84 -6.96 7.05
CA LEU D 147 -24.05 -5.84 7.96
C LEU D 147 -24.43 -6.29 9.36
N GLU D 148 -25.35 -7.25 9.48
CA GLU D 148 -25.66 -7.84 10.81
C GLU D 148 -24.45 -8.43 11.51
N HIS D 149 -23.60 -9.08 10.72
CA HIS D 149 -22.40 -9.73 11.21
C HIS D 149 -21.42 -8.70 11.79
N LEU D 150 -21.24 -7.59 11.09
CA LEU D 150 -20.35 -6.55 11.56
C LEU D 150 -20.89 -5.96 12.88
N VAL D 151 -22.20 -5.87 12.99
CA VAL D 151 -22.79 -5.36 14.25
C VAL D 151 -22.52 -6.36 15.38
N GLU D 152 -22.81 -7.65 15.15
CA GLU D 152 -22.52 -8.73 16.13
C GLU D 152 -21.06 -8.71 16.58
N GLU D 153 -20.13 -8.47 15.65
CA GLU D 153 -18.71 -8.54 15.93
C GLU D 153 -18.14 -7.23 16.45
N GLN D 154 -18.97 -6.20 16.57
CA GLN D 154 -18.56 -4.89 17.09
C GLN D 154 -17.53 -4.23 16.15
N VAL D 155 -17.64 -4.51 14.86
CA VAL D 155 -16.72 -3.97 13.87
C VAL D 155 -17.31 -2.68 13.26
N ALA D 156 -18.65 -2.60 13.16
CA ALA D 156 -19.32 -1.46 12.55
C ALA D 156 -20.68 -1.18 13.23
N ALA D 157 -21.19 0.03 13.04
CA ALA D 157 -22.54 0.41 13.41
C ALA D 157 -23.38 0.42 12.13
N VAL D 158 -24.64 0.04 12.26
CA VAL D 158 -25.54 0.01 11.14
C VAL D 158 -26.92 0.55 11.54
N THR D 159 -27.49 1.41 10.70
CA THR D 159 -28.91 1.76 10.80
C THR D 159 -29.68 1.12 9.68
N PHE D 160 -30.67 0.29 10.05
CA PHE D 160 -31.58 -0.29 9.06
C PHE D 160 -32.83 0.62 8.98
N VAL D 161 -32.91 1.44 7.96
CA VAL D 161 -34.02 2.41 7.84
C VAL D 161 -35.30 1.70 7.36
N PRO D 162 -36.39 1.79 8.15
CA PRO D 162 -37.62 1.13 7.73
C PRO D 162 -38.17 1.71 6.43
N VAL D 163 -39.10 0.98 5.80
CA VAL D 163 -39.75 1.48 4.60
C VAL D 163 -41.07 2.13 5.05
N SER D 164 -41.44 3.22 4.37
CA SER D 164 -42.69 3.91 4.63
C SER D 164 -43.86 3.00 4.23
N LYS D 165 -44.84 2.90 5.15
CA LYS D 165 -46.06 2.12 4.89
C LYS D 165 -46.99 2.86 3.87
N VAL D 166 -46.71 4.14 3.59
CA VAL D 166 -47.49 4.90 2.57
C VAL D 166 -46.86 4.81 1.18
N SER D 167 -45.53 4.93 1.07
CA SER D 167 -44.86 4.89 -0.24
C SER D 167 -44.23 3.54 -0.57
N GLY D 168 -43.98 2.71 0.45
CA GLY D 168 -43.24 1.49 0.25
C GLY D 168 -41.77 1.72 -0.05
N GLN D 169 -41.28 2.92 0.20
CA GLN D 169 -39.88 3.22 0.01
C GLN D 169 -39.24 3.64 1.31
N THR D 170 -37.92 3.55 1.35
CA THR D 170 -37.16 4.18 2.38
C THR D 170 -37.22 5.64 2.03
N GLU D 171 -37.76 6.45 2.94
CA GLU D 171 -37.83 7.90 2.74
C GLU D 171 -36.42 8.52 2.81
N VAL D 172 -36.06 9.31 1.81
CA VAL D 172 -34.70 9.84 1.81
C VAL D 172 -34.43 10.76 3.00
N ASP D 173 -35.47 11.44 3.51
CA ASP D 173 -35.32 12.19 4.78
C ASP D 173 -34.81 11.28 5.91
N ASP D 174 -35.37 10.08 6.00
CA ASP D 174 -34.98 9.17 7.08
C ASP D 174 -33.53 8.69 6.90
N ILE D 175 -33.11 8.54 5.65
CA ILE D 175 -31.72 8.16 5.36
C ILE D 175 -30.77 9.26 5.83
N LEU D 176 -31.07 10.49 5.40
CA LEU D 176 -30.25 11.64 5.81
C LEU D 176 -30.31 11.87 7.33
N ALA D 177 -31.45 11.60 7.99
CA ALA D 177 -31.56 11.76 9.48
C ALA D 177 -30.69 10.75 10.21
N ALA D 178 -30.37 9.65 9.55
CA ALA D 178 -29.57 8.61 10.15
C ALA D 178 -28.05 8.88 10.07
N VAL D 179 -27.61 9.92 9.37
CA VAL D 179 -26.17 10.21 9.25
C VAL D 179 -25.45 10.58 10.57
N ARG D 180 -24.23 10.07 10.69
CA ARG D 180 -23.34 10.27 11.82
C ARG D 180 -22.01 10.75 11.27
N PRO D 181 -21.16 11.32 12.13
CA PRO D 181 -19.80 11.63 11.72
C PRO D 181 -19.09 10.45 11.07
N THR D 182 -19.34 9.26 11.58
CA THR D 182 -18.67 8.01 11.18
C THR D 182 -19.36 7.30 10.02
N THR D 183 -20.46 7.85 9.50
CA THR D 183 -21.17 7.22 8.35
C THR D 183 -20.25 7.22 7.16
N ARG D 184 -20.11 6.06 6.51
CA ARG D 184 -19.23 5.96 5.35
C ARG D 184 -19.90 5.42 4.11
N LEU D 185 -21.03 4.71 4.27
CA LEU D 185 -21.71 4.10 3.12
C LEU D 185 -23.22 4.10 3.34
N VAL D 186 -23.96 4.54 2.33
CA VAL D 186 -25.39 4.26 2.21
C VAL D 186 -25.53 3.17 1.14
N THR D 187 -26.15 2.05 1.50
CA THR D 187 -26.43 1.01 0.54
C THR D 187 -27.94 0.76 0.50
N ILE D 188 -28.53 1.02 -0.68
CA ILE D 188 -29.98 0.86 -0.85
C ILE D 188 -30.29 0.16 -2.16
N MET D 189 -31.04 -0.93 -2.10
CA MET D 189 -31.22 -1.74 -3.30
C MET D 189 -32.07 -0.93 -4.27
N LEU D 190 -31.79 -1.08 -5.55
CA LEU D 190 -32.43 -0.27 -6.56
C LEU D 190 -33.86 -0.72 -6.70
N ALA D 191 -34.06 -2.04 -6.70
CA ALA D 191 -35.43 -2.62 -6.73
C ALA D 191 -35.49 -3.85 -5.80
N ASN D 192 -36.61 -4.01 -5.11
CA ASN D 192 -36.75 -5.07 -4.14
C ASN D 192 -37.20 -6.35 -4.82
N ASN D 193 -36.63 -7.47 -4.42
CA ASN D 193 -36.81 -8.74 -5.13
C ASN D 193 -38.21 -9.32 -4.92
N GLU D 194 -38.83 -9.03 -3.77
CA GLU D 194 -40.11 -9.63 -3.40
C GLU D 194 -41.31 -8.84 -3.88
N THR D 195 -41.23 -7.52 -3.79
CA THR D 195 -42.31 -6.64 -4.22
C THR D 195 -42.09 -6.02 -5.58
N GLY D 196 -40.83 -5.84 -5.99
CA GLY D 196 -40.50 -5.09 -7.21
C GLY D 196 -40.44 -3.58 -7.00
N ILE D 197 -40.66 -3.11 -5.78
CA ILE D 197 -40.70 -1.68 -5.57
C ILE D 197 -39.33 -1.05 -5.83
N VAL D 198 -39.32 0.07 -6.55
CA VAL D 198 -38.07 0.76 -6.89
C VAL D 198 -37.78 1.81 -5.83
N MET D 199 -36.53 1.87 -5.38
CA MET D 199 -36.10 2.79 -4.33
C MET D 199 -35.59 4.09 -4.96
N PRO D 200 -35.62 5.19 -4.20
CA PRO D 200 -35.28 6.50 -4.78
C PRO D 200 -33.79 6.78 -4.79
N VAL D 201 -33.06 5.96 -5.53
CA VAL D 201 -31.60 6.03 -5.53
C VAL D 201 -31.05 7.34 -6.09
N PRO D 202 -31.62 7.84 -7.20
CA PRO D 202 -31.09 9.11 -7.71
C PRO D 202 -31.18 10.25 -6.66
N GLU D 203 -32.32 10.35 -5.97
CA GLU D 203 -32.52 11.40 -4.96
C GLU D 203 -31.57 11.18 -3.78
N ILE D 204 -31.41 9.93 -3.36
CA ILE D 204 -30.46 9.60 -2.32
C ILE D 204 -29.07 10.08 -2.69
N SER D 205 -28.58 9.69 -3.87
CA SER D 205 -27.28 10.14 -4.29
C SER D 205 -27.18 11.66 -4.34
N GLN D 206 -28.21 12.33 -4.88
CA GLN D 206 -28.20 13.78 -5.02
C GLN D 206 -28.02 14.41 -3.65
N ARG D 207 -28.84 13.99 -2.70
CA ARG D 207 -28.86 14.58 -1.38
C ARG D 207 -27.58 14.25 -0.59
N ILE D 208 -27.05 13.04 -0.74
CA ILE D 208 -25.77 12.68 -0.12
C ILE D 208 -24.63 13.53 -0.72
N LYS D 209 -24.70 13.82 -2.01
CA LYS D 209 -23.63 14.60 -2.66
C LYS D 209 -23.59 16.04 -2.09
N ALA D 210 -24.76 16.61 -1.84
CA ALA D 210 -24.83 17.96 -1.26
C ALA D 210 -24.33 17.96 0.19
N LEU D 211 -24.64 16.90 0.94
CA LEU D 211 -24.21 16.80 2.33
C LEU D 211 -22.70 16.66 2.39
N ASN D 212 -22.15 15.94 1.42
CA ASN D 212 -20.72 15.67 1.38
C ASN D 212 -19.88 16.94 1.24
N GLN D 213 -20.42 17.95 0.56
CA GLN D 213 -19.72 19.25 0.47
C GLN D 213 -19.58 19.88 1.87
N GLU D 214 -20.68 19.93 2.62
CA GLU D 214 -20.63 20.38 4.02
C GLU D 214 -19.71 19.50 4.86
N ARG D 215 -19.83 18.20 4.72
CA ARG D 215 -19.00 17.31 5.54
C ARG D 215 -17.52 17.59 5.28
N VAL D 216 -17.18 17.69 3.99
CA VAL D 216 -15.80 17.87 3.61
C VAL D 216 -15.31 19.19 4.19
N ALA D 217 -16.12 20.23 4.08
CA ALA D 217 -15.79 21.53 4.66
C ALA D 217 -15.68 21.51 6.19
N ALA D 218 -16.23 20.50 6.86
CA ALA D 218 -16.08 20.33 8.31
C ALA D 218 -15.11 19.21 8.72
N GLY D 219 -14.30 18.69 7.79
CA GLY D 219 -13.36 17.61 8.09
C GLY D 219 -14.00 16.26 8.38
N LEU D 220 -15.17 16.05 7.81
CA LEU D 220 -15.87 14.78 7.93
C LEU D 220 -15.77 14.11 6.56
N PRO D 221 -15.27 12.86 6.50
CA PRO D 221 -15.11 12.21 5.19
C PRO D 221 -16.43 12.03 4.43
N PRO D 222 -16.36 12.05 3.08
CA PRO D 222 -17.59 11.87 2.28
C PRO D 222 -18.23 10.50 2.46
N ILE D 223 -19.57 10.46 2.36
CA ILE D 223 -20.34 9.22 2.43
C ILE D 223 -20.47 8.70 0.99
N LEU D 224 -20.16 7.42 0.80
CA LEU D 224 -20.33 6.78 -0.50
C LEU D 224 -21.69 6.14 -0.59
N VAL D 225 -22.18 5.96 -1.84
CA VAL D 225 -23.51 5.35 -2.09
C VAL D 225 -23.35 4.13 -2.95
N HIS D 226 -23.94 3.02 -2.50
CA HIS D 226 -23.97 1.79 -3.26
C HIS D 226 -25.43 1.44 -3.49
N THR D 227 -25.70 0.91 -4.69
CA THR D 227 -26.95 0.25 -4.90
C THR D 227 -26.78 -1.16 -5.44
N ASP D 228 -27.53 -2.09 -4.84
CA ASP D 228 -27.68 -3.44 -5.35
C ASP D 228 -28.72 -3.40 -6.48
N ALA D 229 -28.24 -3.38 -7.72
CA ALA D 229 -29.15 -3.27 -8.87
C ALA D 229 -29.58 -4.60 -9.39
N ALA D 230 -29.46 -5.66 -8.62
CA ALA D 230 -29.58 -7.02 -9.15
C ALA D 230 -30.91 -7.20 -9.90
N GLN D 231 -31.99 -6.63 -9.38
CA GLN D 231 -33.35 -6.92 -9.81
C GLN D 231 -33.85 -5.94 -10.86
N ALA D 232 -33.09 -4.89 -11.10
CA ALA D 232 -33.45 -3.84 -12.07
C ALA D 232 -32.85 -4.13 -13.43
N LEU D 233 -31.63 -4.64 -13.49
CA LEU D 233 -30.94 -4.80 -14.78
C LEU D 233 -31.75 -5.66 -15.78
N GLY D 234 -31.94 -5.13 -17.00
CA GLY D 234 -32.65 -5.83 -18.03
C GLY D 234 -34.14 -5.62 -17.97
N LYS D 235 -34.64 -4.97 -16.92
CA LYS D 235 -36.08 -4.77 -16.75
C LYS D 235 -36.44 -3.30 -16.89
N GLN D 236 -35.48 -2.43 -16.63
CA GLN D 236 -35.62 -0.99 -16.81
C GLN D 236 -34.23 -0.40 -16.98
N ARG D 237 -34.14 0.81 -17.52
CA ARG D 237 -32.82 1.41 -17.82
C ARG D 237 -32.10 1.65 -16.48
N VAL D 238 -30.84 1.21 -16.43
CA VAL D 238 -29.97 1.44 -15.29
C VAL D 238 -28.81 2.25 -15.82
N ASP D 239 -28.69 3.48 -15.33
CA ASP D 239 -27.63 4.39 -15.76
C ASP D 239 -26.91 5.02 -14.55
N VAL D 240 -25.61 4.80 -14.44
CA VAL D 240 -24.85 5.21 -13.25
C VAL D 240 -24.81 6.71 -13.07
N GLU D 241 -24.91 7.47 -14.16
CA GLU D 241 -24.93 8.94 -14.03
C GLU D 241 -26.30 9.42 -13.53
N ASP D 242 -27.38 8.80 -14.02
CA ASP D 242 -28.70 9.12 -13.52
C ASP D 242 -28.81 8.67 -12.06
N LEU D 243 -28.19 7.53 -11.73
CA LEU D 243 -28.29 6.99 -10.36
C LEU D 243 -27.43 7.78 -9.38
N GLY D 244 -26.26 8.24 -9.84
CA GLY D 244 -25.32 9.02 -9.02
C GLY D 244 -24.50 8.26 -7.99
N VAL D 245 -24.55 6.93 -8.06
CA VAL D 245 -23.94 6.06 -7.06
C VAL D 245 -22.45 5.89 -7.30
N ASP D 246 -21.76 5.50 -6.23
CA ASP D 246 -20.34 5.19 -6.25
C ASP D 246 -20.06 3.70 -6.52
N PHE D 247 -21.03 2.84 -6.17
CA PHE D 247 -20.88 1.43 -6.35
C PHE D 247 -22.22 0.91 -6.85
N LEU D 248 -22.18 -0.13 -7.67
CA LEU D 248 -23.40 -0.79 -8.19
C LEU D 248 -23.11 -2.30 -8.44
N THR D 249 -23.97 -3.15 -7.87
CA THR D 249 -23.88 -4.58 -8.03
C THR D 249 -24.67 -5.07 -9.23
N ILE D 250 -23.98 -5.88 -10.04
CA ILE D 250 -24.51 -6.53 -11.23
C ILE D 250 -24.58 -8.04 -11.08
N VAL D 251 -25.71 -8.67 -11.40
CA VAL D 251 -25.91 -10.10 -11.15
C VAL D 251 -26.42 -10.81 -12.39
N GLY D 252 -25.54 -11.53 -13.06
CA GLY D 252 -25.84 -12.10 -14.37
C GLY D 252 -27.12 -12.90 -14.46
N HIS D 253 -27.44 -13.70 -13.43
CA HIS D 253 -28.51 -14.66 -13.59
C HIS D 253 -29.89 -14.05 -13.39
N LYS D 254 -29.97 -12.73 -13.16
CA LYS D 254 -31.24 -12.03 -13.15
C LYS D 254 -31.58 -11.44 -14.52
N PHE D 255 -30.61 -11.40 -15.43
CA PHE D 255 -30.83 -10.89 -16.80
C PHE D 255 -30.38 -11.83 -17.91
N TYR D 256 -30.70 -13.10 -17.73
CA TYR D 256 -30.48 -14.14 -18.75
C TYR D 256 -29.01 -14.41 -19.04
N GLY D 257 -28.16 -14.12 -18.07
CA GLY D 257 -26.75 -14.41 -18.17
C GLY D 257 -26.35 -15.46 -17.14
N PRO D 258 -25.06 -15.82 -17.12
CA PRO D 258 -24.57 -16.85 -16.25
C PRO D 258 -24.50 -16.40 -14.77
N ARG D 259 -24.23 -17.36 -13.90
CA ARG D 259 -24.21 -17.16 -12.46
C ARG D 259 -22.88 -16.55 -11.97
N ILE D 260 -22.41 -15.51 -12.64
CA ILE D 260 -21.37 -14.67 -12.11
C ILE D 260 -21.90 -13.25 -12.06
N GLY D 261 -21.04 -12.34 -11.66
CA GLY D 261 -21.42 -10.97 -11.51
C GLY D 261 -20.32 -9.98 -11.81
N ALA D 262 -20.62 -8.75 -11.47
CA ALA D 262 -19.64 -7.68 -11.58
C ALA D 262 -19.92 -6.59 -10.54
N LEU D 263 -18.96 -5.67 -10.42
CA LEU D 263 -19.11 -4.53 -9.55
C LEU D 263 -18.63 -3.32 -10.31
N TYR D 264 -19.49 -2.31 -10.31
CA TYR D 264 -19.17 -0.98 -10.79
C TYR D 264 -18.64 -0.18 -9.60
N ILE D 265 -17.51 0.51 -9.81
CA ILE D 265 -16.91 1.40 -8.83
C ILE D 265 -16.56 2.67 -9.60
N ARG D 266 -17.21 3.78 -9.27
CA ARG D 266 -17.06 5.03 -9.99
C ARG D 266 -15.62 5.53 -9.87
N GLY D 267 -14.98 5.78 -11.01
CA GLY D 267 -13.55 6.15 -11.02
C GLY D 267 -12.67 5.26 -10.16
N LEU D 268 -12.81 3.95 -10.32
CA LEU D 268 -12.05 2.95 -9.57
C LEU D 268 -10.57 3.27 -9.51
N GLY D 269 -10.02 3.33 -8.30
CA GLY D 269 -8.63 3.68 -8.02
C GLY D 269 -8.54 5.18 -7.79
N GLU D 270 -8.99 5.94 -8.79
CA GLU D 270 -8.71 7.37 -8.87
C GLU D 270 -9.64 8.15 -7.93
N PHE D 271 -10.92 7.83 -7.94
CA PHE D 271 -11.92 8.58 -7.17
C PHE D 271 -12.48 7.81 -6.00
N THR D 272 -12.88 6.57 -6.24
CA THR D 272 -13.44 5.72 -5.17
C THR D 272 -12.44 4.64 -4.86
N PRO D 273 -11.97 4.58 -3.61
CA PRO D 273 -11.05 3.49 -3.29
C PRO D 273 -11.79 2.14 -3.19
N LEU D 274 -11.07 1.07 -3.52
CA LEU D 274 -11.57 -0.30 -3.32
C LEU D 274 -10.47 -1.17 -2.72
N TYR D 275 -10.69 -1.68 -1.51
CA TYR D 275 -9.80 -2.58 -0.83
C TYR D 275 -10.21 -4.03 -1.07
N PRO D 276 -9.34 -4.84 -1.68
CA PRO D 276 -9.81 -6.21 -2.01
C PRO D 276 -10.05 -7.11 -0.80
N MET D 277 -10.90 -8.10 -1.00
CA MET D 277 -11.08 -9.20 -0.04
C MET D 277 -10.08 -10.33 -0.29
N LEU D 278 -9.70 -10.50 -1.55
CA LEU D 278 -8.89 -11.63 -2.02
C LEU D 278 -7.50 -11.17 -2.43
N PHE D 279 -6.52 -12.03 -2.19
CA PHE D 279 -5.12 -11.76 -2.52
C PHE D 279 -4.58 -12.88 -3.37
N GLY D 280 -3.87 -12.50 -4.44
CA GLY D 280 -3.27 -13.48 -5.34
C GLY D 280 -2.67 -12.84 -6.58
N GLY D 281 -2.87 -13.52 -7.71
CA GLY D 281 -2.06 -13.30 -8.92
C GLY D 281 -2.33 -12.10 -9.82
N GLY D 282 -2.92 -11.04 -9.29
CA GLY D 282 -2.89 -9.77 -10.01
C GLY D 282 -4.01 -9.49 -11.00
N GLN D 283 -4.92 -10.45 -11.14
CA GLN D 283 -6.03 -10.30 -12.04
C GLN D 283 -7.00 -9.24 -11.56
N GLU D 284 -7.75 -8.68 -12.50
CA GLU D 284 -8.70 -7.61 -12.20
C GLU D 284 -7.97 -6.49 -11.45
N ARG D 285 -6.80 -6.18 -11.96
CA ARG D 285 -5.97 -5.09 -11.46
C ARG D 285 -5.70 -5.21 -9.97
N ASN D 286 -5.58 -6.47 -9.51
CA ASN D 286 -5.46 -6.86 -8.11
C ASN D 286 -6.63 -6.57 -7.20
N PHE D 287 -7.74 -6.09 -7.76
CA PHE D 287 -8.94 -5.84 -6.95
C PHE D 287 -9.69 -7.15 -6.76
N ARG D 288 -9.47 -8.10 -7.66
CA ARG D 288 -10.13 -9.41 -7.57
C ARG D 288 -9.29 -10.43 -8.31
N PRO D 289 -8.22 -10.87 -7.65
CA PRO D 289 -7.35 -11.85 -8.21
C PRO D 289 -8.00 -13.23 -8.38
N GLY D 290 -7.31 -14.07 -9.16
CA GLY D 290 -7.78 -15.38 -9.57
C GLY D 290 -7.89 -15.47 -11.07
N THR D 291 -7.50 -16.62 -11.63
CA THR D 291 -7.54 -16.82 -13.07
C THR D 291 -8.97 -16.57 -13.54
N GLU D 292 -9.11 -15.76 -14.57
CA GLU D 292 -10.41 -15.32 -15.02
C GLU D 292 -11.23 -16.48 -15.64
N ASN D 293 -12.52 -16.46 -15.40
CA ASN D 293 -13.41 -17.50 -15.85
C ASN D 293 -13.96 -17.04 -17.21
N THR D 294 -13.15 -17.28 -18.22
CA THR D 294 -13.42 -16.70 -19.53
C THR D 294 -14.79 -17.03 -20.07
N PRO D 295 -15.24 -18.28 -19.95
CA PRO D 295 -16.57 -18.54 -20.53
C PRO D 295 -17.70 -17.84 -19.76
N MET D 296 -17.61 -17.75 -18.42
CA MET D 296 -18.61 -16.99 -17.69
C MET D 296 -18.61 -15.51 -18.07
N ILE D 297 -17.42 -14.92 -18.20
CA ILE D 297 -17.29 -13.54 -18.59
C ILE D 297 -17.86 -13.33 -19.97
N ALA D 298 -17.53 -14.21 -20.89
CA ALA D 298 -18.13 -14.18 -22.22
C ALA D 298 -19.66 -14.14 -22.17
N GLY D 299 -20.26 -14.99 -21.34
CA GLY D 299 -21.70 -15.04 -21.20
C GLY D 299 -22.28 -13.76 -20.61
N LEU D 300 -21.61 -13.24 -19.60
CA LEU D 300 -22.10 -12.06 -18.93
C LEU D 300 -22.03 -10.83 -19.88
N GLY D 301 -20.93 -10.72 -20.62
CA GLY D 301 -20.79 -9.68 -21.63
C GLY D 301 -21.91 -9.75 -22.63
N LYS D 302 -22.19 -10.95 -23.13
CA LYS D 302 -23.29 -11.10 -24.13
C LYS D 302 -24.66 -10.77 -23.56
N ALA D 303 -24.92 -11.20 -22.32
CA ALA D 303 -26.19 -10.92 -21.71
C ALA D 303 -26.34 -9.44 -21.56
N ALA D 304 -25.24 -8.74 -21.25
CA ALA D 304 -25.23 -7.29 -21.12
C ALA D 304 -25.52 -6.62 -22.48
N GLU D 305 -24.92 -7.15 -23.54
CA GLU D 305 -25.19 -6.64 -24.89
C GLU D 305 -26.68 -6.66 -25.20
N LEU D 306 -27.33 -7.77 -24.88
CA LEU D 306 -28.76 -7.90 -25.16
C LEU D 306 -29.58 -6.87 -24.39
N VAL D 307 -29.22 -6.63 -23.14
CA VAL D 307 -29.89 -5.59 -22.37
C VAL D 307 -29.67 -4.22 -23.02
N THR D 308 -28.44 -3.93 -23.44
CA THR D 308 -28.17 -2.62 -24.05
C THR D 308 -29.02 -2.43 -25.31
N GLN D 309 -29.12 -3.49 -26.10
CA GLN D 309 -29.87 -3.39 -27.37
C GLN D 309 -31.41 -3.37 -27.15
N ASN D 310 -31.91 -4.12 -26.16
CA ASN D 310 -33.35 -4.39 -26.09
C ASN D 310 -34.09 -4.00 -24.81
N CYS D 311 -33.44 -3.28 -23.91
CA CYS D 311 -34.02 -3.02 -22.59
C CYS D 311 -35.43 -2.45 -22.65
N GLU D 312 -35.60 -1.40 -23.44
CA GLU D 312 -36.92 -0.80 -23.64
C GLU D 312 -37.99 -1.82 -24.08
N ALA D 313 -37.65 -2.65 -25.05
CA ALA D 313 -38.58 -3.67 -25.53
C ALA D 313 -38.86 -4.70 -24.42
N TYR D 314 -37.83 -5.12 -23.70
CA TYR D 314 -38.07 -6.04 -22.59
C TYR D 314 -39.03 -5.46 -21.54
N GLU D 315 -38.73 -4.24 -21.13
CA GLU D 315 -39.55 -3.51 -20.19
C GLU D 315 -41.02 -3.44 -20.66
N ALA D 316 -41.25 -2.94 -21.88
CA ALA D 316 -42.60 -2.82 -22.43
C ALA D 316 -43.33 -4.15 -22.38
N HIS D 317 -42.66 -5.23 -22.80
CA HIS D 317 -43.28 -6.53 -22.86
C HIS D 317 -43.66 -7.01 -21.45
N MET D 318 -42.72 -6.93 -20.52
CA MET D 318 -42.97 -7.32 -19.15
C MET D 318 -44.15 -6.58 -18.53
N ARG D 319 -44.14 -5.26 -18.71
CA ARG D 319 -45.21 -4.43 -18.17
C ARG D 319 -46.57 -4.83 -18.72
N ASP D 320 -46.62 -5.11 -20.02
CA ASP D 320 -47.88 -5.44 -20.66
C ASP D 320 -48.43 -6.70 -20.02
N VAL D 321 -47.56 -7.69 -19.90
CA VAL D 321 -47.95 -8.99 -19.42
C VAL D 321 -48.26 -9.03 -17.92
N ARG D 322 -47.46 -8.29 -17.13
CA ARG D 322 -47.73 -8.16 -15.69
C ARG D 322 -49.05 -7.40 -15.45
N ASP D 323 -49.24 -6.26 -16.11
CA ASP D 323 -50.48 -5.49 -15.94
C ASP D 323 -51.72 -6.35 -16.32
N TYR D 324 -51.59 -7.12 -17.39
CA TYR D 324 -52.66 -8.04 -17.83
C TYR D 324 -52.92 -9.13 -16.77
N LEU D 325 -51.85 -9.64 -16.16
CA LEU D 325 -52.00 -10.57 -15.05
C LEU D 325 -52.84 -9.97 -13.90
N GLU D 326 -52.52 -8.76 -13.46
CA GLU D 326 -53.26 -8.15 -12.35
C GLU D 326 -54.72 -7.92 -12.75
N GLU D 327 -54.91 -7.43 -13.96
CA GLU D 327 -56.26 -7.25 -14.50
C GLU D 327 -57.03 -8.56 -14.43
N ARG D 328 -56.46 -9.63 -14.96
CA ARG D 328 -57.14 -10.94 -15.01
C ARG D 328 -57.41 -11.51 -13.62
N LEU D 329 -56.45 -11.36 -12.69
CA LEU D 329 -56.66 -11.83 -11.32
C LEU D 329 -57.85 -11.12 -10.68
N GLU D 330 -57.94 -9.81 -10.89
CA GLU D 330 -59.02 -9.00 -10.34
C GLU D 330 -60.37 -9.32 -11.01
N ALA D 331 -60.35 -9.48 -12.32
CA ALA D 331 -61.56 -9.90 -13.03
C ALA D 331 -62.05 -11.23 -12.46
N GLU D 332 -61.16 -12.20 -12.37
CA GLU D 332 -61.54 -13.58 -12.04
C GLU D 332 -61.90 -13.81 -10.55
N PHE D 333 -61.18 -13.15 -9.64
CA PHE D 333 -61.41 -13.35 -8.21
C PHE D 333 -62.24 -12.23 -7.58
N GLY D 334 -62.23 -11.05 -8.16
CA GLY D 334 -62.92 -9.89 -7.60
C GLY D 334 -61.90 -8.92 -7.09
N GLN D 335 -62.04 -7.65 -7.48
CA GLN D 335 -61.07 -6.62 -7.12
C GLN D 335 -60.78 -6.57 -5.62
N LYS D 336 -61.85 -6.58 -4.84
CA LYS D 336 -61.72 -6.45 -3.39
C LYS D 336 -61.02 -7.65 -2.78
N ARG D 337 -61.11 -8.80 -3.46
CA ARG D 337 -60.57 -10.05 -2.93
C ARG D 337 -59.05 -10.20 -3.12
N ILE D 338 -58.48 -9.34 -3.95
CA ILE D 338 -57.08 -9.39 -4.33
C ILE D 338 -56.37 -8.22 -3.67
N HIS D 339 -55.27 -8.50 -2.99
CA HIS D 339 -54.39 -7.47 -2.47
C HIS D 339 -53.17 -7.45 -3.37
N LEU D 340 -52.91 -6.31 -4.01
CA LEU D 340 -51.75 -6.17 -4.88
C LEU D 340 -50.63 -5.55 -4.01
N ASN D 341 -49.85 -6.43 -3.39
CA ASN D 341 -48.82 -6.03 -2.41
C ASN D 341 -47.70 -5.19 -2.99
N SER D 342 -47.46 -5.33 -4.30
CA SER D 342 -46.49 -4.48 -5.00
C SER D 342 -46.98 -3.08 -5.30
N GLN D 343 -48.25 -2.79 -4.99
CA GLN D 343 -48.86 -1.54 -5.45
C GLN D 343 -48.98 -0.52 -4.33
N PHE D 344 -48.19 0.54 -4.43
CA PHE D 344 -48.27 1.68 -3.52
C PHE D 344 -48.55 2.91 -4.41
N PRO D 345 -49.56 3.72 -4.06
CA PRO D 345 -49.94 4.81 -4.96
C PRO D 345 -48.75 5.71 -5.28
N GLY D 346 -48.49 5.86 -6.57
CA GLY D 346 -47.43 6.74 -7.07
C GLY D 346 -46.03 6.17 -7.05
N THR D 347 -45.86 4.99 -6.47
CA THR D 347 -44.51 4.41 -6.34
C THR D 347 -44.14 3.52 -7.52
N GLN D 348 -42.97 3.80 -8.09
CA GLN D 348 -42.47 3.03 -9.19
C GLN D 348 -42.18 1.59 -8.77
N ARG D 349 -42.53 0.62 -9.61
CA ARG D 349 -42.11 -0.74 -9.44
C ARG D 349 -41.55 -1.31 -10.74
N LEU D 350 -40.81 -2.40 -10.60
CA LEU D 350 -40.39 -3.21 -11.74
C LEU D 350 -41.60 -3.56 -12.60
N PRO D 351 -41.38 -3.63 -13.91
CA PRO D 351 -42.47 -3.91 -14.82
C PRO D 351 -43.00 -5.34 -14.78
N ASN D 352 -42.20 -6.28 -14.29
CA ASN D 352 -42.49 -7.72 -14.35
C ASN D 352 -43.07 -8.34 -13.09
N THR D 353 -43.13 -7.58 -11.99
CA THR D 353 -43.43 -8.19 -10.69
C THR D 353 -44.83 -7.89 -10.20
N CYS D 354 -45.48 -8.97 -9.77
CA CYS D 354 -46.78 -8.92 -9.13
C CYS D 354 -46.75 -9.80 -7.87
N ASN D 355 -46.60 -9.18 -6.70
CA ASN D 355 -46.76 -9.86 -5.42
C ASN D 355 -48.20 -9.63 -4.99
N PHE D 356 -48.96 -10.72 -4.82
CA PHE D 356 -50.36 -10.56 -4.45
C PHE D 356 -50.85 -11.66 -3.52
N SER D 357 -51.99 -11.40 -2.90
CA SER D 357 -52.64 -12.32 -1.98
C SER D 357 -54.11 -12.42 -2.33
N ILE D 358 -54.63 -13.64 -2.22
CA ILE D 358 -56.05 -13.89 -2.38
C ILE D 358 -56.64 -14.11 -0.98
N ARG D 359 -57.64 -13.31 -0.65
CA ARG D 359 -58.29 -13.40 0.66
C ARG D 359 -59.05 -14.74 0.86
N GLY D 360 -58.82 -15.37 2.00
CA GLY D 360 -59.42 -16.66 2.34
C GLY D 360 -58.61 -17.35 3.41
N PRO D 361 -59.26 -17.90 4.45
CA PRO D 361 -58.51 -18.46 5.58
C PRO D 361 -57.52 -19.58 5.23
N ARG D 362 -57.77 -20.36 4.18
CA ARG D 362 -56.89 -21.49 3.83
C ARG D 362 -55.98 -21.25 2.62
N LEU D 363 -56.02 -20.04 2.06
CA LEU D 363 -55.31 -19.70 0.84
C LEU D 363 -53.88 -19.19 1.11
N GLN D 364 -53.17 -19.87 2.02
CA GLN D 364 -51.80 -19.49 2.30
C GLN D 364 -50.99 -19.73 1.04
N GLY D 365 -50.04 -18.82 0.77
CA GLY D 365 -49.34 -18.83 -0.51
C GLY D 365 -48.80 -20.19 -0.91
N HIS D 366 -48.08 -20.85 -0.01
CA HIS D 366 -47.40 -22.11 -0.34
C HIS D 366 -48.42 -23.21 -0.59
N VAL D 367 -49.55 -23.13 0.09
CA VAL D 367 -50.64 -24.08 -0.07
C VAL D 367 -51.30 -23.91 -1.44
N VAL D 368 -51.56 -22.65 -1.82
CA VAL D 368 -52.09 -22.37 -3.16
C VAL D 368 -51.13 -22.88 -4.27
N LEU D 369 -49.82 -22.62 -4.13
CA LEU D 369 -48.87 -23.06 -5.15
C LEU D 369 -48.79 -24.57 -5.24
N ALA D 370 -48.87 -25.24 -4.11
CA ALA D 370 -48.77 -26.69 -4.10
C ALA D 370 -49.95 -27.32 -4.87
N GLN D 371 -51.09 -26.61 -4.90
CA GLN D 371 -52.28 -27.06 -5.64
C GLN D 371 -52.30 -26.65 -7.12
N CYS D 372 -51.33 -25.83 -7.54
CA CYS D 372 -51.24 -25.39 -8.92
C CYS D 372 -50.55 -26.48 -9.71
N ARG D 373 -50.98 -26.72 -10.94
CA ARG D 373 -50.36 -27.70 -11.82
C ARG D 373 -49.69 -27.11 -13.06
N VAL D 374 -49.90 -25.82 -13.31
CA VAL D 374 -49.30 -25.11 -14.44
C VAL D 374 -48.25 -24.09 -13.94
N LEU D 375 -48.67 -23.25 -13.01
CA LEU D 375 -47.84 -22.12 -12.52
C LEU D 375 -46.61 -22.59 -11.79
N MET D 376 -45.44 -22.02 -12.11
CA MET D 376 -44.27 -22.18 -11.26
C MET D 376 -43.88 -20.79 -10.77
N ALA D 377 -43.90 -20.58 -9.45
CA ALA D 377 -43.68 -19.25 -8.88
C ALA D 377 -43.11 -19.42 -7.46
N SER D 378 -43.24 -18.41 -6.60
CA SER D 378 -42.70 -18.54 -5.24
C SER D 378 -43.53 -17.74 -4.26
N VAL D 379 -43.20 -17.89 -2.99
CA VAL D 379 -43.82 -17.06 -1.96
C VAL D 379 -42.82 -15.99 -1.42
N GLY D 380 -41.64 -15.93 -2.01
CA GLY D 380 -40.66 -14.90 -1.66
C GLY D 380 -39.33 -15.26 -2.28
N ALA D 381 -38.23 -14.87 -1.63
CA ALA D 381 -36.86 -15.21 -2.09
C ALA D 381 -36.64 -16.71 -2.25
N ALA D 382 -36.02 -17.12 -3.36
CA ALA D 382 -35.70 -18.52 -3.60
C ALA D 382 -34.90 -19.13 -2.46
N CSS D 383 -33.92 -18.36 -1.97
CA CSS D 383 -33.02 -18.81 -0.88
CB CSS D 383 -31.80 -17.88 -0.79
SG CSS D 383 -32.10 -16.14 -0.52
SD CSS D 383 -31.88 -15.41 -2.44
C CSS D 383 -33.71 -18.99 0.46
O CSS D 383 -33.07 -19.43 1.44
N HIS D 384 -35.00 -18.64 0.54
CA HIS D 384 -35.76 -18.74 1.77
C HIS D 384 -36.86 -19.80 1.67
N SER D 385 -36.97 -20.51 0.54
CA SER D 385 -38.11 -21.44 0.40
C SER D 385 -37.98 -22.64 1.34
N GLN D 390 -44.54 -19.64 7.37
CA GLN D 390 -43.95 -18.39 7.87
C GLN D 390 -44.07 -17.30 6.80
N PRO D 391 -44.71 -16.14 7.14
CA PRO D 391 -44.81 -15.11 6.09
C PRO D 391 -43.43 -14.48 5.87
N SER D 392 -43.24 -13.91 4.69
CA SER D 392 -42.01 -13.22 4.33
C SER D 392 -41.67 -12.12 5.35
N PRO D 393 -40.45 -12.15 5.92
CA PRO D 393 -40.00 -11.03 6.76
C PRO D 393 -40.00 -9.71 5.98
N VAL D 394 -39.71 -9.82 4.68
CA VAL D 394 -39.72 -8.64 3.86
C VAL D 394 -41.13 -8.08 3.69
N LEU D 395 -42.13 -8.88 3.35
CA LEU D 395 -43.49 -8.39 3.34
C LEU D 395 -43.95 -7.78 4.67
N LEU D 396 -43.66 -8.45 5.78
CA LEU D 396 -43.95 -7.84 7.09
C LEU D 396 -43.27 -6.47 7.26
N SER D 397 -42.02 -6.33 6.85
CA SER D 397 -41.33 -5.04 6.91
C SER D 397 -41.97 -3.95 6.03
N TYR D 398 -42.66 -4.35 4.95
CA TYR D 398 -43.43 -3.41 4.12
C TYR D 398 -44.77 -3.03 4.77
N GLY D 399 -45.08 -3.63 5.92
CA GLY D 399 -46.26 -3.25 6.66
C GLY D 399 -47.47 -3.96 6.13
N VAL D 400 -47.26 -5.08 5.41
CA VAL D 400 -48.35 -5.90 4.93
C VAL D 400 -48.88 -6.62 6.17
N PRO D 401 -50.19 -6.55 6.41
CA PRO D 401 -50.70 -7.21 7.60
C PRO D 401 -50.49 -8.71 7.51
N PHE D 402 -50.41 -9.34 8.66
CA PHE D 402 -50.01 -10.73 8.75
C PHE D 402 -50.92 -11.61 7.90
N ASP D 403 -52.23 -11.42 8.05
CA ASP D 403 -53.21 -12.25 7.30
C ASP D 403 -53.01 -12.22 5.80
N VAL D 404 -52.66 -11.03 5.32
CA VAL D 404 -52.44 -10.83 3.90
C VAL D 404 -51.10 -11.40 3.52
N ALA D 405 -50.09 -11.11 4.35
CA ALA D 405 -48.75 -11.59 4.10
C ALA D 405 -48.69 -13.12 4.00
N ARG D 406 -49.42 -13.83 4.84
CA ARG D 406 -49.30 -15.30 4.80
C ARG D 406 -49.91 -15.90 3.54
N ASN D 407 -50.79 -15.14 2.87
CA ASN D 407 -51.41 -15.59 1.62
C ASN D 407 -50.69 -15.10 0.36
N ALA D 408 -49.55 -14.41 0.53
CA ALA D 408 -48.84 -13.80 -0.59
C ALA D 408 -48.18 -14.82 -1.50
N LEU D 409 -48.28 -14.53 -2.80
CA LEU D 409 -47.59 -15.21 -3.88
C LEU D 409 -46.79 -14.17 -4.65
N ARG D 410 -45.57 -14.52 -5.06
CA ARG D 410 -44.75 -13.67 -5.87
C ARG D 410 -44.69 -14.23 -7.27
N LEU D 411 -45.34 -13.55 -8.21
CA LEU D 411 -45.27 -13.91 -9.63
C LEU D 411 -44.42 -12.86 -10.35
N SER D 412 -43.36 -13.27 -11.02
CA SER D 412 -42.50 -12.34 -11.74
C SER D 412 -42.38 -12.90 -13.15
N VAL D 413 -42.75 -12.10 -14.15
CA VAL D 413 -42.79 -12.55 -15.56
C VAL D 413 -41.48 -12.22 -16.27
N GLY D 414 -41.29 -12.77 -17.46
CA GLY D 414 -40.04 -12.67 -18.19
C GLY D 414 -40.23 -12.23 -19.64
N ARG D 415 -39.16 -12.35 -20.40
CA ARG D 415 -39.11 -11.93 -21.81
C ARG D 415 -40.08 -12.74 -22.68
N SER D 416 -40.18 -14.03 -22.41
CA SER D 416 -40.99 -14.95 -23.21
C SER D 416 -42.44 -15.09 -22.73
N THR D 417 -42.73 -14.61 -21.53
CA THR D 417 -44.07 -14.79 -20.97
C THR D 417 -45.17 -14.14 -21.83
N THR D 418 -46.23 -14.90 -22.11
CA THR D 418 -47.31 -14.39 -22.98
C THR D 418 -48.62 -14.19 -22.23
N ARG D 419 -49.51 -13.38 -22.78
CA ARG D 419 -50.85 -13.23 -22.21
C ARG D 419 -51.62 -14.55 -22.19
N ALA D 420 -51.43 -15.38 -23.21
CA ALA D 420 -52.05 -16.73 -23.22
C ALA D 420 -51.57 -17.52 -22.00
N GLU D 421 -50.29 -17.36 -21.67
CA GLU D 421 -49.74 -18.02 -20.49
C GLU D 421 -50.33 -17.45 -19.21
N VAL D 422 -50.52 -16.13 -19.17
CA VAL D 422 -51.24 -15.51 -18.07
C VAL D 422 -52.62 -16.18 -17.89
N ASP D 423 -53.36 -16.34 -19.00
CA ASP D 423 -54.69 -16.94 -18.91
C ASP D 423 -54.63 -18.34 -18.33
N LEU D 424 -53.64 -19.12 -18.77
CA LEU D 424 -53.41 -20.46 -18.22
C LEU D 424 -53.12 -20.48 -16.72
N VAL D 425 -52.33 -19.50 -16.26
CA VAL D 425 -51.98 -19.40 -14.86
C VAL D 425 -53.19 -18.97 -14.00
N VAL D 426 -53.99 -18.04 -14.51
CA VAL D 426 -55.12 -17.55 -13.76
C VAL D 426 -56.15 -18.68 -13.62
N GLN D 427 -56.38 -19.42 -14.69
CA GLN D 427 -57.27 -20.59 -14.64
C GLN D 427 -56.75 -21.65 -13.65
N ASP D 428 -55.44 -21.87 -13.67
CA ASP D 428 -54.79 -22.78 -12.73
C ASP D 428 -55.02 -22.32 -11.29
N LEU D 429 -54.92 -21.01 -11.06
CA LEU D 429 -55.11 -20.45 -9.74
C LEU D 429 -56.57 -20.62 -9.30
N LYS D 430 -57.49 -20.39 -10.22
CA LYS D 430 -58.92 -20.56 -9.92
C LYS D 430 -59.19 -21.97 -9.41
N GLN D 431 -58.71 -22.97 -10.16
CA GLN D 431 -58.93 -24.36 -9.75
C GLN D 431 -58.22 -24.71 -8.45
N ALA D 432 -57.02 -24.15 -8.23
CA ALA D 432 -56.30 -24.41 -6.99
C ALA D 432 -57.08 -23.89 -5.79
N VAL D 433 -57.62 -22.69 -5.93
CA VAL D 433 -58.42 -22.05 -4.88
C VAL D 433 -59.74 -22.78 -4.62
N ALA D 434 -60.41 -23.21 -5.69
CA ALA D 434 -61.69 -23.94 -5.56
C ALA D 434 -61.51 -25.21 -4.73
N GLN D 435 -60.49 -26.00 -5.03
CA GLN D 435 -60.32 -27.26 -4.30
C GLN D 435 -59.83 -27.10 -2.85
N LEU D 436 -59.20 -25.96 -2.54
CA LEU D 436 -58.82 -25.65 -1.15
C LEU D 436 -60.06 -25.19 -0.38
N GLU D 437 -60.96 -24.54 -1.10
CA GLU D 437 -62.25 -24.14 -0.55
C GLU D 437 -63.24 -25.33 -0.46
N ASP D 438 -62.89 -26.49 -1.01
CA ASP D 438 -63.78 -27.66 -1.16
C ASP D 438 -65.00 -27.31 -2.01
N1 PLR E . 10.70 29.13 0.60
C2 PLR E . 10.95 30.44 0.67
C2A PLR E . 10.12 31.36 -0.21
C3 PLR E . 11.97 30.95 1.52
O3 PLR E . 12.20 32.28 1.58
C4 PLR E . 12.72 30.11 2.34
C4A PLR E . 13.79 30.78 3.27
C5 PLR E . 12.40 28.73 2.20
C6 PLR E . 11.39 28.28 1.32
C5A PLR E . 13.03 27.61 3.00
O4P PLR E . 14.21 27.14 2.41
P PLR E . 15.36 26.56 3.35
O1P PLR E . 15.20 27.16 4.73
O2P PLR E . 15.22 25.07 3.30
O3P PLR E . 16.63 27.04 2.67
N NO3 F . 16.17 34.50 1.10
O1 NO3 F . 15.23 35.31 0.48
O2 NO3 F . 17.42 35.04 1.38
O3 NO3 F . 15.83 33.16 1.40
N1 PLR G . 21.10 2.49 10.57
C2 PLR G . 21.29 1.86 11.73
C2A PLR G . 21.85 0.47 11.72
C3 PLR G . 20.95 2.49 12.94
O3 PLR G . 21.14 1.83 14.12
C4 PLR G . 20.42 3.79 12.95
C4A PLR G . 20.11 4.39 14.32
C5 PLR G . 20.23 4.41 11.68
C6 PLR G . 20.59 3.72 10.51
C5A PLR G . 19.69 5.80 11.42
O4P PLR G . 18.34 6.00 11.80
P PLR G . 17.82 7.45 12.23
O1P PLR G . 18.78 8.00 13.24
O2P PLR G . 17.56 8.28 10.99
O3P PLR G . 16.48 7.10 12.85
N NO3 H . 18.24 0.79 17.48
O1 NO3 H . 17.32 0.85 18.54
O2 NO3 H . 18.45 1.85 16.57
O3 NO3 H . 18.97 -0.39 17.35
N1 PLR I . -2.25 -22.68 -6.32
C2 PLR I . -1.38 -23.09 -7.26
C2A PLR I . -0.02 -23.62 -6.84
C3 PLR I . -1.72 -23.00 -8.61
O3 PLR I . -0.86 -23.40 -9.59
C4 PLR I . -2.97 -22.50 -8.97
C4A PLR I . -3.35 -22.46 -10.44
C5 PLR I . -3.84 -22.07 -7.97
C6 PLR I . -3.45 -22.17 -6.62
C5A PLR I . -5.21 -21.55 -8.29
O4P PLR I . -5.20 -20.21 -8.73
P PLR I . -6.45 -19.66 -9.59
O1P PLR I . -6.86 -20.70 -10.56
O2P PLR I . -7.47 -19.19 -8.61
O3P PLR I . -5.72 -18.55 -10.34
N NO3 J . 1.00 -21.42 -13.13
O1 NO3 J . -0.20 -21.28 -12.41
O2 NO3 J . 1.23 -20.89 -14.41
O3 NO3 J . 2.04 -22.12 -12.53
N1 PLR K . -29.25 -8.96 -4.44
C2 PLR K . -30.52 -9.16 -4.85
C2A PLR K . -31.57 -8.14 -4.48
C3 PLR K . -30.85 -10.29 -5.58
O3 PLR K . -32.13 -10.47 -6.00
C4 PLR K . -29.86 -11.22 -5.91
C4A PLR K . -30.26 -12.43 -6.75
C5 PLR K . -28.56 -10.99 -5.43
C6 PLR K . -28.28 -9.83 -4.71
C5A PLR K . -27.36 -11.87 -5.73
O4P PLR K . -27.51 -13.15 -5.20
P PLR K . -26.65 -14.36 -5.81
O1P PLR K . -27.12 -14.48 -7.24
O2P PLR K . -25.22 -13.98 -5.54
O3P PLR K . -27.23 -15.43 -4.93
N NO3 L . -34.99 -14.03 -5.15
O1 NO3 L . -35.62 -15.28 -5.25
O2 NO3 L . -35.80 -12.91 -4.95
O3 NO3 L . -33.59 -13.87 -5.26
#